data_8HJW
#
_entry.id   8HJW
#
_cell.length_a   1.00
_cell.length_b   1.00
_cell.length_c   1.00
_cell.angle_alpha   90.00
_cell.angle_beta   90.00
_cell.angle_gamma   90.00
#
_symmetry.space_group_name_H-M   'P 1'
#
_entity_poly.entity_id   1
_entity_poly.type   'polypeptide(L)'
_entity_poly.pdbx_seq_one_letter_code
;MSGTGRLAGKIALITGGAGNIGSELTRRFLAEGATVIISGRNRAKLTALAERMQAEAGVPAKRIDLEVMDGSDPVAVRAG
IEAIVARHGQIDILVNNAGSAGAQRRLAEIPLTEAELGPGAEETLHASIANLLGMGWHLMRIAAPHMPVGSAVINVSTIF
SRAEYYGRIPYVTPKAALNALSQLAARELGARGIRVNTIFPGPIESDRIRTVFQRMDQLKGRPEGDTAHHFLNTMRLCRA
NDQGALERRFPSVGDVADAAVFLASAESAALSGETIEVTHGMELPACSETSLLARTDLRTIDASGRTTLICAGDQIEEVM
ALTGMLRTCGSEVIIGFRSAAALAQFEQAVNESRRLAGADFTPPIALPLDPRDPATIDAVFDWAGENTGGIHAAVILPAT
SHEPAPCVIEVDDERVLNFLADEITGTIVIASRLARYWQSQRLTPGARARGPRVIFLSNGADQNGNVYGRIQSAAIGQLI
RVWRHEAELDYQRASAAGDHVLPPVWANQIVRFANRSLEGLEFACAWTAQLLHSQRHINEITLNIPANISATTGARSASV
GWAESLIGLHLGKVALITGGSAGIGGQIGRLLALSGARVMLAARDRHKLEQMQAMIQSELAEVGYTDVEDRVHIAPGCDV
SSEAQLADLVERTLSAFGTVDYLINNAGIAGVEEMVIDMPVEGWRHTLFANLISNYSLMRKLAPLMKKQGSGYILNVSSY
FGGEKDAAIPYPNRADYAVSKAGQRAMAEVFARFLGPEIQINAIAPGPVEGDRLRGTGERPGLFARRARLILENKRLNEL
HAALIAAARTDERSMHELVELLLPNDVAALEQNPAAPTALRELARRFRSEGDPAASSSSALLNRSIAAKLLARLHNGGYV
LPADIFANLPNPPDPFFTRAQIDREARKVRDGIMGMLYLQRMPTEFDVAMATVYYLADRNVSGETFHPSGGLRYERTPTG
GELFGLPSPERLAELVGSTVYLIGEHLTEHLNLLARAYLERYGARQVVMIVETETGAETMRRLLHDHVEAGRLMTIVAGD
QIEAAIDQAITRYGRPGPVVCTPFRPLPTVPLVGRKDSDWSTVLSEAEFAELCEHQLTHHFRVARKIALSDGASLALVTP
ETTATSTTEQFALANFIKTTLHAFTATIGVESERTAQRILINQVDLTRRARAEEPRDPHERQQELERFIEAVLLVTAPLP
PEADTRYAGRIHRGRAITV
;
_entity_poly.pdbx_strand_id   A,B
#
# COMPACT_ATOMS: atom_id res chain seq x y z
N GLY A 5 -6.10 -78.75 -5.41
CA GLY A 5 -6.72 -77.50 -4.92
C GLY A 5 -5.99 -76.23 -5.30
N ARG A 6 -6.60 -75.08 -5.01
CA ARG A 6 -5.99 -73.77 -5.36
C ARG A 6 -4.53 -73.74 -4.90
N LEU A 7 -4.28 -74.14 -3.64
CA LEU A 7 -2.90 -74.08 -3.09
C LEU A 7 -2.42 -75.49 -2.75
N ALA A 8 -2.60 -76.44 -3.67
CA ALA A 8 -2.10 -77.79 -3.42
C ALA A 8 -0.58 -77.79 -3.37
N GLY A 9 -0.03 -78.44 -2.34
CA GLY A 9 1.40 -78.48 -2.15
C GLY A 9 2.04 -77.13 -1.87
N LYS A 10 1.24 -76.15 -1.45
CA LYS A 10 1.69 -74.76 -1.38
C LYS A 10 1.72 -74.36 0.09
N ILE A 11 2.83 -73.77 0.53
CA ILE A 11 3.11 -73.59 1.96
C ILE A 11 2.69 -72.18 2.36
N ALA A 12 1.94 -72.07 3.45
CA ALA A 12 1.33 -70.81 3.88
C ALA A 12 1.54 -70.62 5.38
N LEU A 13 2.29 -69.58 5.74
CA LEU A 13 2.38 -69.12 7.11
C LEU A 13 1.32 -68.04 7.34
N ILE A 14 0.48 -68.25 8.35
CA ILE A 14 -0.61 -67.33 8.68
C ILE A 14 -0.37 -66.84 10.10
N THR A 15 -0.35 -65.52 10.30
CA THR A 15 -0.22 -64.97 11.63
C THR A 15 -1.61 -64.59 12.18
N GLY A 16 -1.77 -64.72 13.48
CA GLY A 16 -3.05 -64.45 14.10
C GLY A 16 -4.16 -65.38 13.68
N GLY A 17 -3.84 -66.65 13.41
CA GLY A 17 -4.86 -67.60 13.02
C GLY A 17 -5.71 -68.09 14.18
N ALA A 18 -5.31 -67.78 15.41
CA ALA A 18 -6.04 -68.18 16.61
C ALA A 18 -7.36 -67.45 16.76
N GLY A 19 -7.58 -66.37 16.00
CA GLY A 19 -8.81 -65.62 16.10
C GLY A 19 -9.90 -66.18 15.21
N ASN A 20 -11.02 -65.45 15.16
CA ASN A 20 -12.16 -65.86 14.37
C ASN A 20 -11.84 -65.86 12.88
N ILE A 21 -11.44 -64.69 12.36
CA ILE A 21 -11.15 -64.58 10.93
C ILE A 21 -9.95 -65.44 10.55
N GLY A 22 -8.94 -65.48 11.43
CA GLY A 22 -7.79 -66.33 11.17
C GLY A 22 -8.16 -67.80 11.06
N SER A 23 -9.11 -68.25 11.90
CA SER A 23 -9.57 -69.63 11.82
C SER A 23 -10.23 -69.91 10.48
N GLU A 24 -11.06 -68.99 9.99
CA GLU A 24 -11.69 -69.18 8.69
C GLU A 24 -10.67 -69.21 7.57
N LEU A 25 -9.69 -68.31 7.61
CA LEU A 25 -8.64 -68.30 6.59
C LEU A 25 -7.85 -69.60 6.61
N THR A 26 -7.50 -70.09 7.80
CA THR A 26 -6.77 -71.35 7.91
C THR A 26 -7.61 -72.50 7.38
N ARG A 27 -8.91 -72.51 7.71
CA ARG A 27 -9.79 -73.57 7.24
C ARG A 27 -9.86 -73.60 5.71
N ARG A 28 -10.07 -72.43 5.10
CA ARG A 28 -10.17 -72.37 3.65
C ARG A 28 -8.84 -72.70 2.98
N PHE A 29 -7.72 -72.25 3.56
CA PHE A 29 -6.42 -72.55 2.98
C PHE A 29 -6.12 -74.04 3.03
N LEU A 30 -6.34 -74.68 4.18
CA LEU A 30 -6.10 -76.11 4.29
C LEU A 30 -7.04 -76.91 3.41
N ALA A 31 -8.29 -76.45 3.27
CA ALA A 31 -9.23 -77.15 2.41
C ALA A 31 -8.82 -77.10 0.94
N GLU A 32 -7.97 -76.13 0.59
CA GLU A 32 -7.49 -75.99 -0.79
C GLU A 32 -6.16 -76.69 -1.02
N GLY A 33 -5.74 -77.57 -0.11
CA GLY A 33 -4.50 -78.30 -0.25
C GLY A 33 -3.26 -77.61 0.27
N ALA A 34 -3.40 -76.44 0.88
CA ALA A 34 -2.25 -75.74 1.42
C ALA A 34 -1.85 -76.32 2.77
N THR A 35 -0.55 -76.27 3.05
CA THR A 35 -0.02 -76.64 4.35
C THR A 35 0.17 -75.37 5.18
N VAL A 36 -0.48 -75.31 6.34
CA VAL A 36 -0.58 -74.10 7.12
C VAL A 36 0.21 -74.25 8.41
N ILE A 37 1.08 -73.29 8.68
CA ILE A 37 1.78 -73.19 9.96
C ILE A 37 1.07 -72.12 10.77
N ILE A 38 0.17 -72.53 11.66
CA ILE A 38 -0.55 -71.61 12.52
C ILE A 38 0.44 -71.05 13.54
N SER A 39 0.41 -69.73 13.73
CA SER A 39 1.35 -69.04 14.61
C SER A 39 0.60 -68.19 15.62
N GLY A 40 1.24 -67.96 16.75
CA GLY A 40 0.65 -67.18 17.82
C GLY A 40 1.54 -67.19 19.03
N ARG A 41 1.03 -66.55 20.09
CA ARG A 41 1.78 -66.48 21.34
C ARG A 41 1.28 -67.48 22.38
N ASN A 42 0.08 -68.04 22.18
CA ASN A 42 -0.54 -68.95 23.13
C ASN A 42 -0.56 -70.33 22.51
N ARG A 43 0.33 -71.23 22.99
CA ARG A 43 0.43 -72.56 22.42
C ARG A 43 -0.88 -73.32 22.53
N ALA A 44 -1.65 -73.06 23.60
CA ALA A 44 -2.91 -73.75 23.80
C ALA A 44 -3.91 -73.44 22.68
N LYS A 45 -3.98 -72.18 22.24
CA LYS A 45 -4.93 -71.82 21.20
C LYS A 45 -4.54 -72.43 19.86
N LEU A 46 -3.25 -72.42 19.53
CA LEU A 46 -2.78 -73.07 18.31
C LEU A 46 -3.08 -74.56 18.33
N THR A 47 -2.81 -75.21 19.46
CA THR A 47 -3.09 -76.64 19.58
C THR A 47 -4.58 -76.92 19.43
N ALA A 48 -5.41 -76.08 20.06
CA ALA A 48 -6.86 -76.26 19.97
C ALA A 48 -7.35 -76.11 18.54
N LEU A 49 -6.88 -75.08 17.82
CA LEU A 49 -7.29 -74.90 16.44
C LEU A 49 -6.84 -76.05 15.56
N ALA A 50 -5.60 -76.52 15.77
CA ALA A 50 -5.09 -77.64 14.98
C ALA A 50 -5.91 -78.90 15.20
N GLU A 51 -6.18 -79.23 16.47
CA GLU A 51 -6.94 -80.45 16.75
C GLU A 51 -8.38 -80.32 16.28
N ARG A 52 -8.95 -79.10 16.37
CA ARG A 52 -10.29 -78.88 15.87
C ARG A 52 -10.37 -79.12 14.37
N MET A 53 -9.41 -78.58 13.62
CA MET A 53 -9.41 -78.84 12.17
C MET A 53 -9.18 -80.31 11.86
N GLN A 54 -8.26 -80.97 12.58
CA GLN A 54 -8.01 -82.38 12.32
C GLN A 54 -9.25 -83.22 12.60
N ALA A 55 -10.02 -82.85 13.61
CA ALA A 55 -11.23 -83.59 13.95
C ALA A 55 -12.35 -83.31 12.95
N GLU A 56 -12.52 -82.05 12.54
CA GLU A 56 -13.66 -81.68 11.72
C GLU A 56 -13.44 -81.93 10.23
N ALA A 57 -12.37 -81.39 9.65
CA ALA A 57 -12.12 -81.50 8.22
C ALA A 57 -11.29 -82.72 7.86
N GLY A 58 -10.88 -83.53 8.84
CA GLY A 58 -10.07 -84.69 8.55
C GLY A 58 -8.74 -84.40 7.93
N VAL A 59 -8.11 -83.30 8.31
CA VAL A 59 -6.81 -82.92 7.72
C VAL A 59 -5.72 -83.79 8.33
N PRO A 60 -4.86 -84.41 7.51
CA PRO A 60 -3.74 -85.18 8.07
C PRO A 60 -2.82 -84.28 8.88
N ALA A 61 -2.17 -84.87 9.90
CA ALA A 61 -1.34 -84.11 10.80
C ALA A 61 -0.14 -83.48 10.08
N LYS A 62 0.29 -84.09 8.98
CA LYS A 62 1.46 -83.60 8.25
C LYS A 62 1.22 -82.23 7.61
N ARG A 63 -0.03 -81.85 7.38
CA ARG A 63 -0.34 -80.60 6.68
C ARG A 63 -0.64 -79.45 7.63
N ILE A 64 -0.54 -79.65 8.94
CA ILE A 64 -0.77 -78.60 9.92
C ILE A 64 0.45 -78.51 10.82
N ASP A 65 0.93 -77.28 11.04
CA ASP A 65 2.07 -77.05 11.92
C ASP A 65 1.72 -75.96 12.92
N LEU A 66 2.43 -75.97 14.05
CA LEU A 66 2.24 -75.01 15.13
C LEU A 66 3.56 -74.33 15.44
N GLU A 67 3.58 -72.99 15.37
CA GLU A 67 4.78 -72.20 15.59
C GLU A 67 4.44 -71.09 16.57
N VAL A 68 4.91 -71.21 17.81
CA VAL A 68 4.61 -70.23 18.85
C VAL A 68 5.75 -69.22 18.94
N MET A 69 5.53 -67.99 18.44
CA MET A 69 6.42 -66.85 18.59
C MET A 69 5.64 -65.55 18.65
N ASP A 70 6.30 -64.52 19.17
CA ASP A 70 5.72 -63.20 19.36
C ASP A 70 6.07 -62.32 18.17
N GLY A 71 5.05 -61.76 17.53
CA GLY A 71 5.26 -60.84 16.44
C GLY A 71 5.96 -59.55 16.83
N SER A 72 5.81 -59.11 18.08
CA SER A 72 6.42 -57.86 18.51
C SER A 72 7.89 -57.98 18.82
N ASP A 73 8.46 -59.18 18.79
CA ASP A 73 9.87 -59.38 19.10
C ASP A 73 10.61 -59.80 17.84
N PRO A 74 11.37 -58.91 17.20
CA PRO A 74 12.10 -59.32 15.99
C PRO A 74 13.02 -60.51 16.18
N VAL A 75 13.63 -60.67 17.36
CA VAL A 75 14.48 -61.81 17.61
C VAL A 75 13.67 -63.11 17.60
N ALA A 76 12.53 -63.11 18.29
CA ALA A 76 11.67 -64.27 18.30
C ALA A 76 11.12 -64.57 16.90
N VAL A 77 10.79 -63.52 16.14
CA VAL A 77 10.29 -63.71 14.78
C VAL A 77 11.37 -64.34 13.92
N ARG A 78 12.61 -63.86 14.04
CA ARG A 78 13.71 -64.43 13.27
C ARG A 78 13.93 -65.89 13.63
N ALA A 79 13.90 -66.22 14.93
CA ALA A 79 14.07 -67.61 15.35
C ALA A 79 12.96 -68.49 14.80
N GLY A 80 11.70 -68.01 14.87
CA GLY A 80 10.60 -68.79 14.35
C GLY A 80 10.68 -69.00 12.86
N ILE A 81 11.07 -67.96 12.12
CA ILE A 81 11.21 -68.08 10.67
C ILE A 81 12.31 -69.07 10.32
N GLU A 82 13.44 -69.00 11.03
CA GLU A 82 14.53 -69.95 10.79
C GLU A 82 14.07 -71.37 11.06
N ALA A 83 13.33 -71.58 12.15
CA ALA A 83 12.82 -72.92 12.47
C ALA A 83 11.86 -73.42 11.40
N ILE A 84 10.95 -72.55 10.94
CA ILE A 84 9.97 -72.95 9.94
C ILE A 84 10.67 -73.32 8.64
N VAL A 85 11.65 -72.52 8.24
CA VAL A 85 12.38 -72.80 7.00
C VAL A 85 13.19 -74.07 7.13
N ALA A 86 13.77 -74.31 8.31
CA ALA A 86 14.51 -75.55 8.52
C ALA A 86 13.59 -76.77 8.43
N ARG A 87 12.37 -76.67 8.97
CA ARG A 87 11.45 -77.79 8.95
C ARG A 87 10.80 -77.99 7.58
N HIS A 88 10.59 -76.92 6.82
CA HIS A 88 9.84 -76.99 5.58
C HIS A 88 10.65 -76.69 4.32
N GLY A 89 11.81 -76.05 4.44
CA GLY A 89 12.60 -75.72 3.29
C GLY A 89 12.33 -74.34 2.74
N GLN A 90 11.08 -73.91 2.76
CA GLN A 90 10.71 -72.60 2.23
C GLN A 90 9.35 -72.19 2.78
N ILE A 91 9.07 -70.89 2.65
CA ILE A 91 7.77 -70.30 3.01
C ILE A 91 7.31 -69.55 1.76
N ASP A 92 6.02 -69.66 1.44
CA ASP A 92 5.55 -69.14 0.16
C ASP A 92 4.40 -68.16 0.30
N ILE A 93 3.49 -68.36 1.24
CA ILE A 93 2.35 -67.48 1.45
C ILE A 93 2.49 -66.84 2.83
N LEU A 94 2.32 -65.52 2.88
CA LEU A 94 2.39 -64.78 4.14
C LEU A 94 1.04 -64.11 4.37
N VAL A 95 0.25 -64.64 5.29
CA VAL A 95 -1.06 -64.11 5.61
C VAL A 95 -0.92 -63.25 6.86
N ASN A 96 -0.85 -61.93 6.67
CA ASN A 96 -0.65 -60.98 7.76
C ASN A 96 -2.02 -60.53 8.27
N ASN A 97 -2.44 -61.14 9.39
CA ASN A 97 -3.76 -60.87 9.96
C ASN A 97 -3.74 -60.58 11.45
N ALA A 98 -2.65 -60.90 12.15
CA ALA A 98 -2.63 -60.78 13.60
C ALA A 98 -2.76 -59.33 14.04
N GLY A 99 -3.14 -59.15 15.29
CA GLY A 99 -3.29 -57.83 15.86
C GLY A 99 -4.09 -57.90 17.15
N SER A 100 -4.17 -56.75 17.81
CA SER A 100 -4.92 -56.59 19.05
C SER A 100 -5.99 -55.53 18.88
N ALA A 101 -7.01 -55.60 19.74
CA ALA A 101 -8.10 -54.63 19.68
C ALA A 101 -7.65 -53.24 20.11
N GLY A 102 -6.51 -53.14 20.78
CA GLY A 102 -5.99 -51.85 21.20
C GLY A 102 -6.76 -51.23 22.35
N ALA A 103 -6.16 -50.23 23.00
CA ALA A 103 -6.85 -49.55 24.08
C ALA A 103 -8.04 -48.77 23.55
N GLN A 104 -9.21 -49.02 24.12
CA GLN A 104 -10.44 -48.34 23.72
C GLN A 104 -10.68 -47.14 24.63
N ARG A 105 -9.74 -46.19 24.54
CA ARG A 105 -9.78 -44.97 25.33
C ARG A 105 -9.42 -43.79 24.44
N ARG A 106 -9.88 -42.61 24.84
CA ARG A 106 -9.64 -41.41 24.05
C ARG A 106 -8.16 -41.04 24.09
N LEU A 107 -7.75 -40.24 23.11
CA LEU A 107 -6.35 -39.83 23.02
C LEU A 107 -5.93 -39.03 24.24
N ALA A 108 -6.85 -38.24 24.79
CA ALA A 108 -6.57 -37.48 26.00
C ALA A 108 -6.36 -38.37 27.22
N GLU A 109 -6.85 -39.62 27.18
CA GLU A 109 -6.71 -40.54 28.30
C GLU A 109 -6.05 -41.85 27.90
N ILE A 110 -5.32 -41.87 26.80
CA ILE A 110 -4.68 -43.12 26.33
C ILE A 110 -3.67 -43.58 27.37
N PRO A 111 -3.55 -44.88 27.65
CA PRO A 111 -2.54 -45.36 28.60
C PRO A 111 -1.14 -45.29 28.00
N LEU A 112 -0.27 -44.51 28.64
CA LEU A 112 1.12 -44.42 28.23
C LEU A 112 2.00 -45.48 28.89
N THR A 113 1.76 -45.77 30.17
CA THR A 113 2.53 -46.73 30.92
C THR A 113 1.63 -47.86 31.40
N GLU A 114 2.25 -48.90 31.97
CA GLU A 114 1.49 -50.02 32.50
C GLU A 114 0.62 -49.60 33.67
N ALA A 115 1.09 -48.65 34.48
CA ALA A 115 0.33 -48.20 35.64
C ALA A 115 -0.97 -47.49 35.25
N GLU A 116 -1.06 -46.98 34.03
CA GLU A 116 -2.25 -46.29 33.56
C GLU A 116 -3.30 -47.24 33.00
N LEU A 117 -3.04 -48.55 32.99
CA LEU A 117 -3.97 -49.52 32.45
C LEU A 117 -5.15 -49.67 33.39
N GLY A 118 -6.25 -48.99 33.07
CA GLY A 118 -7.46 -49.09 33.85
C GLY A 118 -8.41 -50.12 33.29
N PRO A 119 -9.59 -50.24 33.88
CA PRO A 119 -10.59 -51.19 33.34
C PRO A 119 -10.95 -50.84 31.90
N GLY A 120 -11.14 -51.87 31.08
CA GLY A 120 -11.40 -51.69 29.68
C GLY A 120 -10.17 -51.49 28.82
N ALA A 121 -8.99 -51.43 29.42
CA ALA A 121 -7.74 -51.28 28.67
C ALA A 121 -6.91 -52.55 28.85
N GLU A 122 -6.49 -53.14 27.73
CA GLU A 122 -5.76 -54.40 27.76
C GLU A 122 -4.29 -54.27 27.42
N GLU A 123 -3.89 -53.18 26.75
CA GLU A 123 -2.52 -53.08 26.26
C GLU A 123 -2.13 -51.61 26.20
N THR A 124 -0.82 -51.36 26.23
CA THR A 124 -0.30 -50.01 26.17
C THR A 124 -0.07 -49.59 24.72
N LEU A 125 0.26 -48.30 24.55
CA LEU A 125 0.43 -47.74 23.21
C LEU A 125 1.61 -48.39 22.49
N HIS A 126 2.78 -48.40 23.12
CA HIS A 126 3.97 -48.93 22.47
C HIS A 126 3.79 -50.38 22.07
N ALA A 127 3.25 -51.19 22.98
CA ALA A 127 2.96 -52.57 22.66
C ALA A 127 1.90 -52.68 21.57
N SER A 128 0.99 -51.71 21.50
CA SER A 128 -0.03 -51.73 20.46
C SER A 128 0.59 -51.57 19.07
N ILE A 129 1.42 -50.55 18.88
CA ILE A 129 2.09 -50.39 17.60
C ILE A 129 3.02 -51.57 17.33
N ALA A 130 3.65 -52.11 18.37
CA ALA A 130 4.52 -53.27 18.18
C ALA A 130 3.73 -54.47 17.66
N ASN A 131 2.52 -54.68 18.19
CA ASN A 131 1.74 -55.86 17.84
C ASN A 131 0.90 -55.63 16.58
N LEU A 132 0.80 -54.40 16.09
CA LEU A 132 0.00 -54.14 14.92
C LEU A 132 0.82 -53.80 13.68
N LEU A 133 1.81 -52.91 13.78
CA LEU A 133 2.61 -52.49 12.65
C LEU A 133 3.98 -53.16 12.60
N GLY A 134 4.70 -53.16 13.73
CA GLY A 134 6.06 -53.67 13.73
C GLY A 134 6.13 -55.15 13.41
N MET A 135 5.13 -55.92 13.87
CA MET A 135 5.14 -57.36 13.66
C MET A 135 5.13 -57.70 12.16
N GLY A 136 4.28 -57.02 11.39
CA GLY A 136 4.24 -57.28 9.96
C GLY A 136 5.53 -56.88 9.26
N TRP A 137 6.11 -55.76 9.66
CA TRP A 137 7.38 -55.32 9.08
C TRP A 137 8.48 -56.33 9.35
N HIS A 138 8.56 -56.82 10.59
CA HIS A 138 9.54 -57.85 10.93
C HIS A 138 9.31 -59.11 10.12
N LEU A 139 8.04 -59.51 9.98
CA LEU A 139 7.72 -60.71 9.22
C LEU A 139 8.19 -60.57 7.77
N MET A 140 7.89 -59.45 7.12
CA MET A 140 8.36 -59.24 5.76
C MET A 140 9.88 -59.26 5.70
N ARG A 141 10.53 -58.53 6.61
CA ARG A 141 11.98 -58.39 6.53
C ARG A 141 12.69 -59.72 6.72
N ILE A 142 12.17 -60.57 7.59
CA ILE A 142 12.84 -61.82 7.89
C ILE A 142 12.45 -62.91 6.91
N ALA A 143 11.23 -62.83 6.33
CA ALA A 143 10.79 -63.87 5.41
C ALA A 143 11.25 -63.62 3.98
N ALA A 144 11.48 -62.36 3.60
CA ALA A 144 11.83 -62.04 2.22
C ALA A 144 13.04 -62.79 1.69
N PRO A 145 14.17 -62.94 2.42
CA PRO A 145 15.31 -63.68 1.85
C PRO A 145 14.97 -65.14 1.55
N HIS A 146 13.94 -65.66 2.22
CA HIS A 146 13.50 -67.04 1.99
C HIS A 146 12.20 -67.11 1.20
N MET A 147 11.83 -66.04 0.50
CA MET A 147 10.70 -66.08 -0.42
C MET A 147 11.20 -66.42 -1.81
N PRO A 148 10.86 -67.59 -2.36
CA PRO A 148 11.23 -67.88 -3.75
C PRO A 148 10.27 -67.21 -4.71
N VAL A 149 10.67 -67.18 -5.98
CA VAL A 149 9.83 -66.56 -7.02
C VAL A 149 8.51 -67.30 -7.10
N GLY A 150 7.43 -66.54 -7.24
CA GLY A 150 6.09 -67.10 -7.22
C GLY A 150 5.40 -67.07 -5.88
N SER A 151 6.04 -66.51 -4.86
CA SER A 151 5.43 -66.44 -3.54
C SER A 151 4.35 -65.36 -3.50
N ALA A 152 3.56 -65.39 -2.43
CA ALA A 152 2.43 -64.49 -2.28
C ALA A 152 2.36 -63.96 -0.87
N VAL A 153 2.15 -62.66 -0.73
CA VAL A 153 1.88 -62.03 0.55
C VAL A 153 0.51 -61.38 0.48
N ILE A 154 -0.35 -61.68 1.45
CA ILE A 154 -1.68 -61.08 1.54
C ILE A 154 -1.80 -60.53 2.95
N ASN A 155 -2.04 -59.23 3.07
CA ASN A 155 -2.23 -58.63 4.39
C ASN A 155 -3.65 -58.09 4.53
N VAL A 156 -4.28 -58.44 5.64
CA VAL A 156 -5.65 -58.07 5.94
C VAL A 156 -5.61 -56.82 6.81
N SER A 157 -5.85 -55.67 6.20
CA SER A 157 -5.90 -54.39 6.91
C SER A 157 -7.34 -54.14 7.35
N THR A 158 -7.70 -52.95 7.82
CA THR A 158 -9.07 -52.67 8.23
C THR A 158 -9.52 -51.39 7.52
N ILE A 159 -10.74 -51.41 7.00
CA ILE A 159 -11.28 -50.26 6.28
C ILE A 159 -11.33 -49.03 7.18
N PHE A 160 -11.53 -49.23 8.49
CA PHE A 160 -11.60 -48.11 9.42
C PHE A 160 -10.27 -47.37 9.54
N SER A 161 -9.23 -47.80 8.83
CA SER A 161 -8.00 -47.05 8.71
C SER A 161 -8.17 -45.81 7.86
N ARG A 162 -9.30 -45.65 7.17
CA ARG A 162 -9.56 -44.41 6.45
C ARG A 162 -10.90 -43.78 6.79
N ALA A 163 -11.41 -43.97 8.01
CA ALA A 163 -12.70 -43.43 8.42
C ALA A 163 -12.58 -42.74 9.77
N GLU A 164 -13.69 -42.13 10.19
CA GLU A 164 -13.77 -41.45 11.48
C GLU A 164 -13.97 -42.51 12.56
N TYR A 165 -12.86 -43.10 13.00
CA TYR A 165 -12.90 -44.31 13.82
C TYR A 165 -12.39 -43.93 15.21
N TYR A 166 -13.32 -43.87 16.16
CA TYR A 166 -13.15 -43.14 17.40
C TYR A 166 -12.35 -43.90 18.46
N GLY A 167 -11.61 -43.16 19.28
CA GLY A 167 -11.04 -43.66 20.52
C GLY A 167 -10.02 -44.75 20.38
N ARG A 168 -9.45 -44.93 19.19
CA ARG A 168 -8.68 -46.12 18.87
C ARG A 168 -7.45 -45.80 18.03
N ILE A 169 -6.73 -44.73 18.40
CA ILE A 169 -5.49 -44.37 17.71
C ILE A 169 -4.51 -45.54 17.64
N PRO A 170 -4.22 -46.26 18.73
CA PRO A 170 -3.30 -47.40 18.62
C PRO A 170 -3.80 -48.51 17.72
N TYR A 171 -5.08 -48.51 17.38
CA TYR A 171 -5.66 -49.48 16.47
C TYR A 171 -5.68 -48.97 15.03
N VAL A 172 -5.92 -47.68 14.83
CA VAL A 172 -6.10 -47.17 13.48
C VAL A 172 -4.80 -46.68 12.85
N THR A 173 -3.94 -45.99 13.61
CA THR A 173 -2.72 -45.45 13.02
C THR A 173 -1.78 -46.53 12.48
N PRO A 174 -1.43 -47.58 13.23
CA PRO A 174 -0.51 -48.58 12.68
C PRO A 174 -1.06 -49.30 11.47
N LYS A 175 -2.39 -49.41 11.33
CA LYS A 175 -2.92 -50.06 10.13
C LYS A 175 -2.79 -49.19 8.88
N ALA A 176 -2.97 -47.88 9.01
CA ALA A 176 -2.68 -47.00 7.88
C ALA A 176 -1.20 -47.05 7.53
N ALA A 177 -0.32 -47.04 8.54
CA ALA A 177 1.09 -47.22 8.27
C ALA A 177 1.36 -48.56 7.61
N LEU A 178 0.59 -49.59 7.97
CA LEU A 178 0.72 -50.90 7.37
C LEU A 178 0.30 -50.88 5.90
N ASN A 179 -0.73 -50.11 5.56
CA ASN A 179 -1.13 -49.96 4.17
C ASN A 179 -0.02 -49.30 3.36
N ALA A 180 0.56 -48.23 3.90
CA ALA A 180 1.68 -47.58 3.21
C ALA A 180 2.86 -48.54 3.05
N LEU A 181 3.16 -49.30 4.11
CA LEU A 181 4.21 -50.30 4.05
C LEU A 181 3.90 -51.37 3.02
N SER A 182 2.62 -51.71 2.89
CA SER A 182 2.21 -52.70 1.89
C SER A 182 2.49 -52.20 0.48
N GLN A 183 2.13 -50.95 0.20
CA GLN A 183 2.43 -50.39 -1.12
C GLN A 183 3.93 -50.40 -1.39
N LEU A 184 4.74 -49.93 -0.42
CA LEU A 184 6.18 -49.84 -0.67
C LEU A 184 6.82 -51.22 -0.77
N ALA A 185 6.34 -52.17 0.05
CA ALA A 185 6.86 -53.54 -0.01
C ALA A 185 6.48 -54.20 -1.33
N ALA A 186 5.29 -53.92 -1.85
CA ALA A 186 4.94 -54.42 -3.17
C ALA A 186 5.88 -53.86 -4.21
N ARG A 187 6.16 -52.56 -4.15
CA ARG A 187 7.12 -51.97 -5.09
C ARG A 187 8.47 -52.66 -5.01
N GLU A 188 8.99 -52.86 -3.79
CA GLU A 188 10.34 -53.41 -3.66
C GLU A 188 10.39 -54.90 -4.01
N LEU A 189 9.35 -55.66 -3.67
CA LEU A 189 9.35 -57.09 -3.93
C LEU A 189 8.95 -57.41 -5.37
N GLY A 190 8.46 -56.41 -6.11
CA GLY A 190 8.24 -56.61 -7.53
C GLY A 190 9.52 -57.01 -8.26
N ALA A 191 10.65 -56.43 -7.85
CA ALA A 191 11.93 -56.78 -8.46
C ALA A 191 12.35 -58.22 -8.16
N ARG A 192 12.11 -58.70 -6.94
CA ARG A 192 12.49 -60.05 -6.55
C ARG A 192 11.41 -61.07 -6.91
N GLY A 193 10.26 -60.62 -7.42
CA GLY A 193 9.28 -61.54 -7.95
C GLY A 193 8.30 -62.13 -6.97
N ILE A 194 8.02 -61.45 -5.87
CA ILE A 194 7.02 -61.88 -4.89
C ILE A 194 5.83 -60.93 -4.97
N ARG A 195 4.65 -61.49 -5.22
CA ARG A 195 3.44 -60.70 -5.30
C ARG A 195 2.98 -60.28 -3.91
N VAL A 196 2.50 -59.04 -3.80
CA VAL A 196 2.01 -58.47 -2.55
C VAL A 196 0.63 -57.90 -2.80
N ASN A 197 -0.32 -58.23 -1.92
CA ASN A 197 -1.70 -57.79 -2.05
C ASN A 197 -2.27 -57.45 -0.68
N THR A 198 -3.18 -56.47 -0.70
CA THR A 198 -3.81 -55.95 0.50
C THR A 198 -5.31 -56.09 0.37
N ILE A 199 -5.99 -56.40 1.49
CA ILE A 199 -7.43 -56.48 1.52
C ILE A 199 -7.95 -55.57 2.62
N PHE A 200 -9.13 -54.98 2.38
CA PHE A 200 -9.76 -54.04 3.31
C PHE A 200 -11.11 -54.57 3.75
N PRO A 201 -11.17 -55.58 4.61
CA PRO A 201 -12.46 -56.04 5.11
C PRO A 201 -13.09 -55.03 6.05
N GLY A 202 -14.37 -54.79 5.86
CA GLY A 202 -15.11 -53.87 6.71
C GLY A 202 -15.42 -54.47 8.05
N PRO A 203 -16.53 -54.04 8.66
CA PRO A 203 -16.96 -54.63 9.92
C PRO A 203 -17.49 -56.03 9.71
N ILE A 204 -16.71 -57.03 10.11
CA ILE A 204 -17.04 -58.44 9.87
C ILE A 204 -17.95 -58.93 10.98
N GLU A 205 -18.91 -59.79 10.64
CA GLU A 205 -19.82 -60.37 11.60
C GLU A 205 -19.04 -61.05 12.73
N SER A 206 -19.15 -60.52 13.95
CA SER A 206 -18.42 -61.06 15.09
C SER A 206 -18.99 -60.43 16.36
N ASP A 207 -18.74 -61.11 17.48
CA ASP A 207 -19.09 -60.55 18.78
C ASP A 207 -18.18 -59.36 19.10
N ARG A 208 -16.89 -59.47 18.73
CA ARG A 208 -15.92 -58.43 19.07
C ARG A 208 -16.31 -57.10 18.44
N ILE A 209 -16.77 -57.11 17.18
CA ILE A 209 -17.14 -55.86 16.53
C ILE A 209 -18.39 -55.28 17.17
N ARG A 210 -19.28 -56.11 17.67
CA ARG A 210 -20.45 -55.61 18.38
C ARG A 210 -20.04 -54.92 19.68
N THR A 211 -19.12 -55.54 20.43
CA THR A 211 -18.61 -54.91 21.64
C THR A 211 -17.89 -53.61 21.32
N VAL A 212 -17.16 -53.59 20.21
CA VAL A 212 -16.49 -52.37 19.74
C VAL A 212 -17.50 -51.27 19.45
N PHE A 213 -18.59 -51.61 18.76
CA PHE A 213 -19.61 -50.61 18.45
C PHE A 213 -20.27 -50.07 19.71
N GLN A 214 -20.59 -50.96 20.67
CA GLN A 214 -21.15 -50.47 21.93
C GLN A 214 -20.16 -49.57 22.67
N ARG A 215 -18.88 -49.95 22.69
CA ARG A 215 -17.88 -49.13 23.35
C ARG A 215 -17.79 -47.75 22.72
N MET A 216 -17.80 -47.70 21.38
CA MET A 216 -17.81 -46.42 20.68
C MET A 216 -19.07 -45.63 21.03
N ASP A 217 -20.20 -46.31 21.21
CA ASP A 217 -21.44 -45.64 21.58
C ASP A 217 -21.32 -44.98 22.95
N GLN A 218 -20.85 -45.73 23.96
CA GLN A 218 -20.71 -45.13 25.29
C GLN A 218 -19.67 -44.02 25.29
N LEU A 219 -18.55 -44.22 24.60
CA LEU A 219 -17.49 -43.22 24.64
C LEU A 219 -17.87 -41.96 23.88
N LYS A 220 -18.76 -42.07 22.89
CA LYS A 220 -19.28 -40.87 22.24
C LYS A 220 -20.41 -40.22 23.02
N GLY A 221 -20.97 -40.90 24.02
CA GLY A 221 -22.13 -40.39 24.71
C GLY A 221 -23.41 -40.48 23.90
N ARG A 222 -23.53 -41.52 23.08
CA ARG A 222 -24.66 -41.71 22.19
C ARG A 222 -25.39 -43.01 22.51
N PRO A 223 -26.68 -43.10 22.19
CA PRO A 223 -27.40 -44.35 22.41
C PRO A 223 -26.83 -45.49 21.59
N GLU A 224 -27.00 -46.71 22.11
CA GLU A 224 -26.47 -47.89 21.46
C GLU A 224 -27.12 -48.09 20.09
N GLY A 225 -26.32 -48.53 19.12
CA GLY A 225 -26.78 -48.79 17.78
C GLY A 225 -26.57 -47.67 16.78
N ASP A 226 -26.18 -46.47 17.25
CA ASP A 226 -25.95 -45.37 16.33
C ASP A 226 -24.69 -45.60 15.49
N THR A 227 -23.65 -46.17 16.11
CA THR A 227 -22.47 -46.57 15.35
C THR A 227 -22.83 -47.57 14.25
N ALA A 228 -23.59 -48.60 14.62
CA ALA A 228 -24.00 -49.60 13.64
C ALA A 228 -24.84 -48.96 12.54
N HIS A 229 -25.77 -48.08 12.91
CA HIS A 229 -26.61 -47.43 11.92
C HIS A 229 -25.77 -46.59 10.95
N HIS A 230 -24.80 -45.85 11.47
CA HIS A 230 -23.97 -45.01 10.62
C HIS A 230 -23.14 -45.85 9.65
N PHE A 231 -22.41 -46.83 10.16
CA PHE A 231 -21.56 -47.63 9.28
C PHE A 231 -22.38 -48.51 8.34
N LEU A 232 -23.63 -48.82 8.71
CA LEU A 232 -24.49 -49.55 7.77
C LEU A 232 -25.02 -48.62 6.70
N ASN A 233 -25.26 -47.35 7.05
CA ASN A 233 -25.60 -46.34 6.06
C ASN A 233 -24.44 -46.10 5.09
N THR A 234 -23.21 -46.32 5.54
CA THR A 234 -22.07 -46.19 4.63
C THR A 234 -22.05 -47.27 3.55
N MET A 235 -22.86 -48.31 3.67
CA MET A 235 -22.87 -49.40 2.70
C MET A 235 -23.73 -49.05 1.50
N ARG A 236 -23.54 -49.80 0.41
CA ARG A 236 -24.38 -49.65 -0.78
C ARG A 236 -25.16 -50.91 -1.08
N LEU A 237 -24.63 -52.08 -0.72
CA LEU A 237 -25.08 -53.37 -1.23
C LEU A 237 -26.05 -54.02 -0.25
N CYS A 238 -26.94 -54.86 -0.79
CA CYS A 238 -27.75 -55.76 0.01
C CYS A 238 -27.48 -57.21 -0.40
N ARG A 239 -27.37 -58.08 0.60
CA ARG A 239 -27.22 -59.51 0.38
C ARG A 239 -28.43 -60.25 0.93
N ALA A 240 -28.77 -61.36 0.27
CA ALA A 240 -29.88 -62.19 0.73
C ALA A 240 -29.54 -62.85 2.05
N ASN A 241 -30.42 -62.69 3.03
CA ASN A 241 -30.22 -63.25 4.36
C ASN A 241 -30.64 -64.72 4.38
N ASP A 242 -30.73 -65.28 5.58
CA ASP A 242 -31.15 -66.68 5.73
C ASP A 242 -32.56 -66.91 5.20
N GLN A 243 -33.41 -65.89 5.22
CA GLN A 243 -34.76 -66.00 4.69
C GLN A 243 -34.87 -65.51 3.25
N GLY A 244 -33.76 -65.10 2.64
CA GLY A 244 -33.78 -64.62 1.27
C GLY A 244 -34.11 -63.15 1.10
N ALA A 245 -34.23 -62.40 2.19
CA ALA A 245 -34.57 -60.98 2.11
C ALA A 245 -33.31 -60.14 2.02
N LEU A 246 -33.39 -59.05 1.26
CA LEU A 246 -32.24 -58.15 1.09
C LEU A 246 -32.16 -57.19 2.27
N GLU A 247 -30.99 -57.10 2.88
CA GLU A 247 -30.77 -56.20 4.00
C GLU A 247 -29.30 -55.78 4.04
N ARG A 248 -29.05 -54.65 4.69
CA ARG A 248 -27.68 -54.24 4.96
C ARG A 248 -27.15 -54.99 6.17
N ARG A 249 -26.10 -55.80 5.97
CA ARG A 249 -25.55 -56.56 7.08
C ARG A 249 -24.03 -56.63 6.96
N PHE A 250 -23.41 -57.12 8.03
CA PHE A 250 -21.96 -57.22 8.08
C PHE A 250 -21.45 -58.27 7.09
N PRO A 251 -20.38 -57.99 6.37
CA PRO A 251 -19.75 -59.03 5.54
C PRO A 251 -19.22 -60.18 6.39
N SER A 252 -19.26 -61.38 5.83
CA SER A 252 -18.87 -62.57 6.55
C SER A 252 -17.39 -62.87 6.34
N VAL A 253 -16.87 -63.79 7.16
CA VAL A 253 -15.48 -64.21 7.04
C VAL A 253 -15.25 -64.99 5.75
N GLY A 254 -16.28 -65.69 5.27
CA GLY A 254 -16.13 -66.47 4.05
C GLY A 254 -15.79 -65.63 2.83
N ASP A 255 -16.37 -64.43 2.75
CA ASP A 255 -16.04 -63.53 1.65
C ASP A 255 -14.58 -63.12 1.68
N VAL A 256 -14.07 -62.78 2.87
CA VAL A 256 -12.67 -62.42 3.01
C VAL A 256 -11.77 -63.60 2.65
N ALA A 257 -12.16 -64.81 3.07
CA ALA A 257 -11.37 -65.99 2.73
C ALA A 257 -11.35 -66.24 1.23
N ASP A 258 -12.49 -66.07 0.56
CA ASP A 258 -12.54 -66.25 -0.88
C ASP A 258 -11.68 -65.22 -1.60
N ALA A 259 -11.75 -63.96 -1.18
CA ALA A 259 -10.91 -62.94 -1.79
C ALA A 259 -9.43 -63.23 -1.54
N ALA A 260 -9.09 -63.70 -0.34
CA ALA A 260 -7.71 -64.00 -0.02
C ALA A 260 -7.18 -65.17 -0.84
N VAL A 261 -7.98 -66.22 -1.02
CA VAL A 261 -7.53 -67.34 -1.84
C VAL A 261 -7.46 -66.94 -3.30
N PHE A 262 -8.28 -65.98 -3.71
CA PHE A 262 -8.11 -65.39 -5.05
C PHE A 262 -6.74 -64.73 -5.17
N LEU A 263 -6.41 -63.84 -4.22
CA LEU A 263 -5.14 -63.12 -4.32
C LEU A 263 -3.94 -64.05 -4.23
N ALA A 264 -4.00 -65.05 -3.34
CA ALA A 264 -2.86 -65.94 -3.14
C ALA A 264 -2.58 -66.82 -4.34
N SER A 265 -3.61 -67.34 -4.99
CA SER A 265 -3.43 -68.30 -6.07
C SER A 265 -2.83 -67.64 -7.29
N ALA A 266 -2.42 -68.48 -8.25
CA ALA A 266 -1.80 -67.98 -9.47
C ALA A 266 -2.79 -67.24 -10.37
N GLU A 267 -4.09 -67.36 -10.09
CA GLU A 267 -5.09 -66.65 -10.89
C GLU A 267 -4.95 -65.14 -10.80
N SER A 268 -4.38 -64.63 -9.71
CA SER A 268 -4.18 -63.19 -9.53
C SER A 268 -2.76 -62.76 -9.82
N ALA A 269 -2.09 -63.40 -10.79
CA ALA A 269 -0.70 -63.09 -11.05
C ALA A 269 -0.51 -61.63 -11.45
N ALA A 270 -1.36 -61.11 -12.33
CA ALA A 270 -1.19 -59.76 -12.87
C ALA A 270 -1.50 -58.66 -11.87
N LEU A 271 -1.91 -59.00 -10.64
CA LEU A 271 -2.23 -58.02 -9.61
C LEU A 271 -0.99 -57.77 -8.77
N SER A 272 -0.66 -56.51 -8.54
CA SER A 272 0.45 -56.14 -7.69
C SER A 272 0.16 -54.82 -7.00
N GLY A 273 0.21 -54.84 -5.66
CA GLY A 273 -0.03 -53.64 -4.89
C GLY A 273 -1.41 -53.06 -4.98
N GLU A 274 -2.39 -53.82 -5.46
CA GLU A 274 -3.76 -53.36 -5.56
C GLU A 274 -4.49 -53.58 -4.23
N THR A 275 -5.63 -52.92 -4.08
CA THR A 275 -6.46 -53.03 -2.89
C THR A 275 -7.86 -53.47 -3.30
N ILE A 276 -8.40 -54.47 -2.60
CA ILE A 276 -9.75 -54.95 -2.81
C ILE A 276 -10.50 -54.83 -1.49
N GLU A 277 -11.74 -54.32 -1.54
CA GLU A 277 -12.50 -54.08 -0.34
C GLU A 277 -13.71 -55.02 -0.26
N VAL A 278 -13.74 -55.85 0.77
CA VAL A 278 -14.90 -56.66 1.08
C VAL A 278 -15.75 -55.88 2.08
N THR A 279 -16.57 -54.96 1.56
CA THR A 279 -17.22 -53.96 2.39
C THR A 279 -18.71 -53.77 2.09
N HIS A 280 -19.26 -54.48 1.11
CA HIS A 280 -20.64 -54.26 0.65
C HIS A 280 -20.86 -52.80 0.24
N GLY A 281 -19.81 -52.15 -0.26
CA GLY A 281 -19.92 -50.79 -0.76
C GLY A 281 -19.80 -49.70 0.30
N MET A 282 -18.77 -49.78 1.13
CA MET A 282 -18.47 -48.67 2.05
C MET A 282 -17.94 -47.48 1.26
N GLU A 283 -18.71 -46.39 1.28
CA GLU A 283 -18.32 -45.17 0.57
C GLU A 283 -17.69 -44.23 1.58
N LEU A 284 -16.35 -44.16 1.56
CA LEU A 284 -15.58 -43.31 2.46
C LEU A 284 -14.58 -42.49 1.65
N PRO A 285 -14.22 -41.31 2.13
CA PRO A 285 -13.20 -40.52 1.43
C PRO A 285 -11.89 -41.28 1.35
N ALA A 286 -11.41 -41.49 0.12
CA ALA A 286 -10.15 -42.22 -0.07
C ALA A 286 -8.99 -41.47 0.55
N CYS A 287 -8.94 -40.15 0.34
CA CYS A 287 -7.91 -39.31 0.95
C CYS A 287 -8.39 -37.88 0.95
N SER A 288 -7.77 -37.06 1.80
CA SER A 288 -8.04 -35.63 1.90
C SER A 288 -6.70 -34.91 1.71
N GLU A 289 -6.45 -34.47 0.48
CA GLU A 289 -5.16 -33.88 0.13
C GLU A 289 -5.37 -32.67 -0.78
N THR A 290 -4.50 -31.68 -0.62
CA THR A 290 -4.47 -30.51 -1.47
C THR A 290 -3.02 -30.12 -1.71
N SER A 291 -2.83 -28.99 -2.39
CA SER A 291 -1.52 -28.42 -2.62
C SER A 291 -1.57 -26.92 -2.33
N LEU A 292 -0.46 -26.37 -1.86
CA LEU A 292 -0.37 -24.95 -1.56
C LEU A 292 0.18 -24.25 -2.79
N LEU A 293 -0.71 -23.63 -3.57
CA LEU A 293 -0.33 -23.02 -4.84
C LEU A 293 -0.32 -21.50 -4.82
N ALA A 294 -0.51 -20.89 -3.65
CA ALA A 294 -0.47 -19.45 -3.50
C ALA A 294 0.40 -19.06 -2.32
N ARG A 295 1.07 -17.92 -2.43
CA ARG A 295 1.96 -17.47 -1.37
C ARG A 295 1.17 -16.91 -0.20
N THR A 296 1.85 -16.76 0.94
CA THR A 296 1.19 -16.36 2.17
C THR A 296 1.06 -14.85 2.26
N ASP A 297 -0.05 -14.40 2.82
CA ASP A 297 -0.27 -12.98 3.13
C ASP A 297 0.06 -12.79 4.61
N LEU A 298 1.25 -12.26 4.88
CA LEU A 298 1.74 -12.18 6.24
C LEU A 298 1.62 -10.78 6.84
N ARG A 299 1.17 -9.79 6.07
CA ARG A 299 1.06 -8.43 6.56
C ARG A 299 0.05 -8.28 7.69
N THR A 300 -1.09 -8.94 7.61
CA THR A 300 -2.19 -8.74 8.55
C THR A 300 -2.09 -9.63 9.78
N ILE A 301 -1.02 -10.39 9.93
CA ILE A 301 -0.88 -11.36 11.00
C ILE A 301 -0.25 -10.69 12.22
N ASP A 302 -0.92 -10.80 13.36
CA ASP A 302 -0.45 -10.26 14.64
C ASP A 302 -0.37 -11.39 15.64
N ALA A 303 0.81 -11.60 16.22
CA ALA A 303 1.06 -12.72 17.13
C ALA A 303 1.45 -12.27 18.53
N SER A 304 0.96 -11.12 18.99
CA SER A 304 1.32 -10.63 20.31
C SER A 304 0.83 -11.56 21.42
N GLY A 305 1.69 -11.81 22.39
CA GLY A 305 1.28 -12.47 23.62
C GLY A 305 0.98 -13.95 23.51
N ARG A 306 1.52 -14.65 22.50
CA ARG A 306 1.24 -16.06 22.30
C ARG A 306 2.29 -16.92 22.99
N THR A 307 2.06 -18.23 22.97
CA THR A 307 3.07 -19.23 23.26
C THR A 307 3.12 -20.21 22.10
N THR A 308 4.32 -20.49 21.61
CA THR A 308 4.54 -21.43 20.52
C THR A 308 5.57 -22.46 20.94
N LEU A 309 5.15 -23.73 20.98
CA LEU A 309 6.05 -24.83 21.34
C LEU A 309 6.42 -25.61 20.09
N ILE A 310 7.73 -25.72 19.84
CA ILE A 310 8.25 -26.47 18.71
C ILE A 310 8.94 -27.71 19.27
N CYS A 311 8.52 -28.88 18.79
CA CYS A 311 9.12 -30.14 19.23
C CYS A 311 9.86 -30.75 18.05
N ALA A 312 11.17 -30.52 17.98
CA ALA A 312 11.97 -30.89 16.83
C ALA A 312 12.94 -32.01 17.19
N GLY A 313 13.59 -32.57 16.16
CA GLY A 313 14.56 -33.62 16.34
C GLY A 313 15.99 -33.12 16.34
N ASP A 314 16.75 -33.49 15.31
CA ASP A 314 18.16 -33.14 15.21
C ASP A 314 18.45 -32.07 14.16
N GLN A 315 17.43 -31.58 13.46
CA GLN A 315 17.61 -30.55 12.43
C GLN A 315 17.53 -29.17 13.10
N ILE A 316 18.60 -28.40 12.92
CA ILE A 316 18.69 -27.09 13.55
C ILE A 316 18.23 -25.99 12.59
N GLU A 317 18.51 -26.16 11.30
CA GLU A 317 18.25 -25.11 10.32
C GLU A 317 16.77 -24.73 10.29
N GLU A 318 15.88 -25.72 10.17
CA GLU A 318 14.46 -25.42 10.17
C GLU A 318 14.01 -24.87 11.51
N VAL A 319 14.67 -25.26 12.60
CA VAL A 319 14.32 -24.72 13.91
C VAL A 319 14.58 -23.22 13.96
N MET A 320 15.76 -22.78 13.50
CA MET A 320 16.05 -21.35 13.49
C MET A 320 15.19 -20.61 12.46
N ALA A 321 14.91 -21.24 11.32
CA ALA A 321 14.02 -20.61 10.35
C ALA A 321 12.63 -20.39 10.95
N LEU A 322 12.10 -21.40 11.64
CA LEU A 322 10.81 -21.28 12.29
C LEU A 322 10.84 -20.21 13.38
N THR A 323 11.92 -20.17 14.17
CA THR A 323 12.03 -19.18 15.22
C THR A 323 12.04 -17.77 14.65
N GLY A 324 12.79 -17.56 13.57
CA GLY A 324 12.82 -16.25 12.93
C GLY A 324 11.47 -15.85 12.35
N MET A 325 10.81 -16.78 11.65
CA MET A 325 9.53 -16.46 11.03
C MET A 325 8.45 -16.27 12.09
N LEU A 326 8.62 -16.92 13.25
CA LEU A 326 7.69 -16.73 14.35
C LEU A 326 7.89 -15.37 15.01
N ARG A 327 9.15 -14.99 15.25
CA ARG A 327 9.41 -13.68 15.81
C ARG A 327 9.12 -12.56 14.82
N THR A 328 8.96 -12.90 13.54
CA THR A 328 8.47 -11.93 12.58
C THR A 328 7.10 -11.42 12.96
N CYS A 329 6.21 -12.30 13.41
CA CYS A 329 4.87 -11.93 13.83
C CYS A 329 4.80 -11.53 15.31
N GLY A 330 5.88 -11.68 16.06
CA GLY A 330 5.91 -11.26 17.44
C GLY A 330 5.45 -12.29 18.46
N SER A 331 5.41 -13.57 18.10
CA SER A 331 5.02 -14.59 19.07
C SER A 331 6.21 -14.97 19.95
N GLU A 332 5.91 -15.44 21.16
CA GLU A 332 6.94 -15.92 22.05
C GLU A 332 7.12 -17.42 21.87
N VAL A 333 8.37 -17.85 21.79
CA VAL A 333 8.70 -19.21 21.37
C VAL A 333 9.24 -19.98 22.57
N ILE A 334 8.78 -21.23 22.71
CA ILE A 334 9.33 -22.17 23.68
C ILE A 334 9.76 -23.42 22.92
N ILE A 335 10.96 -23.92 23.22
CA ILE A 335 11.63 -24.90 22.39
C ILE A 335 12.01 -26.09 23.27
N GLY A 336 11.75 -27.29 22.78
CA GLY A 336 12.17 -28.51 23.44
C GLY A 336 12.65 -29.56 22.46
N PHE A 337 13.68 -30.33 22.83
CA PHE A 337 14.28 -31.29 21.92
C PHE A 337 14.13 -32.72 22.44
N ARG A 338 13.85 -33.64 21.52
CA ARG A 338 13.70 -35.05 21.83
C ARG A 338 15.00 -35.69 22.33
N SER A 339 16.16 -35.17 21.94
CA SER A 339 17.44 -35.64 22.44
C SER A 339 18.22 -34.46 22.99
N ALA A 340 18.90 -34.70 24.12
CA ALA A 340 19.68 -33.63 24.74
C ALA A 340 20.87 -33.21 23.87
N ALA A 341 21.43 -34.14 23.09
CA ALA A 341 22.55 -33.79 22.21
C ALA A 341 22.11 -32.77 21.18
N ALA A 342 20.93 -32.96 20.58
CA ALA A 342 20.42 -32.00 19.61
C ALA A 342 20.23 -30.64 20.27
N LEU A 343 19.78 -30.63 21.52
CA LEU A 343 19.73 -29.39 22.28
C LEU A 343 21.12 -28.78 22.40
N ALA A 344 22.15 -29.63 22.53
CA ALA A 344 23.52 -29.11 22.65
C ALA A 344 23.96 -28.43 21.37
N GLN A 345 23.80 -29.08 20.20
CA GLN A 345 24.17 -28.37 18.97
C GLN A 345 23.31 -27.13 18.75
N PHE A 346 22.03 -27.20 19.11
CA PHE A 346 21.17 -26.03 18.92
C PHE A 346 21.64 -24.85 19.77
N GLU A 347 22.00 -25.11 21.03
CA GLU A 347 22.44 -24.01 21.89
C GLU A 347 23.82 -23.51 21.46
N GLN A 348 24.66 -24.40 20.92
CA GLN A 348 25.94 -23.95 20.37
C GLN A 348 25.73 -23.01 19.18
N ALA A 349 24.83 -23.38 18.28
CA ALA A 349 24.55 -22.52 17.12
C ALA A 349 23.85 -21.24 17.55
N VAL A 350 23.05 -21.30 18.61
CA VAL A 350 22.44 -20.09 19.17
C VAL A 350 23.50 -19.18 19.75
N ASN A 351 24.52 -19.75 20.40
CA ASN A 351 25.65 -18.95 20.87
C ASN A 351 26.35 -18.28 19.71
N GLU A 352 26.57 -19.01 18.62
CA GLU A 352 27.19 -18.42 17.43
C GLU A 352 26.33 -17.27 16.88
N SER A 353 25.03 -17.48 16.81
CA SER A 353 24.13 -16.45 16.27
C SER A 353 24.11 -15.22 17.17
N ARG A 354 24.11 -15.41 18.48
CA ARG A 354 24.13 -14.28 19.41
C ARG A 354 25.45 -13.54 19.33
N ARG A 355 26.56 -14.26 19.13
CA ARG A 355 27.84 -13.61 18.90
C ARG A 355 27.80 -12.76 17.63
N LEU A 356 27.19 -13.29 16.56
CA LEU A 356 27.09 -12.54 15.32
C LEU A 356 26.22 -11.29 15.46
N ALA A 357 25.02 -11.45 16.02
CA ALA A 357 24.06 -10.34 16.07
C ALA A 357 24.28 -9.40 17.24
N GLY A 358 25.06 -9.81 18.24
CA GLY A 358 25.34 -8.93 19.36
C GLY A 358 24.37 -9.12 20.52
N ALA A 359 24.27 -8.07 21.34
CA ALA A 359 23.47 -8.13 22.56
C ALA A 359 21.97 -8.04 22.29
N ASP A 360 21.55 -7.33 21.24
CA ASP A 360 20.14 -7.18 20.93
C ASP A 360 19.48 -8.50 20.54
N PHE A 361 20.25 -9.52 20.19
CA PHE A 361 19.69 -10.84 19.88
C PHE A 361 19.27 -11.53 21.18
N THR A 362 18.00 -11.87 21.28
CA THR A 362 17.49 -12.59 22.44
C THR A 362 17.56 -14.09 22.15
N PRO A 363 18.40 -14.84 22.86
CA PRO A 363 18.47 -16.28 22.59
C PRO A 363 17.17 -16.96 22.92
N PRO A 364 16.78 -17.98 22.15
CA PRO A 364 15.56 -18.71 22.46
C PRO A 364 15.71 -19.50 23.75
N ILE A 365 14.60 -19.64 24.47
CA ILE A 365 14.58 -20.35 25.74
C ILE A 365 14.71 -21.84 25.45
N ALA A 366 15.67 -22.49 26.12
CA ALA A 366 15.98 -23.88 25.87
C ALA A 366 15.49 -24.75 27.02
N LEU A 367 14.72 -25.78 26.69
CA LEU A 367 14.21 -26.76 27.64
C LEU A 367 14.30 -28.13 27.00
N PRO A 368 14.35 -29.19 27.82
CA PRO A 368 14.30 -30.55 27.25
C PRO A 368 12.87 -31.03 27.12
N LEU A 369 12.58 -31.74 26.02
CA LEU A 369 11.24 -32.27 25.75
C LEU A 369 11.42 -33.62 25.07
N ASP A 370 11.39 -34.69 25.86
CA ASP A 370 11.55 -36.04 25.35
C ASP A 370 10.22 -36.78 25.51
N PRO A 371 9.61 -37.25 24.43
CA PRO A 371 8.33 -37.97 24.57
C PRO A 371 8.41 -39.20 25.45
N ARG A 372 9.59 -39.83 25.56
CA ARG A 372 9.76 -41.01 26.37
C ARG A 372 9.59 -40.73 27.86
N ASP A 373 9.72 -39.47 28.29
CA ASP A 373 9.61 -39.08 29.69
C ASP A 373 8.49 -38.06 29.83
N PRO A 374 7.36 -38.45 30.44
CA PRO A 374 6.29 -37.47 30.70
C PRO A 374 6.70 -36.36 31.65
N ALA A 375 7.71 -36.59 32.49
CA ALA A 375 8.15 -35.56 33.42
C ALA A 375 8.67 -34.33 32.70
N THR A 376 9.46 -34.52 31.63
CA THR A 376 9.88 -33.38 30.84
C THR A 376 8.69 -32.63 30.26
N ILE A 377 7.68 -33.37 29.79
CA ILE A 377 6.53 -32.75 29.15
C ILE A 377 5.76 -31.88 30.14
N ASP A 378 5.42 -32.44 31.31
CA ASP A 378 4.64 -31.65 32.25
C ASP A 378 5.48 -30.54 32.88
N ALA A 379 6.79 -30.76 33.00
CA ALA A 379 7.67 -29.71 33.50
C ALA A 379 7.71 -28.52 32.55
N VAL A 380 7.86 -28.78 31.25
CA VAL A 380 7.90 -27.66 30.30
C VAL A 380 6.52 -27.01 30.20
N PHE A 381 5.45 -27.80 30.37
CA PHE A 381 4.12 -27.20 30.41
C PHE A 381 3.99 -26.23 31.59
N ASP A 382 4.43 -26.64 32.77
CA ASP A 382 4.35 -25.76 33.94
C ASP A 382 5.24 -24.53 33.76
N TRP A 383 6.44 -24.72 33.19
CA TRP A 383 7.34 -23.60 32.99
C TRP A 383 6.74 -22.58 32.02
N ALA A 384 6.15 -23.07 30.92
CA ALA A 384 5.52 -22.17 29.96
C ALA A 384 4.32 -21.45 30.58
N GLY A 385 3.53 -22.17 31.38
CA GLY A 385 2.40 -21.53 32.04
C GLY A 385 2.83 -20.46 33.02
N GLU A 386 3.96 -20.69 33.70
CA GLU A 386 4.42 -19.73 34.68
C GLU A 386 5.09 -18.52 34.04
N ASN A 387 5.78 -18.71 32.91
CA ASN A 387 6.59 -17.64 32.33
C ASN A 387 5.93 -16.90 31.18
N THR A 388 4.97 -17.50 30.47
CA THR A 388 4.34 -16.87 29.33
C THR A 388 2.82 -16.81 29.46
N GLY A 389 2.21 -17.74 30.20
CA GLY A 389 0.76 -17.72 30.38
C GLY A 389 0.01 -18.78 29.63
N GLY A 390 0.52 -20.00 29.54
CA GLY A 390 -0.16 -21.09 28.87
C GLY A 390 0.24 -21.21 27.41
N ILE A 391 0.26 -22.46 26.94
CA ILE A 391 0.69 -22.77 25.59
C ILE A 391 -0.50 -22.65 24.65
N HIS A 392 -0.33 -21.89 23.57
CA HIS A 392 -1.40 -21.65 22.61
C HIS A 392 -1.20 -22.35 21.27
N ALA A 393 0.04 -22.65 20.88
CA ALA A 393 0.30 -23.20 19.55
C ALA A 393 1.46 -24.19 19.63
N ALA A 394 1.42 -25.20 18.76
CA ALA A 394 2.43 -26.25 18.76
C ALA A 394 2.71 -26.74 17.35
N VAL A 395 3.99 -26.89 17.04
CA VAL A 395 4.44 -27.56 15.82
C VAL A 395 5.34 -28.71 16.21
N ILE A 396 5.28 -29.80 15.45
CA ILE A 396 5.99 -31.04 15.74
C ILE A 396 6.74 -31.47 14.49
N LEU A 397 7.99 -31.87 14.66
CA LEU A 397 8.89 -32.33 13.62
C LEU A 397 9.19 -33.81 13.80
N PRO A 398 9.76 -34.46 12.79
CA PRO A 398 10.07 -35.90 12.94
C PRO A 398 11.15 -36.15 13.97
N ALA A 399 11.26 -37.42 14.37
CA ALA A 399 12.22 -37.80 15.39
C ALA A 399 13.65 -37.58 14.93
N THR A 400 13.91 -37.69 13.63
CA THR A 400 15.24 -37.48 13.09
C THR A 400 15.15 -36.88 11.69
N SER A 401 16.19 -36.12 11.33
CA SER A 401 16.36 -35.62 9.97
C SER A 401 17.38 -36.42 9.18
N HIS A 402 17.99 -37.42 9.81
CA HIS A 402 19.00 -38.23 9.13
C HIS A 402 18.37 -39.07 8.03
N GLU A 403 19.20 -39.58 7.14
CA GLU A 403 18.73 -40.35 6.00
C GLU A 403 18.45 -41.79 6.41
N PRO A 404 17.21 -42.27 6.29
CA PRO A 404 16.91 -43.66 6.63
C PRO A 404 17.55 -44.63 5.65
N ALA A 405 17.30 -45.91 5.89
CA ALA A 405 17.71 -46.93 4.95
C ALA A 405 16.91 -46.77 3.65
N PRO A 406 17.54 -46.92 2.48
CA PRO A 406 16.84 -46.66 1.21
C PRO A 406 15.68 -47.61 0.95
N CYS A 407 15.64 -48.78 1.58
CA CYS A 407 14.59 -49.75 1.35
C CYS A 407 13.91 -50.09 2.68
N VAL A 408 12.89 -50.95 2.58
CA VAL A 408 12.18 -51.42 3.77
C VAL A 408 12.29 -52.94 3.94
N ILE A 409 13.26 -53.58 3.30
CA ILE A 409 13.42 -55.03 3.39
C ILE A 409 14.74 -55.40 4.03
N GLU A 410 15.84 -54.79 3.58
CA GLU A 410 17.18 -55.13 4.04
C GLU A 410 17.59 -54.37 5.29
N VAL A 411 16.72 -53.51 5.83
CA VAL A 411 17.09 -52.70 6.98
C VAL A 411 17.23 -53.59 8.23
N ASP A 412 18.19 -53.23 9.08
CA ASP A 412 18.46 -53.98 10.30
C ASP A 412 17.37 -53.73 11.34
N ASP A 413 17.39 -54.56 12.39
CA ASP A 413 16.30 -54.55 13.36
C ASP A 413 16.30 -53.29 14.22
N GLU A 414 17.49 -52.82 14.63
CA GLU A 414 17.56 -51.68 15.53
C GLU A 414 16.99 -50.42 14.89
N ARG A 415 17.26 -50.23 13.59
CA ARG A 415 16.68 -49.09 12.89
C ARG A 415 15.16 -49.20 12.83
N VAL A 416 14.64 -50.41 12.59
CA VAL A 416 13.19 -50.58 12.55
C VAL A 416 12.58 -50.25 13.90
N LEU A 417 13.23 -50.68 14.98
CA LEU A 417 12.73 -50.37 16.32
C LEU A 417 12.81 -48.87 16.58
N ASN A 418 13.83 -48.19 16.07
CA ASN A 418 13.93 -46.74 16.22
C ASN A 418 12.77 -46.03 15.52
N PHE A 419 12.57 -46.33 14.23
CA PHE A 419 11.49 -45.71 13.48
C PHE A 419 10.12 -46.10 14.04
N LEU A 420 10.04 -47.21 14.77
CA LEU A 420 8.80 -47.59 15.42
C LEU A 420 8.56 -46.76 16.67
N ALA A 421 9.49 -46.83 17.62
CA ALA A 421 9.27 -46.23 18.94
C ALA A 421 9.25 -44.70 18.87
N ASP A 422 10.20 -44.10 18.15
CA ASP A 422 10.32 -42.66 18.21
C ASP A 422 9.37 -41.96 17.24
N GLU A 423 9.41 -42.33 15.96
CA GLU A 423 8.67 -41.59 14.93
C GLU A 423 7.16 -41.84 14.98
N ILE A 424 6.71 -42.89 15.65
CA ILE A 424 5.29 -43.23 15.63
C ILE A 424 4.70 -43.14 17.02
N THR A 425 5.28 -43.88 17.98
CA THR A 425 4.76 -43.87 19.34
C THR A 425 4.98 -42.51 20.00
N GLY A 426 6.16 -41.91 19.80
CA GLY A 426 6.45 -40.64 20.43
C GLY A 426 5.54 -39.53 19.99
N THR A 427 5.18 -39.52 18.70
CA THR A 427 4.24 -38.51 18.20
C THR A 427 2.89 -38.65 18.89
N ILE A 428 2.42 -39.88 19.09
CA ILE A 428 1.15 -40.09 19.78
C ILE A 428 1.26 -39.68 21.24
N VAL A 429 2.42 -39.92 21.86
CA VAL A 429 2.62 -39.49 23.24
C VAL A 429 2.52 -37.98 23.35
N ILE A 430 3.20 -37.27 22.45
CA ILE A 430 3.16 -35.81 22.46
C ILE A 430 1.75 -35.31 22.23
N ALA A 431 1.06 -35.92 21.26
CA ALA A 431 -0.32 -35.51 20.98
C ALA A 431 -1.21 -35.71 22.19
N SER A 432 -1.08 -36.85 22.87
CA SER A 432 -1.91 -37.13 24.04
C SER A 432 -1.63 -36.13 25.16
N ARG A 433 -0.35 -35.87 25.43
CA ARG A 433 0.00 -34.93 26.49
C ARG A 433 -0.51 -33.52 26.18
N LEU A 434 -0.32 -33.06 24.94
CA LEU A 434 -0.81 -31.74 24.55
C LEU A 434 -2.32 -31.67 24.67
N ALA A 435 -3.02 -32.70 24.19
CA ALA A 435 -4.47 -32.71 24.24
C ALA A 435 -4.98 -32.65 25.68
N ARG A 436 -4.41 -33.49 26.55
CA ARG A 436 -4.86 -33.50 27.94
C ARG A 436 -4.58 -32.16 28.61
N TYR A 437 -3.41 -31.58 28.37
CA TYR A 437 -3.08 -30.27 28.91
C TYR A 437 -4.08 -29.23 28.44
N TRP A 438 -4.54 -29.33 27.19
CA TRP A 438 -5.43 -28.30 26.66
C TRP A 438 -6.88 -28.50 27.10
N GLN A 439 -7.33 -29.75 27.31
CA GLN A 439 -8.66 -29.89 27.91
C GLN A 439 -8.65 -29.62 29.40
N SER A 440 -7.47 -29.63 30.04
CA SER A 440 -7.40 -29.30 31.46
C SER A 440 -7.74 -27.85 31.75
N GLN A 441 -7.72 -26.97 30.73
CA GLN A 441 -7.91 -25.55 30.96
C GLN A 441 -9.39 -25.20 31.05
N ARG A 442 -9.68 -24.02 31.62
CA ARG A 442 -11.02 -23.48 31.73
C ARG A 442 -11.01 -22.01 31.31
N LEU A 443 -12.16 -21.51 30.86
CA LEU A 443 -12.28 -20.16 30.34
C LEU A 443 -13.25 -19.33 31.16
N THR A 444 -13.17 -18.02 30.96
CA THR A 444 -14.08 -17.10 31.65
C THR A 444 -15.32 -16.84 30.80
N PRO A 445 -16.44 -16.48 31.41
CA PRO A 445 -17.66 -16.23 30.63
C PRO A 445 -17.52 -15.03 29.71
N GLY A 446 -17.83 -15.24 28.43
CA GLY A 446 -17.87 -14.18 27.44
C GLY A 446 -16.55 -13.87 26.76
N ALA A 447 -15.43 -14.34 27.30
CA ALA A 447 -14.14 -14.10 26.66
C ALA A 447 -13.98 -15.01 25.46
N ARG A 448 -13.86 -14.41 24.28
CA ARG A 448 -13.72 -15.18 23.04
C ARG A 448 -12.31 -15.75 22.98
N ALA A 449 -12.11 -16.89 23.63
CA ALA A 449 -10.84 -17.59 23.56
C ALA A 449 -10.95 -18.74 22.58
N ARG A 450 -9.96 -18.83 21.71
CA ARG A 450 -9.93 -19.79 20.62
C ARG A 450 -8.98 -20.95 20.93
N GLY A 451 -9.20 -22.07 20.25
CA GLY A 451 -8.48 -23.29 20.51
C GLY A 451 -7.04 -23.30 20.02
N PRO A 452 -6.24 -24.21 20.58
CA PRO A 452 -4.84 -24.33 20.14
C PRO A 452 -4.72 -24.85 18.72
N ARG A 453 -3.62 -24.48 18.07
CA ARG A 453 -3.31 -24.87 16.70
C ARG A 453 -2.05 -25.71 16.68
N VAL A 454 -2.13 -26.90 16.08
CA VAL A 454 -1.02 -27.84 16.03
C VAL A 454 -0.74 -28.20 14.58
N ILE A 455 0.52 -28.15 14.18
CA ILE A 455 0.95 -28.49 12.83
C ILE A 455 2.15 -29.41 12.88
N PHE A 456 2.09 -30.51 12.13
CA PHE A 456 3.21 -31.42 11.99
C PHE A 456 3.93 -31.14 10.67
N LEU A 457 5.20 -30.73 10.76
CA LEU A 457 6.02 -30.48 9.57
C LEU A 457 6.80 -31.75 9.28
N SER A 458 6.38 -32.47 8.23
CA SER A 458 6.93 -33.83 7.99
C SER A 458 8.17 -33.89 7.09
N ASN A 459 9.27 -34.45 7.62
CA ASN A 459 10.50 -34.65 6.80
C ASN A 459 10.77 -33.44 5.92
N GLY A 460 11.32 -32.37 6.48
CA GLY A 460 11.73 -31.23 5.63
C GLY A 460 12.75 -31.72 4.62
N ALA A 461 13.40 -32.85 4.92
CA ALA A 461 14.38 -33.44 3.97
C ALA A 461 13.78 -33.49 2.57
N ASP A 462 14.55 -33.08 1.56
CA ASP A 462 14.07 -33.06 0.20
C ASP A 462 15.09 -33.66 -0.77
N GLN A 463 14.76 -33.56 -2.06
CA GLN A 463 15.71 -33.75 -3.15
C GLN A 463 16.23 -35.19 -3.25
N ASN A 464 15.66 -36.10 -2.49
CA ASN A 464 16.11 -37.49 -2.48
C ASN A 464 14.97 -38.49 -2.62
N GLY A 465 13.75 -38.13 -2.23
CA GLY A 465 12.67 -39.09 -2.21
C GLY A 465 12.70 -39.93 -0.95
N ASN A 466 11.56 -40.11 -0.30
CA ASN A 466 11.51 -40.80 0.99
C ASN A 466 10.31 -41.74 1.02
N VAL A 467 10.50 -42.91 1.64
CA VAL A 467 9.39 -43.83 1.83
C VAL A 467 8.94 -43.81 3.29
N TYR A 468 9.90 -43.75 4.21
CA TYR A 468 9.57 -43.54 5.62
C TYR A 468 8.83 -42.22 5.80
N GLY A 469 9.18 -41.22 4.99
CA GLY A 469 8.40 -39.98 4.99
C GLY A 469 6.95 -40.20 4.64
N ARG A 470 6.68 -41.02 3.62
CA ARG A 470 5.29 -41.31 3.27
C ARG A 470 4.57 -42.06 4.38
N ILE A 471 5.24 -43.04 5.01
CA ILE A 471 4.59 -43.80 6.07
C ILE A 471 4.29 -42.90 7.27
N GLN A 472 5.24 -42.00 7.60
CA GLN A 472 5.00 -41.02 8.66
C GLN A 472 3.84 -40.11 8.30
N SER A 473 3.79 -39.66 7.03
CA SER A 473 2.72 -38.77 6.62
C SER A 473 1.37 -39.45 6.76
N ALA A 474 1.25 -40.71 6.34
CA ALA A 474 -0.02 -41.42 6.48
C ALA A 474 -0.40 -41.58 7.95
N ALA A 475 0.55 -42.01 8.78
CA ALA A 475 0.26 -42.20 10.19
C ALA A 475 -0.18 -40.90 10.86
N ILE A 476 0.55 -39.82 10.61
CA ILE A 476 0.25 -38.54 11.23
C ILE A 476 -1.07 -37.99 10.71
N GLY A 477 -1.37 -38.22 9.43
CA GLY A 477 -2.64 -37.76 8.89
C GLY A 477 -3.82 -38.47 9.53
N GLN A 478 -3.72 -39.79 9.68
CA GLN A 478 -4.77 -40.51 10.40
C GLN A 478 -4.90 -40.04 11.84
N LEU A 479 -3.77 -39.80 12.49
CA LEU A 479 -3.79 -39.27 13.86
C LEU A 479 -4.50 -37.92 13.91
N ILE A 480 -4.20 -37.04 12.97
CA ILE A 480 -4.83 -35.71 12.94
C ILE A 480 -6.33 -35.85 12.72
N ARG A 481 -6.73 -36.72 11.80
CA ARG A 481 -8.16 -36.89 11.53
C ARG A 481 -8.90 -37.35 12.78
N VAL A 482 -8.41 -38.42 13.40
CA VAL A 482 -9.10 -38.96 14.57
C VAL A 482 -9.04 -37.98 15.73
N TRP A 483 -7.93 -37.24 15.87
CA TRP A 483 -7.78 -36.28 16.95
C TRP A 483 -8.74 -35.12 16.78
N ARG A 484 -8.90 -34.62 15.55
CA ARG A 484 -9.86 -33.56 15.31
C ARG A 484 -11.28 -34.03 15.62
N HIS A 485 -11.63 -35.26 15.22
CA HIS A 485 -12.95 -35.78 15.57
C HIS A 485 -13.13 -35.85 17.08
N GLU A 486 -12.10 -36.35 17.79
CA GLU A 486 -12.17 -36.44 19.24
C GLU A 486 -12.40 -35.07 19.87
N ALA A 487 -11.57 -34.09 19.51
CA ALA A 487 -11.67 -32.77 20.11
C ALA A 487 -12.99 -32.10 19.75
N GLU A 488 -13.50 -32.36 18.54
CA GLU A 488 -14.76 -31.77 18.13
C GLU A 488 -15.91 -32.28 18.97
N LEU A 489 -16.04 -33.62 19.10
CA LEU A 489 -17.13 -34.14 19.91
C LEU A 489 -16.94 -33.80 21.39
N ASP A 490 -15.68 -33.70 21.85
CA ASP A 490 -15.44 -33.28 23.22
C ASP A 490 -15.89 -31.85 23.45
N TYR A 491 -15.67 -30.97 22.46
CA TYR A 491 -16.11 -29.59 22.60
C TYR A 491 -17.63 -29.50 22.58
N GLN A 492 -18.30 -30.31 21.75
CA GLN A 492 -19.75 -30.35 21.83
C GLN A 492 -20.24 -30.87 23.16
N ARG A 493 -19.54 -31.85 23.74
CA ARG A 493 -19.89 -32.32 25.08
C ARG A 493 -19.74 -31.20 26.10
N ALA A 494 -18.66 -30.44 26.02
CA ALA A 494 -18.43 -29.34 26.96
C ALA A 494 -19.49 -28.25 26.79
N SER A 495 -19.84 -27.93 25.54
CA SER A 495 -20.86 -26.92 25.29
C SER A 495 -22.22 -27.37 25.82
N ALA A 496 -22.54 -28.65 25.65
CA ALA A 496 -23.76 -29.18 26.25
C ALA A 496 -23.73 -29.09 27.76
N ALA A 497 -22.56 -29.33 28.37
CA ALA A 497 -22.39 -29.15 29.81
C ALA A 497 -22.31 -27.69 30.22
N GLY A 498 -22.20 -26.77 29.27
CA GLY A 498 -22.15 -25.36 29.58
C GLY A 498 -20.82 -24.84 30.08
N ASP A 499 -19.82 -25.71 30.22
CA ASP A 499 -18.53 -25.29 30.72
C ASP A 499 -17.78 -24.48 29.68
N HIS A 500 -17.12 -23.42 30.12
CA HIS A 500 -16.29 -22.58 29.25
C HIS A 500 -14.97 -23.31 29.05
N VAL A 501 -14.86 -24.02 27.93
CA VAL A 501 -13.71 -24.86 27.62
C VAL A 501 -13.13 -24.39 26.29
N LEU A 502 -11.83 -24.64 26.10
CA LEU A 502 -11.16 -24.21 24.89
C LEU A 502 -11.82 -24.84 23.67
N PRO A 503 -11.90 -24.12 22.55
CA PRO A 503 -12.48 -24.68 21.33
C PRO A 503 -11.70 -25.90 20.85
N PRO A 504 -12.27 -26.68 19.93
CA PRO A 504 -11.64 -27.96 19.55
C PRO A 504 -10.21 -27.76 19.05
N VAL A 505 -9.34 -28.70 19.41
CA VAL A 505 -7.97 -28.67 18.92
C VAL A 505 -7.98 -28.81 17.41
N TRP A 506 -7.28 -27.89 16.74
CA TRP A 506 -7.20 -27.89 15.28
C TRP A 506 -5.78 -28.27 14.90
N ALA A 507 -5.64 -29.33 14.10
CA ALA A 507 -4.34 -29.87 13.75
C ALA A 507 -4.26 -30.08 12.24
N ASN A 508 -3.04 -30.01 11.72
CA ASN A 508 -2.78 -30.15 10.29
C ASN A 508 -1.38 -30.68 10.07
N GLN A 509 -1.09 -31.03 8.82
CA GLN A 509 0.21 -31.54 8.43
C GLN A 509 0.71 -30.78 7.21
N ILE A 510 2.02 -30.57 7.14
CA ILE A 510 2.67 -29.89 6.02
C ILE A 510 3.76 -30.79 5.48
N VAL A 511 3.65 -31.14 4.20
CA VAL A 511 4.57 -32.04 3.52
C VAL A 511 5.59 -31.20 2.76
N ARG A 512 6.83 -31.70 2.67
CA ARG A 512 7.90 -30.90 2.00
C ARG A 512 8.67 -31.77 0.99
N PHE A 513 8.85 -33.07 1.28
CA PHE A 513 9.68 -33.93 0.39
C PHE A 513 9.36 -33.61 -1.09
N ALA A 514 8.09 -33.35 -1.39
CA ALA A 514 7.68 -33.10 -2.80
C ALA A 514 8.21 -31.74 -3.29
N ASN A 515 9.39 -31.31 -2.82
CA ASN A 515 9.97 -30.08 -3.32
C ASN A 515 11.37 -30.32 -3.90
N ARG A 516 11.57 -29.82 -5.12
CA ARG A 516 12.86 -29.89 -5.81
C ARG A 516 13.67 -28.60 -5.68
N SER A 517 13.05 -27.50 -5.28
CA SER A 517 13.69 -26.19 -5.30
C SER A 517 14.36 -25.88 -3.95
N LEU A 518 14.92 -24.68 -3.85
CA LEU A 518 15.56 -24.25 -2.61
C LEU A 518 14.60 -23.51 -1.70
N GLU A 519 13.71 -22.69 -2.26
CA GLU A 519 12.84 -21.81 -1.50
C GLU A 519 11.68 -22.54 -0.85
N GLY A 520 11.68 -23.87 -0.85
CA GLY A 520 10.57 -24.60 -0.25
C GLY A 520 10.47 -24.41 1.25
N LEU A 521 11.63 -24.34 1.93
CA LEU A 521 11.64 -24.25 3.38
C LEU A 521 11.00 -22.96 3.87
N GLU A 522 11.33 -21.84 3.23
CA GLU A 522 10.76 -20.55 3.65
C GLU A 522 9.25 -20.53 3.40
N PHE A 523 8.81 -21.08 2.28
CA PHE A 523 7.38 -21.15 1.98
C PHE A 523 6.65 -22.02 3.01
N ALA A 524 7.25 -23.15 3.38
CA ALA A 524 6.64 -24.02 4.38
C ALA A 524 6.57 -23.34 5.73
N CYS A 525 7.64 -22.63 6.13
CA CYS A 525 7.62 -21.91 7.40
C CYS A 525 6.56 -20.81 7.39
N ALA A 526 6.44 -20.11 6.27
CA ALA A 526 5.43 -19.05 6.15
C ALA A 526 4.02 -19.63 6.30
N TRP A 527 3.75 -20.75 5.64
CA TRP A 527 2.43 -21.36 5.79
C TRP A 527 2.23 -21.92 7.18
N THR A 528 3.30 -22.41 7.81
CA THR A 528 3.19 -22.87 9.20
C THR A 528 2.75 -21.73 10.11
N ALA A 529 3.41 -20.58 9.98
CA ALA A 529 3.01 -19.41 10.77
C ALA A 529 1.59 -18.97 10.42
N GLN A 530 1.23 -19.04 9.14
CA GLN A 530 -0.10 -18.65 8.70
C GLN A 530 -1.17 -19.50 9.36
N LEU A 531 -0.96 -20.82 9.38
CA LEU A 531 -1.93 -21.72 10.00
C LEU A 531 -1.90 -21.60 11.52
N LEU A 532 -0.74 -21.28 12.09
CA LEU A 532 -0.64 -21.15 13.55
C LEU A 532 -1.38 -19.91 14.05
N HIS A 533 -1.21 -18.78 13.37
CA HIS A 533 -1.54 -17.49 13.95
C HIS A 533 -2.84 -16.88 13.45
N SER A 534 -3.23 -17.13 12.21
CA SER A 534 -4.41 -16.47 11.66
C SER A 534 -5.68 -17.22 12.04
N GLN A 535 -6.79 -16.79 11.45
CA GLN A 535 -8.09 -17.42 11.63
C GLN A 535 -8.36 -18.51 10.60
N ARG A 536 -7.41 -18.78 9.70
CA ARG A 536 -7.63 -19.66 8.57
C ARG A 536 -7.88 -21.10 9.03
N HIS A 537 -8.86 -21.74 8.40
CA HIS A 537 -9.09 -23.17 8.55
C HIS A 537 -8.98 -23.85 7.19
N ILE A 538 -8.47 -25.07 7.19
CA ILE A 538 -8.40 -25.89 5.99
C ILE A 538 -9.03 -27.25 6.29
N ASN A 539 -10.03 -27.62 5.49
CA ASN A 539 -10.76 -28.86 5.72
C ASN A 539 -9.82 -30.06 5.61
N GLU A 540 -8.97 -30.09 4.60
CA GLU A 540 -8.08 -31.22 4.41
C GLU A 540 -6.98 -31.23 5.47
N ILE A 541 -6.43 -32.42 5.71
CA ILE A 541 -5.44 -32.59 6.75
C ILE A 541 -4.02 -32.45 6.19
N THR A 542 -3.78 -32.99 5.01
CA THR A 542 -2.46 -33.02 4.41
C THR A 542 -2.37 -31.93 3.33
N LEU A 543 -1.29 -31.16 3.36
CA LEU A 543 -1.05 -30.08 2.41
C LEU A 543 0.34 -30.26 1.83
N ASN A 544 0.41 -30.63 0.55
CA ASN A 544 1.68 -30.86 -0.10
C ASN A 544 2.21 -29.57 -0.73
N ILE A 545 3.50 -29.52 -0.99
CA ILE A 545 4.11 -28.36 -1.65
C ILE A 545 4.44 -28.74 -3.09
N PRO A 546 4.09 -27.91 -4.07
CA PRO A 546 4.41 -28.23 -5.47
C PRO A 546 5.91 -28.34 -5.69
N ALA A 547 6.28 -29.22 -6.62
CA ALA A 547 7.69 -29.50 -6.87
C ALA A 547 8.44 -28.30 -7.40
N ASN A 548 7.77 -27.40 -8.12
CA ASN A 548 8.41 -26.19 -8.62
C ASN A 548 7.47 -25.02 -8.35
N ILE A 549 7.97 -24.05 -7.57
CA ILE A 549 7.10 -22.91 -7.15
C ILE A 549 6.87 -21.95 -8.32
N SER A 550 6.07 -22.36 -9.30
CA SER A 550 5.71 -21.46 -10.42
C SER A 550 4.19 -21.27 -10.41
N ALA A 551 3.60 -21.25 -9.22
CA ALA A 551 2.12 -21.19 -9.11
C ALA A 551 1.66 -19.75 -8.82
N THR A 552 2.44 -18.94 -8.12
CA THR A 552 1.99 -17.57 -7.90
C THR A 552 3.11 -16.60 -8.24
N THR A 553 3.19 -16.21 -9.51
CA THR A 553 4.26 -15.37 -10.04
C THR A 553 5.59 -16.07 -9.88
N GLY A 554 6.39 -15.63 -8.90
CA GLY A 554 7.70 -16.18 -8.59
C GLY A 554 8.30 -15.42 -7.42
N ALA A 555 9.05 -14.36 -7.73
CA ALA A 555 9.54 -13.34 -6.81
C ALA A 555 10.53 -13.86 -5.77
N ARG A 556 10.84 -15.16 -5.75
CA ARG A 556 11.60 -15.74 -4.64
C ARG A 556 10.87 -15.36 -3.37
N SER A 557 11.58 -14.86 -2.36
CA SER A 557 10.90 -14.19 -1.25
C SER A 557 10.11 -13.02 -1.83
N ALA A 558 8.77 -13.11 -1.76
CA ALA A 558 7.89 -12.24 -2.55
C ALA A 558 8.20 -10.75 -2.42
N SER A 559 8.33 -10.19 -1.21
CA SER A 559 8.02 -10.80 0.08
C SER A 559 6.89 -10.00 0.72
N VAL A 560 7.12 -8.69 0.79
CA VAL A 560 6.30 -7.70 1.48
C VAL A 560 7.17 -6.49 1.78
N GLY A 561 8.43 -6.76 2.13
CA GLY A 561 9.37 -5.74 2.55
C GLY A 561 9.68 -4.72 1.45
N TRP A 562 9.75 -3.45 1.85
CA TRP A 562 10.26 -2.33 1.07
C TRP A 562 9.27 -1.86 -0.01
N ALA A 563 8.24 -2.65 -0.31
CA ALA A 563 7.05 -2.19 -1.01
C ALA A 563 5.96 -3.26 -1.08
N GLU A 564 4.82 -3.03 -0.44
CA GLU A 564 3.57 -3.69 -0.81
C GLU A 564 2.45 -2.67 -0.74
N SER A 565 2.66 -1.61 0.04
CA SER A 565 1.76 -0.48 0.11
C SER A 565 1.83 0.39 -1.15
N LEU A 566 2.75 0.08 -2.07
CA LEU A 566 3.09 0.93 -3.19
C LEU A 566 2.53 0.41 -4.51
N ILE A 567 2.58 -0.90 -4.73
CA ILE A 567 2.20 -1.46 -6.02
C ILE A 567 0.69 -1.29 -6.23
N GLY A 568 0.31 -0.96 -7.46
CA GLY A 568 -1.08 -0.85 -7.84
C GLY A 568 -1.71 0.51 -7.61
N LEU A 569 -0.97 1.44 -7.01
CA LEU A 569 -1.54 2.76 -6.71
C LEU A 569 -1.70 3.60 -7.96
N HIS A 570 -0.89 3.35 -8.99
CA HIS A 570 -0.92 4.16 -10.21
C HIS A 570 -1.02 3.29 -11.46
N LEU A 571 -1.75 2.19 -11.39
CA LEU A 571 -1.94 1.35 -12.57
C LEU A 571 -2.91 2.04 -13.53
N GLY A 572 -2.59 1.95 -14.83
CA GLY A 572 -3.40 2.57 -15.86
C GLY A 572 -2.96 3.96 -16.26
N LYS A 573 -1.91 4.49 -15.66
CA LYS A 573 -1.43 5.83 -15.99
C LYS A 573 -0.22 5.75 -16.91
N VAL A 574 0.03 6.86 -17.60
CA VAL A 574 1.21 7.01 -18.45
C VAL A 574 1.98 8.23 -17.96
N ALA A 575 3.28 8.05 -17.69
CA ALA A 575 4.09 9.07 -17.08
C ALA A 575 5.37 9.30 -17.89
N LEU A 576 5.63 10.56 -18.22
CA LEU A 576 6.86 10.98 -18.87
C LEU A 576 7.66 11.80 -17.86
N ILE A 577 8.89 11.35 -17.57
CA ILE A 577 9.75 12.02 -16.60
C ILE A 577 11.00 12.49 -17.35
N THR A 578 11.44 13.70 -17.05
CA THR A 578 12.63 14.25 -17.69
C THR A 578 13.84 14.16 -16.76
N GLY A 579 15.00 13.95 -17.37
CA GLY A 579 16.23 13.88 -16.59
C GLY A 579 16.28 12.73 -15.62
N GLY A 580 15.86 11.54 -16.05
CA GLY A 580 15.81 10.37 -15.20
C GLY A 580 17.03 9.48 -15.23
N SER A 581 18.18 9.99 -15.68
CA SER A 581 19.40 9.21 -15.80
C SER A 581 19.89 8.66 -14.46
N ALA A 582 19.89 9.47 -13.41
CA ALA A 582 20.37 9.02 -12.10
C ALA A 582 19.80 9.96 -11.04
N GLY A 583 19.93 9.54 -9.78
CA GLY A 583 19.51 10.39 -8.70
C GLY A 583 18.00 10.35 -8.50
N ILE A 584 17.45 11.51 -8.13
CA ILE A 584 16.04 11.60 -7.78
C ILE A 584 15.16 11.20 -8.96
N GLY A 585 15.58 11.55 -10.17
CA GLY A 585 14.79 11.15 -11.34
C GLY A 585 14.72 9.65 -11.52
N GLY A 586 15.87 8.97 -11.40
CA GLY A 586 15.87 7.53 -11.49
C GLY A 586 15.05 6.88 -10.39
N GLN A 587 15.19 7.38 -9.16
CA GLN A 587 14.43 6.82 -8.06
C GLN A 587 12.94 6.98 -8.25
N ILE A 588 12.49 8.19 -8.65
CA ILE A 588 11.06 8.40 -8.82
C ILE A 588 10.53 7.56 -9.97
N GLY A 589 11.28 7.49 -11.07
CA GLY A 589 10.83 6.68 -12.20
C GLY A 589 10.68 5.22 -11.84
N ARG A 590 11.71 4.65 -11.19
CA ARG A 590 11.66 3.24 -10.80
C ARG A 590 10.53 2.98 -9.82
N LEU A 591 10.42 3.82 -8.79
CA LEU A 591 9.45 3.58 -7.73
C LEU A 591 8.02 3.75 -8.24
N LEU A 592 7.80 4.68 -9.18
CA LEU A 592 6.47 4.80 -9.77
C LEU A 592 6.21 3.67 -10.76
N ALA A 593 7.26 3.15 -11.41
CA ALA A 593 7.11 2.01 -12.29
C ALA A 593 6.63 0.79 -11.51
N LEU A 594 7.18 0.59 -10.30
CA LEU A 594 6.70 -0.50 -9.45
C LEU A 594 5.24 -0.30 -9.06
N SER A 595 4.73 0.94 -9.14
CA SER A 595 3.35 1.20 -8.76
C SER A 595 2.35 0.81 -9.83
N GLY A 596 2.80 0.46 -11.03
CA GLY A 596 1.90 -0.03 -12.07
C GLY A 596 1.73 0.87 -13.27
N ALA A 597 2.46 1.98 -13.36
CA ALA A 597 2.34 2.87 -14.50
C ALA A 597 3.41 2.57 -15.55
N ARG A 598 3.29 3.23 -16.69
CA ARG A 598 4.25 3.07 -17.77
C ARG A 598 5.17 4.29 -17.80
N VAL A 599 6.48 4.04 -17.84
CA VAL A 599 7.48 5.08 -17.62
C VAL A 599 8.28 5.31 -18.91
N MET A 600 8.55 6.58 -19.19
CA MET A 600 9.24 7.01 -20.39
C MET A 600 10.47 7.80 -19.96
N LEU A 601 11.59 7.10 -19.77
CA LEU A 601 12.81 7.67 -19.22
C LEU A 601 13.54 8.46 -20.29
N ALA A 602 13.69 9.77 -20.08
CA ALA A 602 14.36 10.65 -21.03
C ALA A 602 15.51 11.39 -20.35
N ALA A 603 16.70 11.27 -20.95
CA ALA A 603 17.89 11.99 -20.50
C ALA A 603 18.94 11.88 -21.60
N ARG A 604 20.16 12.29 -21.28
CA ARG A 604 21.22 12.41 -22.28
C ARG A 604 22.04 11.14 -22.45
N ASP A 605 22.68 10.67 -21.36
CA ASP A 605 23.62 9.57 -21.47
C ASP A 605 22.88 8.25 -21.68
N ARG A 606 23.17 7.58 -22.80
CA ARG A 606 22.42 6.37 -23.15
C ARG A 606 22.75 5.21 -22.22
N HIS A 607 24.01 5.11 -21.78
CA HIS A 607 24.43 3.95 -21.00
C HIS A 607 23.73 3.91 -19.64
N LYS A 608 23.70 5.04 -18.96
CA LYS A 608 23.00 5.09 -17.67
C LYS A 608 21.52 4.82 -17.84
N LEU A 609 20.92 5.33 -18.92
CA LEU A 609 19.51 5.09 -19.18
C LEU A 609 19.23 3.60 -19.39
N GLU A 610 20.06 2.92 -20.18
CA GLU A 610 19.80 1.50 -20.43
C GLU A 610 20.04 0.67 -19.16
N GLN A 611 21.05 1.04 -18.37
CA GLN A 611 21.26 0.35 -17.10
C GLN A 611 20.06 0.53 -16.18
N MET A 612 19.55 1.76 -16.09
CA MET A 612 18.43 2.05 -15.21
C MET A 612 17.17 1.31 -15.68
N GLN A 613 16.94 1.29 -16.99
CA GLN A 613 15.81 0.55 -17.54
C GLN A 613 15.92 -0.93 -17.26
N ALA A 614 17.13 -1.48 -17.41
CA ALA A 614 17.33 -2.90 -17.14
C ALA A 614 17.03 -3.23 -15.69
N MET A 615 17.52 -2.41 -14.75
CA MET A 615 17.26 -2.68 -13.35
C MET A 615 15.78 -2.52 -13.01
N ILE A 616 15.14 -1.50 -13.60
CA ILE A 616 13.72 -1.28 -13.34
C ILE A 616 12.90 -2.46 -13.84
N GLN A 617 13.19 -2.93 -15.05
CA GLN A 617 12.41 -4.04 -15.60
C GLN A 617 12.72 -5.34 -14.89
N SER A 618 13.95 -5.49 -14.38
CA SER A 618 14.27 -6.65 -13.56
C SER A 618 13.45 -6.65 -12.28
N GLU A 619 13.35 -5.51 -11.62
CA GLU A 619 12.52 -5.42 -10.42
C GLU A 619 11.05 -5.67 -10.74
N LEU A 620 10.57 -5.13 -11.86
CA LEU A 620 9.18 -5.33 -12.26
C LEU A 620 8.89 -6.81 -12.52
N ALA A 621 9.80 -7.49 -13.20
CA ALA A 621 9.64 -8.92 -13.42
C ALA A 621 9.66 -9.69 -12.10
N GLU A 622 10.55 -9.29 -11.19
CA GLU A 622 10.61 -9.96 -9.89
C GLU A 622 9.33 -9.78 -9.09
N VAL A 623 8.70 -8.60 -9.14
CA VAL A 623 7.56 -8.33 -8.27
C VAL A 623 6.26 -8.89 -8.82
N GLY A 624 6.30 -9.68 -9.89
CA GLY A 624 5.13 -10.37 -10.39
C GLY A 624 4.45 -9.72 -11.57
N TYR A 625 4.97 -8.61 -12.08
CA TYR A 625 4.34 -7.95 -13.22
C TYR A 625 4.60 -8.73 -14.50
N THR A 626 3.79 -8.45 -15.52
CA THR A 626 3.86 -9.13 -16.80
C THR A 626 4.26 -8.16 -17.90
N ASP A 627 5.12 -8.63 -18.80
CA ASP A 627 5.56 -7.87 -19.97
C ASP A 627 6.23 -6.56 -19.55
N VAL A 628 7.37 -6.67 -18.86
CA VAL A 628 8.11 -5.51 -18.41
C VAL A 628 8.64 -4.68 -19.58
N GLU A 629 8.72 -5.27 -20.78
CA GLU A 629 9.28 -4.56 -21.91
C GLU A 629 8.38 -3.43 -22.39
N ASP A 630 7.07 -3.54 -22.15
CA ASP A 630 6.14 -2.51 -22.56
C ASP A 630 5.83 -1.51 -21.44
N ARG A 631 6.48 -1.64 -20.28
CA ARG A 631 6.27 -0.72 -19.18
C ARG A 631 7.31 0.39 -19.11
N VAL A 632 8.52 0.16 -19.64
CA VAL A 632 9.59 1.15 -19.55
C VAL A 632 10.22 1.35 -20.92
N HIS A 633 10.29 2.61 -21.36
CA HIS A 633 10.96 2.96 -22.61
C HIS A 633 12.01 4.03 -22.34
N ILE A 634 12.98 4.13 -23.25
CA ILE A 634 14.11 5.03 -23.10
C ILE A 634 14.23 5.94 -24.31
N ALA A 635 14.61 7.19 -24.05
CA ALA A 635 14.86 8.18 -25.09
C ALA A 635 16.20 8.86 -24.82
N PRO A 636 17.30 8.21 -25.14
CA PRO A 636 18.62 8.84 -24.95
C PRO A 636 18.87 9.91 -26.00
N GLY A 637 19.80 10.81 -25.67
CA GLY A 637 20.16 11.87 -26.58
C GLY A 637 19.16 13.00 -26.65
N CYS A 638 18.26 13.11 -25.68
CA CYS A 638 17.27 14.18 -25.62
C CYS A 638 17.76 15.23 -24.63
N ASP A 639 18.48 16.23 -25.13
CA ASP A 639 18.99 17.32 -24.31
C ASP A 639 17.86 18.33 -24.15
N VAL A 640 17.50 18.62 -22.89
CA VAL A 640 16.39 19.51 -22.60
C VAL A 640 16.64 20.94 -23.06
N SER A 641 17.88 21.29 -23.37
CA SER A 641 18.22 22.66 -23.75
C SER A 641 17.78 23.02 -25.17
N SER A 642 17.30 22.05 -25.95
CA SER A 642 16.88 22.30 -27.33
C SER A 642 15.40 22.01 -27.47
N GLU A 643 14.67 22.95 -28.07
CA GLU A 643 13.24 22.78 -28.26
C GLU A 643 12.92 21.63 -29.22
N ALA A 644 13.74 21.48 -30.27
CA ALA A 644 13.50 20.41 -31.23
C ALA A 644 13.60 19.03 -30.59
N GLN A 645 14.58 18.86 -29.70
CA GLN A 645 14.69 17.59 -28.98
C GLN A 645 13.48 17.37 -28.07
N LEU A 646 12.95 18.43 -27.47
CA LEU A 646 11.75 18.30 -26.66
C LEU A 646 10.56 17.87 -27.51
N ALA A 647 10.43 18.44 -28.71
CA ALA A 647 9.35 18.02 -29.61
C ALA A 647 9.53 16.56 -30.03
N ASP A 648 10.78 16.15 -30.28
CA ASP A 648 11.03 14.75 -30.61
C ASP A 648 10.64 13.84 -29.45
N LEU A 649 10.97 14.22 -28.22
CA LEU A 649 10.57 13.44 -27.06
C LEU A 649 9.07 13.34 -26.95
N VAL A 650 8.37 14.46 -27.18
CA VAL A 650 6.91 14.46 -27.09
C VAL A 650 6.31 13.52 -28.11
N GLU A 651 6.75 13.62 -29.37
CA GLU A 651 6.17 12.78 -30.42
C GLU A 651 6.52 11.31 -30.19
N ARG A 652 7.73 11.04 -29.71
CA ARG A 652 8.13 9.66 -29.48
C ARG A 652 7.33 9.02 -28.35
N THR A 653 7.14 9.75 -27.24
CA THR A 653 6.34 9.18 -26.15
C THR A 653 4.88 9.04 -26.56
N LEU A 654 4.36 9.97 -27.36
CA LEU A 654 3.00 9.82 -27.86
C LEU A 654 2.87 8.59 -28.75
N SER A 655 3.85 8.34 -29.62
CA SER A 655 3.82 7.13 -30.44
C SER A 655 3.93 5.88 -29.59
N ALA A 656 4.76 5.92 -28.55
CA ALA A 656 4.99 4.73 -27.73
C ALA A 656 3.76 4.37 -26.91
N PHE A 657 3.35 5.27 -26.00
CA PHE A 657 2.28 4.95 -25.06
C PHE A 657 1.00 5.77 -25.26
N GLY A 658 0.89 6.55 -26.32
CA GLY A 658 -0.34 7.28 -26.52
C GLY A 658 -0.40 8.54 -25.65
N THR A 659 -1.59 8.81 -25.13
CA THR A 659 -1.80 9.99 -24.32
C THR A 659 -1.05 9.87 -22.99
N VAL A 660 -0.42 10.96 -22.57
CA VAL A 660 0.38 10.98 -21.36
C VAL A 660 -0.38 11.71 -20.26
N ASP A 661 -0.44 11.10 -19.07
CA ASP A 661 -1.17 11.71 -17.95
C ASP A 661 -0.23 12.51 -17.05
N TYR A 662 0.91 11.92 -16.68
CA TYR A 662 1.82 12.50 -15.69
C TYR A 662 3.03 13.07 -16.42
N LEU A 663 3.39 14.31 -16.07
CA LEU A 663 4.58 14.97 -16.61
C LEU A 663 5.47 15.40 -15.46
N ILE A 664 6.51 14.62 -15.19
CA ILE A 664 7.42 14.86 -14.08
C ILE A 664 8.65 15.56 -14.66
N ASN A 665 8.67 16.89 -14.60
CA ASN A 665 9.80 17.65 -15.14
C ASN A 665 10.83 17.81 -14.03
N ASN A 666 11.92 17.07 -14.19
CA ASN A 666 12.98 17.02 -13.18
C ASN A 666 14.32 17.48 -13.74
N ALA A 667 14.50 17.38 -15.06
CA ALA A 667 15.76 17.73 -15.69
C ALA A 667 16.16 19.17 -15.34
N GLY A 668 17.26 19.30 -14.61
CA GLY A 668 17.75 20.59 -14.20
C GLY A 668 19.22 20.55 -13.80
N ILE A 669 20.00 21.50 -14.28
CA ILE A 669 21.44 21.54 -14.03
C ILE A 669 21.73 22.56 -12.96
N ALA A 670 22.94 22.49 -12.40
CA ALA A 670 23.35 23.44 -11.38
C ALA A 670 23.41 24.86 -11.92
N GLY A 671 23.93 25.02 -13.14
CA GLY A 671 24.01 26.34 -13.75
C GLY A 671 25.42 26.77 -14.07
N VAL A 672 25.70 28.07 -13.95
CA VAL A 672 27.02 28.59 -14.30
C VAL A 672 28.00 28.37 -13.15
N GLU A 673 27.50 28.26 -11.91
CA GLU A 673 28.33 28.06 -10.73
C GLU A 673 29.33 29.21 -10.55
N GLU A 674 28.87 30.43 -10.83
CA GLU A 674 29.72 31.60 -10.76
C GLU A 674 28.92 32.76 -10.16
N MET A 675 29.65 33.75 -9.67
CA MET A 675 29.03 34.93 -9.07
C MET A 675 28.38 35.77 -10.16
N VAL A 676 27.42 36.61 -9.76
CA VAL A 676 26.66 37.40 -10.72
C VAL A 676 27.59 38.33 -11.51
N ILE A 677 28.48 39.04 -10.81
CA ILE A 677 29.44 39.89 -11.49
C ILE A 677 30.51 39.08 -12.21
N ASP A 678 30.51 37.76 -12.04
CA ASP A 678 31.39 36.86 -12.78
C ASP A 678 30.60 35.98 -13.75
N MET A 679 29.36 36.37 -14.08
CA MET A 679 28.45 35.50 -14.80
C MET A 679 28.38 35.91 -16.26
N PRO A 680 28.82 35.07 -17.20
CA PRO A 680 28.60 35.38 -18.62
C PRO A 680 27.12 35.36 -18.97
N VAL A 681 26.75 36.16 -19.97
CA VAL A 681 25.35 36.28 -20.35
C VAL A 681 24.85 34.99 -20.99
N GLU A 682 25.67 34.37 -21.84
CA GLU A 682 25.23 33.16 -22.54
C GLU A 682 24.96 32.01 -21.58
N GLY A 683 25.77 31.90 -20.51
CA GLY A 683 25.49 30.89 -19.50
C GLY A 683 24.18 31.14 -18.80
N TRP A 684 23.87 32.40 -18.51
CA TRP A 684 22.59 32.76 -17.91
C TRP A 684 21.44 32.36 -18.83
N ARG A 685 21.58 32.64 -20.13
CA ARG A 685 20.55 32.25 -21.08
C ARG A 685 20.39 30.73 -21.13
N HIS A 686 21.51 30.00 -21.15
CA HIS A 686 21.45 28.55 -21.23
C HIS A 686 20.76 27.96 -20.02
N THR A 687 21.10 28.43 -18.83
CA THR A 687 20.47 27.89 -17.62
C THR A 687 19.00 28.30 -17.54
N LEU A 688 18.67 29.47 -18.08
CA LEU A 688 17.26 29.87 -18.11
C LEU A 688 16.45 28.97 -19.02
N PHE A 689 16.99 28.65 -20.20
CA PHE A 689 16.32 27.69 -21.08
C PHE A 689 16.23 26.31 -20.42
N ALA A 690 17.30 25.87 -19.77
CA ALA A 690 17.33 24.52 -19.22
C ALA A 690 16.37 24.34 -18.06
N ASN A 691 16.31 25.32 -17.15
CA ASN A 691 15.58 25.15 -15.89
C ASN A 691 14.16 25.69 -15.91
N LEU A 692 13.89 26.75 -16.67
CA LEU A 692 12.59 27.42 -16.60
C LEU A 692 11.82 27.35 -17.91
N ILE A 693 12.45 27.70 -19.04
CA ILE A 693 11.72 27.79 -20.30
C ILE A 693 11.19 26.42 -20.71
N SER A 694 12.01 25.37 -20.57
CA SER A 694 11.60 24.04 -20.99
C SER A 694 10.39 23.55 -20.21
N ASN A 695 10.20 24.05 -18.98
CA ASN A 695 9.01 23.69 -18.22
C ASN A 695 7.75 24.09 -18.96
N TYR A 696 7.66 25.36 -19.37
CA TYR A 696 6.49 25.80 -20.12
C TYR A 696 6.47 25.18 -21.51
N SER A 697 7.64 24.89 -22.07
CA SER A 697 7.68 24.23 -23.37
C SER A 697 6.95 22.89 -23.33
N LEU A 698 7.33 22.03 -22.37
CA LEU A 698 6.68 20.73 -22.24
C LEU A 698 5.22 20.87 -21.81
N MET A 699 4.92 21.83 -20.93
CA MET A 699 3.55 22.03 -20.50
C MET A 699 2.67 22.42 -21.68
N ARG A 700 3.16 23.31 -22.53
CA ARG A 700 2.41 23.72 -23.73
C ARG A 700 2.24 22.55 -24.69
N LYS A 701 3.29 21.75 -24.88
CA LYS A 701 3.18 20.63 -25.80
C LYS A 701 2.19 19.58 -25.31
N LEU A 702 2.09 19.37 -23.99
CA LEU A 702 1.28 18.28 -23.47
C LEU A 702 -0.14 18.67 -23.06
N ALA A 703 -0.36 19.92 -22.64
CA ALA A 703 -1.63 20.28 -22.00
C ALA A 703 -2.88 19.96 -22.81
N PRO A 704 -2.94 20.22 -24.13
CA PRO A 704 -4.19 19.95 -24.84
C PRO A 704 -4.67 18.51 -24.73
N LEU A 705 -3.77 17.54 -24.74
CA LEU A 705 -4.18 16.14 -24.66
C LEU A 705 -4.77 15.81 -23.29
N MET A 706 -4.13 16.26 -22.21
CA MET A 706 -4.66 16.02 -20.87
C MET A 706 -6.00 16.72 -20.68
N LYS A 707 -6.15 17.92 -21.25
CA LYS A 707 -7.44 18.60 -21.13
C LYS A 707 -8.49 17.93 -22.01
N LYS A 708 -8.04 17.23 -23.06
CA LYS A 708 -8.97 16.44 -23.87
C LYS A 708 -9.47 15.23 -23.11
N GLN A 709 -8.57 14.54 -22.40
CA GLN A 709 -9.00 13.36 -21.65
C GLN A 709 -9.66 13.72 -20.33
N GLY A 710 -9.64 14.99 -19.92
CA GLY A 710 -10.30 15.41 -18.71
C GLY A 710 -9.50 15.27 -17.44
N SER A 711 -8.22 14.92 -17.53
CA SER A 711 -7.38 14.79 -16.34
C SER A 711 -5.93 14.96 -16.74
N GLY A 712 -5.09 15.29 -15.77
CA GLY A 712 -3.68 15.49 -16.03
C GLY A 712 -2.98 15.99 -14.79
N TYR A 713 -1.65 15.82 -14.80
CA TYR A 713 -0.82 16.23 -13.68
C TYR A 713 0.57 16.55 -14.17
N ILE A 714 1.13 17.67 -13.75
CA ILE A 714 2.50 18.05 -14.04
C ILE A 714 3.15 18.42 -12.71
N LEU A 715 4.38 17.95 -12.50
CA LEU A 715 5.11 18.16 -11.25
C LEU A 715 6.54 18.59 -11.58
N ASN A 716 6.93 19.76 -11.09
CA ASN A 716 8.27 20.30 -11.28
C ASN A 716 9.12 19.97 -10.05
N VAL A 717 10.31 19.44 -10.29
CA VAL A 717 11.21 19.06 -9.20
C VAL A 717 12.10 20.25 -8.89
N SER A 718 11.65 21.10 -7.97
CA SER A 718 12.36 22.26 -7.49
C SER A 718 13.29 21.87 -6.33
N SER A 719 13.78 22.87 -5.60
CA SER A 719 14.58 22.63 -4.40
C SER A 719 14.21 23.68 -3.35
N TYR A 720 14.64 23.44 -2.11
CA TYR A 720 14.27 24.32 -1.01
C TYR A 720 14.92 25.69 -1.11
N PHE A 721 16.06 25.77 -1.80
CA PHE A 721 16.99 26.88 -1.61
C PHE A 721 16.65 28.11 -2.45
N GLY A 722 15.39 28.28 -2.84
CA GLY A 722 15.01 29.45 -3.62
C GLY A 722 13.99 30.37 -2.98
N GLY A 723 13.34 29.96 -1.90
CA GLY A 723 12.37 30.81 -1.24
C GLY A 723 10.99 30.18 -1.15
N GLU A 724 10.04 31.04 -0.75
CA GLU A 724 8.67 30.61 -0.47
C GLU A 724 7.78 31.84 -0.58
N LYS A 725 6.46 31.63 -0.44
CA LYS A 725 5.51 32.74 -0.36
C LYS A 725 5.96 33.77 0.68
N ASP A 726 6.08 35.03 0.23
CA ASP A 726 6.37 36.18 1.08
C ASP A 726 7.63 36.01 1.90
N ALA A 727 8.54 35.13 1.50
CA ALA A 727 9.79 34.91 2.21
C ALA A 727 10.80 34.33 1.22
N ALA A 728 11.80 35.14 0.87
CA ALA A 728 12.85 34.72 -0.05
C ALA A 728 14.03 34.14 0.72
N ILE A 729 14.82 33.34 0.03
CA ILE A 729 15.98 32.68 0.62
C ILE A 729 17.19 32.95 -0.28
N PRO A 730 18.20 33.67 0.20
CA PRO A 730 19.42 33.85 -0.59
C PRO A 730 20.16 32.54 -0.75
N TYR A 731 20.94 32.43 -1.82
CA TYR A 731 21.70 31.22 -2.12
C TYR A 731 22.87 31.68 -2.99
N PRO A 732 23.94 32.17 -2.37
CA PRO A 732 24.93 32.98 -3.10
C PRO A 732 25.72 32.16 -4.12
N ASN A 733 26.30 32.88 -5.08
CA ASN A 733 27.08 32.34 -6.20
C ASN A 733 26.22 31.49 -7.13
N ARG A 734 24.92 31.40 -6.87
CA ARG A 734 24.00 30.53 -7.60
C ARG A 734 22.70 31.25 -7.92
N ALA A 735 22.78 32.52 -8.32
CA ALA A 735 21.58 33.32 -8.50
C ALA A 735 20.69 32.76 -9.60
N ASP A 736 21.28 32.25 -10.67
CA ASP A 736 20.51 31.72 -11.79
C ASP A 736 19.63 30.55 -11.35
N TYR A 737 20.20 29.63 -10.56
CA TYR A 737 19.43 28.50 -10.07
C TYR A 737 18.26 28.97 -9.22
N ALA A 738 18.50 29.94 -8.34
CA ALA A 738 17.45 30.44 -7.46
C ALA A 738 16.33 31.12 -8.24
N VAL A 739 16.69 31.95 -9.23
CA VAL A 739 15.67 32.67 -9.97
C VAL A 739 14.87 31.70 -10.84
N SER A 740 15.53 30.71 -11.45
CA SER A 740 14.81 29.71 -12.21
C SER A 740 13.88 28.90 -11.32
N LYS A 741 14.34 28.59 -10.10
CA LYS A 741 13.50 27.88 -9.13
C LYS A 741 12.25 28.69 -8.79
N ALA A 742 12.43 29.97 -8.47
CA ALA A 742 11.29 30.82 -8.18
C ALA A 742 10.38 30.93 -9.40
N GLY A 743 10.96 30.89 -10.60
CA GLY A 743 10.14 30.88 -11.80
C GLY A 743 9.28 29.63 -11.91
N GLN A 744 9.85 28.48 -11.55
CA GLN A 744 9.07 27.25 -11.55
C GLN A 744 7.91 27.33 -10.56
N ARG A 745 8.19 27.77 -9.33
CA ARG A 745 7.11 27.89 -8.35
C ARG A 745 6.05 28.89 -8.81
N ALA A 746 6.47 30.03 -9.35
CA ALA A 746 5.51 31.02 -9.82
C ALA A 746 4.68 30.47 -10.98
N MET A 747 5.32 29.75 -11.90
CA MET A 747 4.61 29.14 -13.01
C MET A 747 3.51 28.21 -12.51
N ALA A 748 3.86 27.31 -11.59
CA ALA A 748 2.85 26.41 -11.04
C ALA A 748 1.74 27.20 -10.35
N GLU A 749 2.11 28.19 -9.53
CA GLU A 749 1.14 28.92 -8.73
C GLU A 749 0.15 29.69 -9.61
N VAL A 750 0.64 30.27 -10.70
CA VAL A 750 -0.23 31.10 -11.53
C VAL A 750 -1.01 30.26 -12.55
N PHE A 751 -0.46 29.14 -13.02
CA PHE A 751 -1.21 28.31 -13.94
C PHE A 751 -2.18 27.36 -13.24
N ALA A 752 -2.12 27.27 -11.91
CA ALA A 752 -3.10 26.46 -11.19
C ALA A 752 -4.53 26.88 -11.50
N ARG A 753 -4.82 28.18 -11.44
CA ARG A 753 -6.19 28.63 -11.66
C ARG A 753 -6.65 28.38 -13.09
N PHE A 754 -5.79 28.69 -14.07
CA PHE A 754 -6.20 28.59 -15.46
C PHE A 754 -6.34 27.13 -15.91
N LEU A 755 -5.39 26.27 -15.53
CA LEU A 755 -5.42 24.90 -16.00
C LEU A 755 -6.52 24.08 -15.34
N GLY A 756 -7.13 24.59 -14.28
CA GLY A 756 -8.22 23.90 -13.63
C GLY A 756 -9.48 23.89 -14.47
N PRO A 757 -10.41 22.96 -14.18
CA PRO A 757 -10.25 21.94 -13.14
C PRO A 757 -9.65 20.64 -13.66
N GLU A 758 -9.41 20.56 -14.97
CA GLU A 758 -8.99 19.30 -15.57
C GLU A 758 -7.55 18.95 -15.21
N ILE A 759 -6.65 19.93 -15.12
CA ILE A 759 -5.23 19.68 -14.97
C ILE A 759 -4.78 20.21 -13.61
N GLN A 760 -4.02 19.40 -12.88
CA GLN A 760 -3.34 19.81 -11.67
C GLN A 760 -1.91 20.20 -11.97
N ILE A 761 -1.40 21.18 -11.23
CA ILE A 761 -0.01 21.61 -11.33
C ILE A 761 0.54 21.78 -9.91
N ASN A 762 1.75 21.29 -9.68
CA ASN A 762 2.39 21.36 -8.37
C ASN A 762 3.90 21.31 -8.57
N ALA A 763 4.62 21.66 -7.52
CA ALA A 763 6.08 21.61 -7.50
C ALA A 763 6.56 20.99 -6.19
N ILE A 764 7.66 20.25 -6.27
CA ILE A 764 8.28 19.63 -5.11
C ILE A 764 9.66 20.24 -4.92
N ALA A 765 9.94 20.65 -3.69
CA ALA A 765 11.18 21.36 -3.35
C ALA A 765 11.87 20.66 -2.19
N PRO A 766 12.51 19.51 -2.45
CA PRO A 766 13.21 18.80 -1.39
C PRO A 766 14.45 19.56 -0.94
N GLY A 767 14.83 19.34 0.32
CA GLY A 767 16.03 19.90 0.88
C GLY A 767 17.25 19.09 0.49
N PRO A 768 18.35 19.27 1.22
CA PRO A 768 19.56 18.48 0.95
C PRO A 768 19.29 16.99 1.09
N VAL A 769 19.63 16.24 0.04
CA VAL A 769 19.41 14.80 -0.01
C VAL A 769 20.73 14.13 -0.38
N GLU A 770 21.12 13.13 0.42
CA GLU A 770 22.39 12.46 0.21
C GLU A 770 22.45 11.78 -1.15
N GLY A 771 23.61 11.87 -1.78
CA GLY A 771 23.80 11.28 -3.09
C GLY A 771 25.26 11.23 -3.46
N ASP A 772 25.51 11.05 -4.75
CA ASP A 772 26.88 10.98 -5.25
C ASP A 772 27.57 12.33 -5.05
N ARG A 773 28.85 12.27 -4.67
CA ARG A 773 29.62 13.50 -4.45
C ARG A 773 29.88 14.24 -5.76
N LEU A 774 30.01 13.50 -6.86
CA LEU A 774 30.26 14.10 -8.16
C LEU A 774 28.98 14.55 -8.85
N ARG A 775 27.80 14.17 -8.34
CA ARG A 775 26.54 14.47 -8.98
C ARG A 775 25.74 15.39 -8.06
N GLY A 776 24.56 15.80 -8.52
CA GLY A 776 23.72 16.72 -7.78
C GLY A 776 23.70 18.11 -8.39
N THR A 777 22.72 18.90 -7.96
CA THR A 777 22.53 20.25 -8.46
C THR A 777 23.17 21.31 -7.57
N GLY A 778 24.22 20.96 -6.84
CA GLY A 778 25.01 21.91 -6.10
C GLY A 778 24.58 22.20 -4.69
N GLU A 779 23.41 21.72 -4.25
CA GLU A 779 22.98 21.95 -2.88
C GLU A 779 23.88 21.22 -1.89
N ARG A 780 24.34 20.02 -2.26
CA ARG A 780 25.14 19.23 -1.33
C ARG A 780 26.55 19.04 -1.85
N PRO A 781 27.56 19.07 -0.98
CA PRO A 781 28.84 18.45 -1.32
C PRO A 781 28.78 16.96 -1.02
N GLY A 782 29.53 16.17 -1.80
CA GLY A 782 30.41 16.70 -2.83
C GLY A 782 31.84 16.81 -2.32
N LEU A 783 32.77 17.03 -3.22
CA LEU A 783 34.18 17.20 -2.87
C LEU A 783 34.32 18.54 -2.17
N PHE A 784 34.49 18.50 -0.84
CA PHE A 784 34.66 19.74 -0.09
C PHE A 784 35.92 20.47 -0.49
N ALA A 785 36.91 19.73 -1.02
CA ALA A 785 38.18 20.36 -1.41
C ALA A 785 37.99 21.34 -2.55
N ARG A 786 37.25 20.97 -3.60
CA ARG A 786 37.12 21.83 -4.77
C ARG A 786 36.26 23.05 -4.46
N ARG A 787 35.13 22.85 -3.78
CA ARG A 787 34.31 23.99 -3.40
C ARG A 787 35.07 24.89 -2.44
N ALA A 788 35.88 24.30 -1.56
CA ALA A 788 36.68 25.06 -0.62
C ALA A 788 37.70 25.94 -1.33
N ARG A 789 38.46 25.36 -2.26
CA ARG A 789 39.48 26.14 -2.96
C ARG A 789 38.85 27.22 -3.81
N LEU A 790 37.73 26.91 -4.48
CA LEU A 790 37.08 27.94 -5.28
C LEU A 790 36.51 29.05 -4.39
N ILE A 791 36.05 28.69 -3.18
CA ILE A 791 35.58 29.71 -2.25
C ILE A 791 36.71 30.65 -1.86
N LEU A 792 37.88 30.10 -1.53
CA LEU A 792 39.00 30.97 -1.16
C LEU A 792 39.49 31.81 -2.34
N GLU A 793 39.55 31.23 -3.54
CA GLU A 793 39.95 32.02 -4.70
C GLU A 793 38.96 33.15 -4.95
N ASN A 794 37.66 32.86 -4.83
CA ASN A 794 36.64 33.87 -5.03
C ASN A 794 36.76 34.96 -3.97
N LYS A 795 37.02 34.59 -2.71
CA LYS A 795 37.15 35.60 -1.67
C LYS A 795 38.37 36.48 -1.90
N ARG A 796 39.49 35.89 -2.34
CA ARG A 796 40.67 36.69 -2.66
C ARG A 796 40.37 37.67 -3.79
N LEU A 797 39.74 37.18 -4.86
CA LEU A 797 39.41 38.04 -5.99
C LEU A 797 38.44 39.16 -5.57
N ASN A 798 37.46 38.82 -4.75
CA ASN A 798 36.47 39.80 -4.31
C ASN A 798 37.12 40.88 -3.46
N GLU A 799 37.97 40.49 -2.50
CA GLU A 799 38.64 41.50 -1.67
C GLU A 799 39.54 42.39 -2.52
N LEU A 800 40.29 41.80 -3.45
CA LEU A 800 41.19 42.62 -4.27
C LEU A 800 40.40 43.57 -5.16
N HIS A 801 39.33 43.08 -5.79
CA HIS A 801 38.52 43.93 -6.65
C HIS A 801 37.83 45.03 -5.86
N ALA A 802 37.33 44.71 -4.66
CA ALA A 802 36.69 45.72 -3.84
C ALA A 802 37.69 46.79 -3.42
N ALA A 803 38.92 46.38 -3.05
CA ALA A 803 39.94 47.35 -2.70
C ALA A 803 40.27 48.25 -3.89
N LEU A 804 40.42 47.67 -5.08
CA LEU A 804 40.73 48.47 -6.26
C LEU A 804 39.61 49.45 -6.58
N ILE A 805 38.35 48.99 -6.48
CA ILE A 805 37.21 49.86 -6.76
C ILE A 805 37.14 50.99 -5.73
N ALA A 806 37.36 50.67 -4.45
CA ALA A 806 37.33 51.68 -3.41
C ALA A 806 38.42 52.72 -3.63
N ALA A 807 39.62 52.27 -4.04
CA ALA A 807 40.69 53.20 -4.37
C ALA A 807 40.29 54.09 -5.53
N ALA A 808 39.79 53.50 -6.62
CA ALA A 808 39.43 54.28 -7.80
C ALA A 808 38.28 55.24 -7.53
N ARG A 809 37.46 54.97 -6.52
CA ARG A 809 36.33 55.85 -6.23
C ARG A 809 36.79 57.26 -5.84
N THR A 810 37.83 57.36 -5.01
CA THR A 810 38.23 58.65 -4.47
C THR A 810 39.64 59.08 -4.86
N ASP A 811 40.51 58.16 -5.29
CA ASP A 811 41.87 58.50 -5.66
C ASP A 811 41.91 59.02 -7.09
N GLU A 812 42.78 60.01 -7.32
CA GLU A 812 42.89 60.64 -8.62
C GLU A 812 43.60 59.77 -9.64
N ARG A 813 44.40 58.80 -9.20
CA ARG A 813 45.09 57.93 -10.13
C ARG A 813 44.09 57.06 -10.90
N SER A 814 44.36 56.89 -12.19
CA SER A 814 43.48 56.09 -13.03
C SER A 814 43.62 54.61 -12.67
N MET A 815 42.81 53.78 -13.34
CA MET A 815 42.85 52.35 -13.09
C MET A 815 44.20 51.76 -13.44
N HIS A 816 44.85 52.32 -14.46
CA HIS A 816 46.14 51.80 -14.91
C HIS A 816 47.21 51.95 -13.82
N GLU A 817 47.32 53.16 -13.26
CA GLU A 817 48.31 53.39 -12.21
C GLU A 817 48.00 52.59 -10.96
N LEU A 818 46.72 52.48 -10.59
CA LEU A 818 46.35 51.69 -9.42
C LEU A 818 46.73 50.22 -9.59
N VAL A 819 46.46 49.66 -10.77
CA VAL A 819 46.85 48.27 -11.02
C VAL A 819 48.37 48.14 -11.08
N GLU A 820 49.07 49.19 -11.54
CA GLU A 820 50.52 49.14 -11.63
C GLU A 820 51.18 48.84 -10.28
N LEU A 821 50.53 49.23 -9.18
CA LEU A 821 51.06 48.88 -7.86
C LEU A 821 51.00 47.39 -7.60
N LEU A 822 50.17 46.65 -8.35
CA LEU A 822 50.00 45.22 -8.13
C LEU A 822 50.95 44.36 -8.95
N LEU A 823 51.67 44.94 -9.92
CA LEU A 823 52.55 44.14 -10.75
C LEU A 823 53.67 43.42 -10.00
N PRO A 824 54.35 44.00 -9.01
CA PRO A 824 55.43 43.25 -8.34
C PRO A 824 54.95 42.00 -7.61
N ASN A 825 53.66 41.90 -7.31
CA ASN A 825 53.10 40.76 -6.58
C ASN A 825 53.74 40.63 -5.20
N ASP A 826 54.11 41.77 -4.61
CA ASP A 826 54.73 41.82 -3.29
C ASP A 826 53.75 42.51 -2.35
N VAL A 827 53.19 41.74 -1.41
CA VAL A 827 52.26 42.32 -0.44
C VAL A 827 52.99 43.28 0.49
N ALA A 828 54.24 42.94 0.85
CA ALA A 828 55.02 43.82 1.71
C ALA A 828 55.29 45.17 1.05
N ALA A 829 55.68 45.15 -0.22
CA ALA A 829 55.92 46.40 -0.93
C ALA A 829 54.68 47.27 -0.96
N LEU A 830 53.49 46.67 -1.01
CA LEU A 830 52.24 47.41 -0.95
C LEU A 830 51.97 47.94 0.45
N GLU A 831 52.34 47.16 1.48
CA GLU A 831 51.97 47.51 2.85
C GLU A 831 52.67 48.78 3.32
N GLN A 832 53.99 48.86 3.15
CA GLN A 832 54.74 50.04 3.57
C GLN A 832 54.88 51.09 2.46
N ASN A 833 54.16 50.93 1.35
CA ASN A 833 54.16 51.96 0.32
C ASN A 833 53.38 53.17 0.82
N PRO A 834 54.01 54.34 0.92
CA PRO A 834 53.27 55.53 1.39
C PRO A 834 52.25 56.04 0.38
N ALA A 835 52.52 55.92 -0.91
CA ALA A 835 51.60 56.38 -1.95
C ALA A 835 50.47 55.39 -2.21
N ALA A 836 50.52 54.21 -1.61
CA ALA A 836 49.46 53.23 -1.81
C ALA A 836 48.17 53.72 -1.15
N PRO A 837 47.02 53.41 -1.73
CA PRO A 837 45.74 53.82 -1.12
C PRO A 837 45.51 53.11 0.19
N THR A 838 44.76 53.76 1.09
CA THR A 838 44.45 53.17 2.38
C THR A 838 43.79 51.80 2.24
N ALA A 839 42.96 51.63 1.20
CA ALA A 839 42.31 50.36 0.98
C ALA A 839 43.32 49.24 0.73
N LEU A 840 44.31 49.50 -0.12
CA LEU A 840 45.30 48.46 -0.44
C LEU A 840 46.24 48.20 0.73
N ARG A 841 46.63 49.24 1.46
CA ARG A 841 47.44 49.03 2.65
C ARG A 841 46.69 48.20 3.69
N GLU A 842 45.40 48.50 3.89
CA GLU A 842 44.59 47.72 4.81
C GLU A 842 44.43 46.28 4.33
N LEU A 843 44.31 46.09 3.00
CA LEU A 843 44.24 44.75 2.46
C LEU A 843 45.53 43.97 2.73
N ALA A 844 46.68 44.64 2.60
CA ALA A 844 47.95 44.00 2.93
C ALA A 844 48.01 43.63 4.41
N ARG A 845 47.55 44.53 5.28
CA ARG A 845 47.53 44.23 6.71
C ARG A 845 46.63 43.05 7.02
N ARG A 846 45.46 42.97 6.36
CA ARG A 846 44.56 41.84 6.58
C ARG A 846 45.16 40.55 6.03
N PHE A 847 45.90 40.62 4.92
CA PHE A 847 46.54 39.42 4.39
C PHE A 847 47.67 38.95 5.30
N ARG A 848 48.32 39.88 5.99
CA ARG A 848 49.30 39.49 7.01
C ARG A 848 48.62 38.88 8.23
N SER A 849 47.51 39.48 8.67
CA SER A 849 46.85 39.02 9.89
C SER A 849 46.22 37.64 9.69
N GLU A 850 45.45 37.48 8.62
CA GLU A 850 44.73 36.23 8.37
C GLU A 850 45.52 35.23 7.54
N GLY A 851 46.67 35.63 7.00
CA GLY A 851 47.43 34.73 6.15
C GLY A 851 48.27 33.74 6.92
N ASP A 852 48.77 32.75 6.19
CA ASP A 852 49.64 31.73 6.76
C ASP A 852 51.03 31.88 6.18
N PRO A 853 52.05 32.12 7.01
CA PRO A 853 53.42 32.30 6.46
C PRO A 853 53.90 31.11 5.65
N ALA A 854 53.42 29.91 5.97
CA ALA A 854 53.74 28.71 5.20
C ALA A 854 53.14 28.73 3.80
N ALA A 855 52.12 29.55 3.56
CA ALA A 855 51.52 29.67 2.24
C ALA A 855 51.99 30.96 1.59
N SER A 856 52.36 30.89 0.32
CA SER A 856 52.87 32.05 -0.39
C SER A 856 51.82 33.14 -0.55
N SER A 857 50.53 32.81 -0.39
CA SER A 857 49.48 33.81 -0.51
C SER A 857 49.56 34.88 0.58
N SER A 858 50.05 34.54 1.76
CA SER A 858 50.28 35.55 2.79
C SER A 858 51.43 36.49 2.42
N SER A 859 52.22 36.13 1.41
CA SER A 859 53.30 36.98 0.91
C SER A 859 53.12 37.41 -0.53
N ALA A 860 52.31 36.71 -1.31
CA ALA A 860 52.06 37.05 -2.71
C ALA A 860 50.59 37.43 -2.89
N LEU A 861 50.34 38.44 -3.72
CA LEU A 861 49.00 38.98 -3.86
C LEU A 861 48.09 38.02 -4.62
N LEU A 862 48.56 37.48 -5.74
CA LEU A 862 47.68 36.76 -6.66
C LEU A 862 48.51 35.89 -7.59
N ASN A 863 47.80 35.13 -8.43
CA ASN A 863 48.39 34.25 -9.42
C ASN A 863 47.80 34.54 -10.80
N ARG A 864 48.11 33.67 -11.76
CA ARG A 864 47.68 33.89 -13.15
C ARG A 864 46.17 33.85 -13.28
N SER A 865 45.51 32.86 -12.66
CA SER A 865 44.07 32.74 -12.78
C SER A 865 43.35 33.93 -12.16
N ILE A 866 43.80 34.34 -10.97
CA ILE A 866 43.20 35.50 -10.31
C ILE A 866 43.45 36.76 -11.13
N ALA A 867 44.64 36.87 -11.72
CA ALA A 867 44.95 38.03 -12.56
C ALA A 867 44.03 38.09 -13.77
N ALA A 868 43.82 36.95 -14.43
CA ALA A 868 42.94 36.91 -15.59
C ALA A 868 41.51 37.24 -15.21
N LYS A 869 41.02 36.69 -14.10
CA LYS A 869 39.65 36.98 -13.68
C LYS A 869 39.49 38.44 -13.29
N LEU A 870 40.49 39.02 -12.62
CA LEU A 870 40.46 40.43 -12.27
C LEU A 870 40.45 41.30 -13.53
N LEU A 871 41.26 40.93 -14.53
CA LEU A 871 41.28 41.68 -15.78
C LEU A 871 39.93 41.61 -16.48
N ALA A 872 39.29 40.43 -16.45
CA ALA A 872 37.95 40.30 -17.03
C ALA A 872 36.95 41.20 -16.30
N ARG A 873 37.01 41.22 -14.97
CA ARG A 873 36.13 42.08 -14.20
C ARG A 873 36.36 43.55 -14.54
N LEU A 874 37.62 43.96 -14.63
CA LEU A 874 37.95 45.35 -14.93
C LEU A 874 37.48 45.73 -16.33
N HIS A 875 37.68 44.84 -17.30
CA HIS A 875 37.27 45.13 -18.67
C HIS A 875 35.74 45.23 -18.78
N ASN A 876 35.03 44.29 -18.17
CA ASN A 876 33.57 44.33 -18.23
C ASN A 876 32.98 45.48 -17.41
N GLY A 877 33.78 46.06 -16.51
CA GLY A 877 33.36 47.18 -15.70
C GLY A 877 33.56 48.55 -16.32
N GLY A 878 33.96 48.60 -17.59
CA GLY A 878 34.21 49.87 -18.24
C GLY A 878 35.57 50.48 -17.97
N TYR A 879 36.44 49.78 -17.23
CA TYR A 879 37.77 50.28 -16.95
C TYR A 879 38.74 49.82 -18.04
N VAL A 880 39.63 50.73 -18.44
CA VAL A 880 40.52 50.49 -19.57
C VAL A 880 41.85 49.94 -19.07
N LEU A 881 42.19 48.73 -19.51
CA LEU A 881 43.44 48.08 -19.14
C LEU A 881 43.92 47.24 -20.31
N PRO A 882 45.23 47.23 -20.58
CA PRO A 882 45.74 46.39 -21.68
C PRO A 882 45.61 44.91 -21.34
N ALA A 883 45.53 44.10 -22.40
CA ALA A 883 45.38 42.65 -22.21
C ALA A 883 46.66 42.01 -21.69
N ASP A 884 47.81 42.62 -21.93
CA ASP A 884 49.10 42.07 -21.54
C ASP A 884 49.60 42.63 -20.21
N ILE A 885 48.74 43.32 -19.46
CA ILE A 885 49.17 43.94 -18.21
C ILE A 885 49.56 42.90 -17.17
N PHE A 886 48.93 41.73 -17.21
CA PHE A 886 49.22 40.67 -16.26
C PHE A 886 50.09 39.57 -16.85
N ALA A 887 50.69 39.80 -18.02
CA ALA A 887 51.51 38.77 -18.64
C ALA A 887 52.84 38.58 -17.93
N ASN A 888 53.35 39.63 -17.28
CA ASN A 888 54.67 39.61 -16.66
C ASN A 888 54.60 39.50 -15.14
N LEU A 889 53.47 39.03 -14.60
CA LEU A 889 53.32 38.89 -13.15
C LEU A 889 54.16 37.73 -12.64
N PRO A 890 54.93 37.91 -11.56
CA PRO A 890 55.66 36.78 -10.99
C PRO A 890 54.71 35.69 -10.49
N ASN A 891 55.13 34.44 -10.67
CA ASN A 891 54.32 33.30 -10.26
C ASN A 891 54.69 32.89 -8.84
N PRO A 892 53.75 32.93 -7.88
CA PRO A 892 54.09 32.50 -6.53
C PRO A 892 54.41 31.03 -6.49
N PRO A 893 55.42 30.63 -5.72
CA PRO A 893 55.77 29.20 -5.63
C PRO A 893 54.70 28.41 -4.89
N ASP A 894 54.54 27.16 -5.31
CA ASP A 894 53.58 26.27 -4.66
C ASP A 894 54.11 25.88 -3.27
N PRO A 895 53.20 25.66 -2.30
CA PRO A 895 51.75 25.83 -2.44
C PRO A 895 51.30 27.27 -2.24
N PHE A 896 50.48 27.79 -3.15
CA PHE A 896 49.92 29.13 -2.98
C PHE A 896 48.98 29.16 -1.78
N PHE A 897 48.19 28.09 -1.61
CA PHE A 897 47.34 27.88 -0.45
C PHE A 897 47.79 26.63 0.30
N THR A 898 47.95 26.75 1.61
CA THR A 898 48.31 25.59 2.41
C THR A 898 47.10 24.68 2.62
N ARG A 899 47.37 23.42 2.90
CA ARG A 899 46.29 22.45 3.06
C ARG A 899 45.53 22.65 4.37
N ALA A 900 46.17 23.27 5.36
CA ALA A 900 45.49 23.51 6.63
C ALA A 900 44.31 24.45 6.44
N GLN A 901 44.48 25.51 5.66
CA GLN A 901 43.38 26.47 5.47
C GLN A 901 42.22 25.83 4.72
N ILE A 902 42.51 25.10 3.64
CA ILE A 902 41.44 24.50 2.85
C ILE A 902 40.71 23.45 3.69
N ASP A 903 41.45 22.66 4.46
CA ASP A 903 40.81 21.70 5.35
C ASP A 903 39.92 22.40 6.37
N ARG A 904 40.42 23.49 6.98
CA ARG A 904 39.67 24.20 8.01
C ARG A 904 38.35 24.72 7.46
N GLU A 905 38.40 25.45 6.34
CA GLU A 905 37.16 26.06 5.86
C GLU A 905 36.28 25.07 5.11
N ALA A 906 36.85 23.93 4.67
CA ALA A 906 36.01 22.85 4.18
C ALA A 906 35.20 22.23 5.32
N ARG A 907 35.85 21.98 6.46
CA ARG A 907 35.10 21.53 7.63
C ARG A 907 34.09 22.60 8.06
N LYS A 908 34.44 23.87 7.90
CA LYS A 908 33.50 24.94 8.23
C LYS A 908 32.25 24.85 7.37
N VAL A 909 32.42 24.68 6.06
CA VAL A 909 31.26 24.58 5.16
C VAL A 909 30.44 23.33 5.49
N ARG A 910 31.11 22.20 5.70
CA ARG A 910 30.39 20.97 6.02
C ARG A 910 29.62 21.10 7.33
N ASP A 911 30.24 21.73 8.33
CA ASP A 911 29.60 21.91 9.63
C ASP A 911 28.41 22.84 9.52
N GLY A 912 28.51 23.90 8.71
CA GLY A 912 27.36 24.76 8.49
C GLY A 912 26.22 24.02 7.83
N ILE A 913 26.52 23.24 6.79
CA ILE A 913 25.48 22.50 6.09
C ILE A 913 24.81 21.50 7.04
N MET A 914 25.61 20.79 7.84
CA MET A 914 25.05 19.85 8.80
C MET A 914 24.21 20.56 9.87
N GLY A 915 24.72 21.69 10.38
CA GLY A 915 24.00 22.47 11.37
C GLY A 915 22.69 23.03 10.87
N MET A 916 22.54 23.22 9.56
CA MET A 916 21.22 23.55 9.02
C MET A 916 20.17 22.52 9.40
N LEU A 917 20.56 21.27 9.59
CA LEU A 917 19.63 20.17 9.81
C LEU A 917 19.21 20.12 11.28
N TYR A 918 17.89 20.08 11.50
CA TYR A 918 17.40 19.87 12.86
C TYR A 918 17.60 18.43 13.31
N LEU A 919 17.41 17.47 12.40
CA LEU A 919 17.45 16.05 12.75
C LEU A 919 18.83 15.44 12.61
N GLN A 920 19.85 16.23 12.25
CA GLN A 920 21.25 15.80 12.24
C GLN A 920 21.50 14.64 11.27
N ARG A 921 20.63 14.48 10.27
CA ARG A 921 20.84 13.44 9.26
C ARG A 921 20.10 13.82 7.99
N MET A 922 20.69 13.48 6.85
CA MET A 922 20.18 13.84 5.54
C MET A 922 19.37 12.69 4.94
N PRO A 923 18.14 12.96 4.51
CA PRO A 923 17.33 11.92 3.89
C PRO A 923 17.93 11.45 2.57
N THR A 924 17.56 10.23 2.18
CA THR A 924 18.06 9.63 0.96
C THR A 924 17.07 9.83 -0.19
N GLU A 925 17.53 9.55 -1.41
CA GLU A 925 16.71 9.76 -2.59
C GLU A 925 15.46 8.89 -2.58
N PHE A 926 15.59 7.65 -2.12
CA PHE A 926 14.46 6.73 -2.13
C PHE A 926 13.32 7.26 -1.28
N ASP A 927 13.64 7.85 -0.12
CA ASP A 927 12.59 8.40 0.74
C ASP A 927 11.85 9.53 0.03
N VAL A 928 12.60 10.41 -0.65
CA VAL A 928 11.97 11.53 -1.36
C VAL A 928 11.06 11.01 -2.48
N ALA A 929 11.54 10.02 -3.24
CA ALA A 929 10.72 9.46 -4.31
C ALA A 929 9.48 8.78 -3.75
N MET A 930 9.63 8.07 -2.63
CA MET A 930 8.49 7.39 -2.00
C MET A 930 7.44 8.41 -1.57
N ALA A 931 7.88 9.49 -0.92
CA ALA A 931 6.97 10.55 -0.52
C ALA A 931 6.34 11.23 -1.73
N THR A 932 7.09 11.38 -2.82
CA THR A 932 6.54 11.99 -4.02
C THR A 932 5.41 11.16 -4.61
N VAL A 933 5.60 9.84 -4.69
CA VAL A 933 4.54 8.99 -5.21
C VAL A 933 3.35 8.96 -4.24
N TYR A 934 3.60 8.98 -2.94
CA TYR A 934 2.51 9.10 -1.98
C TYR A 934 1.73 10.39 -2.18
N TYR A 935 2.43 11.49 -2.47
CA TYR A 935 1.76 12.76 -2.74
C TYR A 935 0.96 12.69 -4.04
N LEU A 936 1.49 12.01 -5.05
CA LEU A 936 0.81 11.92 -6.34
C LEU A 936 -0.55 11.23 -6.24
N ALA A 937 -0.77 10.46 -5.18
CA ALA A 937 -2.09 9.84 -4.97
C ALA A 937 -3.14 10.86 -4.54
N ASP A 938 -2.73 12.03 -4.06
CA ASP A 938 -3.67 13.06 -3.67
C ASP A 938 -4.22 13.74 -4.93
N ARG A 939 -5.54 13.97 -4.96
CA ARG A 939 -6.22 14.47 -6.14
C ARG A 939 -6.70 15.92 -5.96
N ASN A 940 -6.84 16.38 -4.72
CA ASN A 940 -7.48 17.66 -4.45
C ASN A 940 -6.47 18.76 -4.14
N VAL A 941 -5.29 18.71 -4.75
CA VAL A 941 -4.26 19.73 -4.55
C VAL A 941 -3.78 20.21 -5.93
N SER A 942 -3.59 21.52 -6.05
CA SER A 942 -3.06 22.10 -7.27
C SER A 942 -2.54 23.49 -6.96
N GLY A 943 -1.32 23.78 -7.42
CA GLY A 943 -0.72 25.08 -7.20
C GLY A 943 -0.02 25.27 -5.89
N GLU A 944 0.38 24.20 -5.21
CA GLU A 944 1.11 24.30 -3.96
C GLU A 944 2.54 23.80 -4.14
N THR A 945 3.37 24.08 -3.14
CA THR A 945 4.76 23.63 -3.11
C THR A 945 4.90 22.59 -2.02
N PHE A 946 5.32 21.38 -2.41
CA PHE A 946 5.49 20.29 -1.46
C PHE A 946 6.96 20.20 -1.06
N HIS A 947 7.21 20.04 0.24
CA HIS A 947 8.55 19.88 0.75
C HIS A 947 8.68 18.51 1.40
N PRO A 948 9.20 17.50 0.70
CA PRO A 948 9.40 16.19 1.35
C PRO A 948 10.42 16.21 2.46
N SER A 949 11.25 17.24 2.55
CA SER A 949 12.20 17.39 3.64
C SER A 949 12.31 18.86 4.01
N GLY A 950 12.55 19.11 5.30
CA GLY A 950 12.65 20.47 5.80
C GLY A 950 13.41 20.58 7.09
N GLY A 951 13.04 21.56 7.93
CA GLY A 951 13.76 21.80 9.16
C GLY A 951 15.17 22.29 8.91
N LEU A 952 15.30 23.46 8.29
CA LEU A 952 16.58 23.94 7.78
C LEU A 952 16.89 25.31 8.36
N ARG A 953 18.17 25.51 8.73
CA ARG A 953 18.66 26.78 9.25
C ARG A 953 19.11 27.63 8.06
N TYR A 954 18.36 28.67 7.75
CA TYR A 954 18.82 29.63 6.76
C TYR A 954 18.08 30.95 6.97
N GLU A 955 18.80 32.04 6.75
CA GLU A 955 18.20 33.36 6.81
C GLU A 955 17.17 33.53 5.70
N ARG A 956 16.09 34.23 6.01
CA ARG A 956 15.03 34.49 5.05
C ARG A 956 14.87 35.99 4.87
N THR A 957 14.40 36.38 3.69
CA THR A 957 14.15 37.79 3.38
C THR A 957 12.68 37.93 3.01
N PRO A 958 11.80 38.16 3.98
CA PRO A 958 10.37 38.27 3.66
C PRO A 958 10.10 39.39 2.68
N THR A 959 9.17 39.14 1.76
CA THR A 959 8.77 40.09 0.74
C THR A 959 7.32 40.52 0.98
N GLY A 960 6.80 41.32 0.06
CA GLY A 960 5.45 41.81 0.17
C GLY A 960 5.27 43.03 1.04
N GLY A 961 6.36 43.69 1.42
CA GLY A 961 6.25 44.88 2.24
C GLY A 961 5.58 46.02 1.48
N GLU A 962 4.59 46.64 2.12
CA GLU A 962 3.86 47.75 1.52
C GLU A 962 3.84 49.01 2.38
N LEU A 963 4.37 48.97 3.59
CA LEU A 963 4.39 50.12 4.49
C LEU A 963 5.75 50.80 4.39
N PHE A 964 5.73 52.11 4.14
CA PHE A 964 6.96 52.89 4.07
C PHE A 964 6.62 54.37 4.19
N GLY A 965 7.64 55.17 4.43
CA GLY A 965 7.48 56.60 4.55
C GLY A 965 8.38 57.37 3.60
N LEU A 966 8.99 58.44 4.09
CA LEU A 966 9.94 59.21 3.31
C LEU A 966 11.36 58.99 3.83
N PRO A 967 12.36 59.10 2.95
CA PRO A 967 13.74 58.83 3.37
C PRO A 967 14.28 59.96 4.25
N SER A 968 15.42 59.67 4.88
CA SER A 968 16.05 60.65 5.76
C SER A 968 16.59 61.82 4.94
N PRO A 969 16.51 63.04 5.49
CA PRO A 969 17.04 64.20 4.75
C PRO A 969 18.52 64.11 4.44
N GLU A 970 19.30 63.45 5.30
CA GLU A 970 20.73 63.29 5.02
C GLU A 970 20.95 62.48 3.76
N ARG A 971 20.14 61.42 3.57
CA ARG A 971 20.22 60.65 2.33
C ARG A 971 19.76 61.48 1.14
N LEU A 972 18.76 62.34 1.34
CA LEU A 972 18.30 63.21 0.26
C LEU A 972 19.40 64.18 -0.18
N ALA A 973 20.16 64.70 0.78
CA ALA A 973 21.24 65.62 0.44
C ALA A 973 22.30 64.94 -0.41
N GLU A 974 22.44 63.62 -0.29
CA GLU A 974 23.42 62.90 -1.10
C GLU A 974 23.06 62.91 -2.58
N LEU A 975 21.77 63.09 -2.91
CA LEU A 975 21.34 63.10 -4.31
C LEU A 975 21.87 64.29 -5.08
N VAL A 976 22.30 65.35 -4.40
CA VAL A 976 22.73 66.57 -5.07
C VAL A 976 24.06 66.33 -5.77
N GLY A 977 24.12 66.68 -7.06
CA GLY A 977 25.36 66.58 -7.82
C GLY A 977 25.70 65.19 -8.30
N SER A 978 24.81 64.22 -8.15
CA SER A 978 25.10 62.86 -8.55
C SER A 978 24.74 62.65 -10.02
N THR A 979 25.19 61.50 -10.56
CA THR A 979 24.87 61.10 -11.92
C THR A 979 23.89 59.93 -11.86
N VAL A 980 22.71 60.13 -12.43
CA VAL A 980 21.59 59.19 -12.31
C VAL A 980 21.14 58.79 -13.70
N TYR A 981 20.96 57.49 -13.92
CA TYR A 981 20.46 56.96 -15.18
C TYR A 981 19.07 56.35 -14.97
N LEU A 982 18.20 56.54 -15.96
CA LEU A 982 16.88 55.91 -15.98
C LEU A 982 16.72 55.17 -17.30
N ILE A 983 16.15 53.97 -17.24
CA ILE A 983 16.03 53.09 -18.40
C ILE A 983 14.58 52.64 -18.52
N GLY A 984 14.03 52.71 -19.73
CA GLY A 984 12.70 52.20 -19.97
C GLY A 984 12.15 52.65 -21.32
N GLU A 985 11.15 51.88 -21.78
CA GLU A 985 10.42 52.18 -23.00
C GLU A 985 8.94 52.43 -22.77
N HIS A 986 8.29 51.51 -22.06
CA HIS A 986 6.83 51.54 -21.96
C HIS A 986 6.35 52.61 -20.98
N LEU A 987 7.09 52.80 -19.88
CA LEU A 987 6.59 53.59 -18.75
C LEU A 987 7.02 55.06 -18.90
N THR A 988 6.48 55.71 -19.92
CA THR A 988 6.87 57.08 -20.23
C THR A 988 6.46 58.04 -19.12
N GLU A 989 5.24 57.92 -18.60
CA GLU A 989 4.76 58.83 -17.57
C GLU A 989 5.57 58.69 -16.29
N HIS A 990 5.83 57.45 -15.86
CA HIS A 990 6.60 57.22 -14.65
C HIS A 990 8.02 57.74 -14.78
N LEU A 991 8.66 57.49 -15.93
CA LEU A 991 10.02 57.98 -16.14
C LEU A 991 10.05 59.51 -16.18
N ASN A 992 9.04 60.12 -16.80
CA ASN A 992 8.93 61.58 -16.80
C ASN A 992 8.84 62.11 -15.37
N LEU A 993 7.96 61.53 -14.56
CA LEU A 993 7.79 61.99 -13.19
C LEU A 993 9.08 61.81 -12.39
N LEU A 994 9.75 60.67 -12.56
CA LEU A 994 10.99 60.42 -11.82
C LEU A 994 12.10 61.37 -12.25
N ALA A 995 12.24 61.62 -13.55
CA ALA A 995 13.25 62.58 -14.00
C ALA A 995 12.97 63.96 -13.44
N ARG A 996 11.70 64.37 -13.44
CA ARG A 996 11.33 65.64 -12.82
C ARG A 996 11.70 65.65 -11.35
N ALA A 997 11.42 64.56 -10.64
CA ALA A 997 11.67 64.50 -9.20
C ALA A 997 13.15 64.61 -8.89
N TYR A 998 13.99 63.88 -9.62
CA TYR A 998 15.42 63.94 -9.35
C TYR A 998 16.02 65.29 -9.74
N LEU A 999 15.69 65.81 -10.93
CA LEU A 999 16.31 67.04 -11.37
C LEU A 999 15.79 68.26 -10.61
N GLU A 1000 14.47 68.48 -10.66
CA GLU A 1000 13.89 69.72 -10.17
C GLU A 1000 13.80 69.80 -8.65
N ARG A 1001 13.71 68.67 -7.95
CA ARG A 1001 13.43 68.69 -6.52
C ARG A 1001 14.63 68.36 -5.64
N TYR A 1002 15.66 67.69 -6.17
CA TYR A 1002 16.79 67.27 -5.36
C TYR A 1002 18.14 67.60 -5.98
N GLY A 1003 18.17 68.51 -6.95
CA GLY A 1003 19.44 69.01 -7.46
C GLY A 1003 20.31 68.00 -8.16
N ALA A 1004 19.72 67.16 -9.02
CA ALA A 1004 20.53 66.25 -9.82
C ALA A 1004 21.20 67.00 -10.96
N ARG A 1005 22.44 66.60 -11.27
CA ARG A 1005 23.20 67.30 -12.29
C ARG A 1005 22.77 66.92 -13.70
N GLN A 1006 22.79 65.62 -14.01
CA GLN A 1006 22.46 65.16 -15.36
C GLN A 1006 21.79 63.80 -15.27
N VAL A 1007 20.86 63.57 -16.19
CA VAL A 1007 20.08 62.33 -16.25
C VAL A 1007 20.11 61.80 -17.66
N VAL A 1008 20.34 60.50 -17.80
CA VAL A 1008 20.37 59.84 -19.10
C VAL A 1008 19.20 58.88 -19.20
N MET A 1009 18.46 58.99 -20.30
CA MET A 1009 17.32 58.14 -20.60
C MET A 1009 17.78 57.12 -21.63
N ILE A 1010 17.82 55.86 -21.23
CA ILE A 1010 18.34 54.80 -22.07
C ILE A 1010 17.15 54.00 -22.58
N VAL A 1011 17.01 53.93 -23.91
CA VAL A 1011 15.82 53.37 -24.52
C VAL A 1011 16.20 52.30 -25.53
N GLU A 1012 15.21 51.54 -26.00
CA GLU A 1012 15.46 50.44 -26.93
C GLU A 1012 15.43 50.88 -28.39
N THR A 1013 14.57 51.85 -28.73
CA THR A 1013 14.39 52.26 -30.12
C THR A 1013 14.41 53.77 -30.22
N GLU A 1014 14.50 54.24 -31.48
CA GLU A 1014 14.51 55.68 -31.73
C GLU A 1014 13.19 56.34 -31.35
N THR A 1015 12.08 55.63 -31.55
CA THR A 1015 10.77 56.18 -31.24
C THR A 1015 10.64 56.50 -29.75
N GLY A 1016 11.12 55.60 -28.89
CA GLY A 1016 11.09 55.87 -27.46
C GLY A 1016 11.93 57.07 -27.07
N ALA A 1017 13.11 57.19 -27.67
CA ALA A 1017 13.97 58.33 -27.40
C ALA A 1017 13.28 59.63 -27.82
N GLU A 1018 12.67 59.64 -29.00
CA GLU A 1018 11.97 60.83 -29.46
C GLU A 1018 10.81 61.19 -28.54
N THR A 1019 10.03 60.19 -28.13
CA THR A 1019 8.90 60.45 -27.25
C THR A 1019 9.36 61.01 -25.92
N MET A 1020 10.40 60.41 -25.32
CA MET A 1020 10.90 60.88 -24.05
C MET A 1020 11.47 62.29 -24.17
N ARG A 1021 12.15 62.57 -25.28
CA ARG A 1021 12.67 63.92 -25.50
C ARG A 1021 11.56 64.94 -25.61
N ARG A 1022 10.49 64.62 -26.35
CA ARG A 1022 9.40 65.56 -26.52
C ARG A 1022 8.64 65.80 -25.21
N LEU A 1023 8.44 64.73 -24.42
CA LEU A 1023 7.72 64.91 -23.16
C LEU A 1023 8.49 65.79 -22.17
N LEU A 1024 9.82 65.85 -22.29
CA LEU A 1024 10.64 66.71 -21.44
C LEU A 1024 11.61 67.56 -22.26
N HIS A 1025 11.09 68.27 -23.25
CA HIS A 1025 11.93 69.11 -24.11
C HIS A 1025 12.63 70.20 -23.31
N ASP A 1026 11.98 70.72 -22.26
CA ASP A 1026 12.54 71.84 -21.52
C ASP A 1026 13.87 71.47 -20.86
N HIS A 1027 13.97 70.24 -20.34
CA HIS A 1027 15.23 69.82 -19.73
C HIS A 1027 16.21 69.29 -20.76
N VAL A 1028 15.71 68.76 -21.89
CA VAL A 1028 16.59 68.33 -22.97
C VAL A 1028 17.36 69.52 -23.54
N GLU A 1029 16.66 70.62 -23.81
CA GLU A 1029 17.32 71.81 -24.32
C GLU A 1029 18.19 72.47 -23.26
N ALA A 1030 17.90 72.22 -21.99
CA ALA A 1030 18.73 72.72 -20.90
C ALA A 1030 19.95 71.86 -20.65
N GLY A 1031 20.05 70.70 -21.29
CA GLY A 1031 21.21 69.84 -21.11
C GLY A 1031 21.17 68.97 -19.88
N ARG A 1032 20.03 68.87 -19.20
CA ARG A 1032 19.94 68.06 -17.99
C ARG A 1032 19.22 66.73 -18.21
N LEU A 1033 18.67 66.49 -19.40
CA LEU A 1033 18.10 65.19 -19.75
C LEU A 1033 18.60 64.84 -21.14
N MET A 1034 19.38 63.76 -21.21
CA MET A 1034 20.07 63.31 -22.40
C MET A 1034 19.57 61.91 -22.72
N THR A 1035 19.76 61.46 -23.97
CA THR A 1035 19.16 60.20 -24.41
C THR A 1035 20.16 59.32 -25.12
N ILE A 1036 20.08 58.02 -24.85
CA ILE A 1036 20.86 56.99 -25.54
C ILE A 1036 19.91 55.87 -25.96
N VAL A 1037 20.29 55.14 -27.00
CA VAL A 1037 19.50 54.03 -27.53
C VAL A 1037 20.25 52.74 -27.23
N ALA A 1038 19.56 51.76 -26.64
CA ALA A 1038 20.21 50.54 -26.19
C ALA A 1038 19.91 49.32 -27.05
N GLY A 1039 18.65 49.12 -27.42
CA GLY A 1039 18.29 47.90 -28.13
C GLY A 1039 18.55 46.68 -27.27
N ASP A 1040 19.20 45.67 -27.85
CA ASP A 1040 19.61 44.48 -27.12
C ASP A 1040 21.10 44.46 -26.82
N GLN A 1041 21.76 45.62 -26.88
CA GLN A 1041 23.15 45.73 -26.46
C GLN A 1041 23.26 46.74 -25.31
N ILE A 1042 22.39 46.57 -24.31
CA ILE A 1042 22.29 47.51 -23.19
C ILE A 1042 23.65 47.75 -22.55
N GLU A 1043 24.52 46.73 -22.54
CA GLU A 1043 25.87 46.92 -22.01
C GLU A 1043 26.61 48.00 -22.77
N ALA A 1044 26.48 48.01 -24.11
CA ALA A 1044 27.12 49.05 -24.89
C ALA A 1044 26.57 50.43 -24.57
N ALA A 1045 25.25 50.54 -24.39
CA ALA A 1045 24.68 51.84 -24.03
C ALA A 1045 25.21 52.32 -22.70
N ILE A 1046 25.28 51.43 -21.71
CA ILE A 1046 25.85 51.79 -20.41
C ILE A 1046 27.31 52.21 -20.57
N ASP A 1047 28.05 51.51 -21.44
CA ASP A 1047 29.47 51.82 -21.62
C ASP A 1047 29.66 53.20 -22.21
N GLN A 1048 28.91 53.55 -23.27
CA GLN A 1048 29.02 54.89 -23.82
C GLN A 1048 28.57 55.95 -22.83
N ALA A 1049 27.50 55.66 -22.07
CA ALA A 1049 27.04 56.63 -21.07
C ALA A 1049 28.12 56.90 -20.04
N ILE A 1050 28.75 55.85 -19.53
CA ILE A 1050 29.82 56.03 -18.53
C ILE A 1050 31.01 56.75 -19.15
N THR A 1051 31.40 56.35 -20.36
CA THR A 1051 32.61 56.90 -20.96
C THR A 1051 32.44 58.39 -21.26
N ARG A 1052 31.26 58.80 -21.71
CA ARG A 1052 31.11 60.16 -22.23
C ARG A 1052 30.40 61.09 -21.24
N TYR A 1053 29.85 60.55 -20.14
CA TYR A 1053 29.28 61.40 -19.11
C TYR A 1053 29.72 61.06 -17.69
N GLY A 1054 30.39 59.94 -17.46
CA GLY A 1054 30.87 59.61 -16.14
C GLY A 1054 30.11 58.43 -15.53
N ARG A 1055 30.65 57.94 -14.42
CA ARG A 1055 30.07 56.77 -13.78
C ARG A 1055 28.82 57.14 -12.99
N PRO A 1056 27.86 56.21 -12.87
CA PRO A 1056 26.57 56.55 -12.28
C PRO A 1056 26.60 56.62 -10.76
N GLY A 1057 25.49 57.11 -10.21
CA GLY A 1057 25.21 56.99 -8.81
C GLY A 1057 24.05 56.04 -8.58
N PRO A 1058 22.90 56.58 -8.21
CA PRO A 1058 21.68 55.76 -8.16
C PRO A 1058 21.07 55.62 -9.54
N VAL A 1059 20.52 54.43 -9.80
CA VAL A 1059 19.90 54.10 -11.08
C VAL A 1059 18.63 53.29 -10.82
N VAL A 1060 17.59 53.56 -11.61
CA VAL A 1060 16.35 52.81 -11.57
C VAL A 1060 16.12 52.23 -12.96
N CYS A 1061 15.72 50.96 -13.01
CA CYS A 1061 15.51 50.24 -14.26
C CYS A 1061 14.06 49.78 -14.32
N THR A 1062 13.44 49.96 -15.49
CA THR A 1062 12.08 49.55 -15.79
C THR A 1062 12.04 48.75 -17.09
N PRO A 1063 11.05 47.86 -17.25
CA PRO A 1063 11.01 47.02 -18.44
C PRO A 1063 10.73 47.81 -19.71
N PHE A 1064 11.25 47.31 -20.84
CA PHE A 1064 10.99 47.94 -22.13
C PHE A 1064 9.60 47.61 -22.65
N ARG A 1065 9.34 46.32 -22.91
CA ARG A 1065 8.16 45.81 -23.58
C ARG A 1065 6.98 45.73 -22.63
N PRO A 1066 5.76 45.81 -23.14
CA PRO A 1066 4.57 45.66 -22.29
C PRO A 1066 4.26 44.19 -22.03
N LEU A 1067 3.15 43.97 -21.34
CA LEU A 1067 2.70 42.62 -21.07
C LEU A 1067 1.76 42.13 -22.16
N PRO A 1068 2.08 41.03 -22.82
CA PRO A 1068 1.22 40.50 -23.88
C PRO A 1068 -0.12 40.05 -23.32
N THR A 1069 -1.13 40.02 -24.21
CA THR A 1069 -2.49 39.68 -23.84
C THR A 1069 -2.99 38.42 -24.53
N VAL A 1070 -2.08 37.59 -25.03
CA VAL A 1070 -2.45 36.34 -25.69
C VAL A 1070 -3.03 35.39 -24.65
N PRO A 1071 -4.00 34.55 -25.01
CA PRO A 1071 -4.58 33.63 -24.03
C PRO A 1071 -3.55 32.64 -23.51
N LEU A 1072 -3.73 32.25 -22.25
CA LEU A 1072 -2.91 31.21 -21.63
C LEU A 1072 -3.60 29.84 -21.61
N VAL A 1073 -4.92 29.81 -21.67
CA VAL A 1073 -5.67 28.57 -21.76
C VAL A 1073 -6.66 28.68 -22.91
N GLY A 1074 -6.86 27.57 -23.62
CA GLY A 1074 -7.78 27.53 -24.74
C GLY A 1074 -8.97 26.63 -24.50
N ARG A 1075 -9.84 26.51 -25.48
CA ARG A 1075 -10.98 25.60 -25.36
C ARG A 1075 -10.53 24.15 -25.38
N LYS A 1076 -11.33 23.28 -24.76
CA LYS A 1076 -11.00 21.87 -24.71
C LYS A 1076 -10.95 21.25 -26.11
N ASP A 1077 -11.91 21.62 -26.96
CA ASP A 1077 -12.02 21.10 -28.32
C ASP A 1077 -11.33 22.00 -29.33
N SER A 1078 -10.28 22.71 -28.93
CA SER A 1078 -9.56 23.62 -29.80
C SER A 1078 -8.17 23.07 -30.09
N ASP A 1079 -7.47 23.73 -31.01
CA ASP A 1079 -6.12 23.36 -31.39
C ASP A 1079 -5.05 24.16 -30.66
N TRP A 1080 -5.44 25.06 -29.76
CA TRP A 1080 -4.51 25.90 -29.00
C TRP A 1080 -3.62 26.72 -29.93
N SER A 1081 -4.20 27.25 -31.01
CA SER A 1081 -3.40 28.01 -31.97
C SER A 1081 -2.96 29.36 -31.40
N THR A 1082 -3.85 30.06 -30.70
CA THR A 1082 -3.59 31.41 -30.24
C THR A 1082 -3.04 31.47 -28.81
N VAL A 1083 -2.84 30.32 -28.16
CA VAL A 1083 -2.33 30.30 -26.80
C VAL A 1083 -0.87 30.74 -26.80
N LEU A 1084 -0.40 31.24 -25.66
CA LEU A 1084 0.99 31.66 -25.49
C LEU A 1084 1.95 30.57 -25.94
N SER A 1085 2.77 30.86 -26.95
CA SER A 1085 3.69 29.87 -27.49
C SER A 1085 5.02 29.94 -26.76
N GLU A 1086 5.85 28.92 -27.01
CA GLU A 1086 7.16 28.83 -26.36
C GLU A 1086 8.05 29.99 -26.74
N ALA A 1087 8.00 30.41 -28.02
CA ALA A 1087 8.78 31.57 -28.44
C ALA A 1087 8.31 32.82 -27.71
N GLU A 1088 7.00 32.96 -27.52
CA GLU A 1088 6.48 34.11 -26.78
C GLU A 1088 6.97 34.11 -25.34
N PHE A 1089 6.99 32.94 -24.70
CA PHE A 1089 7.50 32.85 -23.33
C PHE A 1089 8.99 33.16 -23.27
N ALA A 1090 9.75 32.71 -24.26
CA ALA A 1090 11.17 33.03 -24.31
C ALA A 1090 11.38 34.53 -24.44
N GLU A 1091 10.61 35.18 -25.32
CA GLU A 1091 10.69 36.64 -25.43
C GLU A 1091 10.30 37.32 -24.13
N LEU A 1092 9.26 36.80 -23.46
CA LEU A 1092 8.83 37.34 -22.18
C LEU A 1092 9.96 37.31 -21.17
N CYS A 1093 10.59 36.15 -20.98
CA CYS A 1093 11.65 36.04 -19.98
C CYS A 1093 12.88 36.83 -20.38
N GLU A 1094 13.14 36.95 -21.68
CA GLU A 1094 14.26 37.76 -22.15
C GLU A 1094 14.05 39.23 -21.82
N HIS A 1095 12.85 39.75 -22.09
CA HIS A 1095 12.60 41.17 -21.89
C HIS A 1095 12.41 41.52 -20.41
N GLN A 1096 11.74 40.66 -19.64
CA GLN A 1096 11.38 40.99 -18.27
C GLN A 1096 12.36 40.47 -17.23
N LEU A 1097 13.14 39.44 -17.53
CA LEU A 1097 14.06 38.86 -16.56
C LEU A 1097 15.52 39.02 -16.99
N THR A 1098 15.84 38.69 -18.24
CA THR A 1098 17.23 38.79 -18.70
C THR A 1098 17.70 40.24 -18.74
N HIS A 1099 16.81 41.16 -19.11
CA HIS A 1099 17.18 42.58 -19.18
C HIS A 1099 17.59 43.11 -17.82
N HIS A 1100 16.82 42.78 -16.78
CA HIS A 1100 17.17 43.21 -15.43
C HIS A 1100 18.51 42.61 -14.99
N PHE A 1101 18.73 41.33 -15.31
CA PHE A 1101 20.01 40.70 -14.98
C PHE A 1101 21.17 41.42 -15.66
N ARG A 1102 21.02 41.72 -16.95
CA ARG A 1102 22.10 42.37 -17.68
C ARG A 1102 22.37 43.76 -17.11
N VAL A 1103 21.32 44.54 -16.85
CA VAL A 1103 21.51 45.88 -16.30
C VAL A 1103 22.16 45.81 -14.93
N ALA A 1104 21.70 44.87 -14.08
CA ALA A 1104 22.25 44.75 -12.74
C ALA A 1104 23.72 44.35 -12.79
N ARG A 1105 24.09 43.41 -13.64
CA ARG A 1105 25.49 43.02 -13.76
C ARG A 1105 26.33 44.19 -14.22
N LYS A 1106 25.88 44.89 -15.26
CA LYS A 1106 26.67 45.98 -15.81
C LYS A 1106 26.85 47.10 -14.79
N ILE A 1107 25.79 47.47 -14.08
CA ILE A 1107 25.92 48.52 -13.07
C ILE A 1107 26.79 48.04 -11.90
N ALA A 1108 26.66 46.78 -11.51
CA ALA A 1108 27.44 46.27 -10.39
C ALA A 1108 28.93 46.32 -10.70
N LEU A 1109 29.31 45.98 -11.93
CA LEU A 1109 30.72 46.09 -12.30
C LEU A 1109 31.12 47.53 -12.57
N SER A 1110 30.15 48.45 -12.62
CA SER A 1110 30.41 49.83 -12.97
C SER A 1110 30.32 50.79 -11.79
N ASP A 1111 30.42 50.30 -10.56
CA ASP A 1111 30.49 51.14 -9.36
C ASP A 1111 29.23 51.97 -9.16
N GLY A 1112 28.06 51.34 -9.23
CA GLY A 1112 26.83 52.06 -8.92
C GLY A 1112 26.72 52.35 -7.43
N ALA A 1113 25.87 53.33 -7.11
CA ALA A 1113 25.60 53.60 -5.70
C ALA A 1113 24.38 52.83 -5.22
N SER A 1114 23.35 52.73 -6.06
CA SER A 1114 22.16 51.94 -5.75
C SER A 1114 21.43 51.63 -7.05
N LEU A 1115 20.69 50.54 -7.03
CA LEU A 1115 19.96 50.11 -8.23
C LEU A 1115 18.59 49.59 -7.83
N ALA A 1116 17.55 50.18 -8.42
CA ALA A 1116 16.16 49.84 -8.10
C ALA A 1116 15.52 49.17 -9.31
N LEU A 1117 15.04 47.94 -9.12
CA LEU A 1117 14.40 47.18 -10.18
C LEU A 1117 12.89 47.36 -10.11
N VAL A 1118 12.26 47.68 -11.25
CA VAL A 1118 10.83 47.92 -11.32
C VAL A 1118 10.16 46.78 -12.06
N THR A 1119 9.19 46.15 -11.41
CA THR A 1119 8.37 45.13 -12.03
C THR A 1119 7.29 45.78 -12.90
N PRO A 1120 6.73 45.06 -13.86
CA PRO A 1120 5.70 45.66 -14.72
C PRO A 1120 4.49 46.11 -13.93
N GLU A 1121 3.90 47.21 -14.40
CA GLU A 1121 2.79 47.86 -13.70
C GLU A 1121 1.47 47.19 -14.05
N THR A 1122 0.56 47.15 -13.07
CA THR A 1122 -0.77 46.60 -13.25
C THR A 1122 -1.81 47.59 -12.73
N THR A 1123 -2.92 47.70 -13.46
CA THR A 1123 -4.06 48.51 -13.07
C THR A 1123 -5.33 47.68 -13.21
N ALA A 1124 -6.46 48.31 -12.89
CA ALA A 1124 -7.74 47.65 -13.06
C ALA A 1124 -8.10 47.46 -14.52
N THR A 1125 -7.41 48.15 -15.43
CA THR A 1125 -7.65 48.03 -16.86
C THR A 1125 -6.99 46.81 -17.48
N SER A 1126 -6.09 46.14 -16.76
CA SER A 1126 -5.38 45.00 -17.32
C SER A 1126 -6.24 43.74 -17.26
N THR A 1127 -5.95 42.81 -18.17
CA THR A 1127 -6.68 41.56 -18.24
C THR A 1127 -6.15 40.56 -17.19
N THR A 1128 -6.89 39.46 -17.04
CA THR A 1128 -6.47 38.41 -16.11
C THR A 1128 -5.13 37.81 -16.50
N GLU A 1129 -4.91 37.59 -17.79
CA GLU A 1129 -3.64 37.02 -18.25
C GLU A 1129 -2.48 37.95 -17.91
N GLN A 1130 -2.67 39.26 -18.09
CA GLN A 1130 -1.64 40.21 -17.72
C GLN A 1130 -1.33 40.14 -16.23
N PHE A 1131 -2.36 40.01 -15.39
CA PHE A 1131 -2.14 39.88 -13.96
C PHE A 1131 -1.36 38.62 -13.63
N ALA A 1132 -1.70 37.50 -14.28
CA ALA A 1132 -0.99 36.25 -14.01
C ALA A 1132 0.48 36.36 -14.41
N LEU A 1133 0.75 36.93 -15.59
CA LEU A 1133 2.13 37.08 -16.02
C LEU A 1133 2.91 38.03 -15.13
N ALA A 1134 2.25 39.11 -14.68
CA ALA A 1134 2.92 40.05 -13.78
C ALA A 1134 3.24 39.40 -12.45
N ASN A 1135 2.31 38.59 -11.91
CA ASN A 1135 2.60 37.85 -10.69
C ASN A 1135 3.75 36.88 -10.88
N PHE A 1136 3.78 36.18 -12.01
CA PHE A 1136 4.90 35.30 -12.33
C PHE A 1136 6.22 36.06 -12.30
N ILE A 1137 6.28 37.19 -13.01
CA ILE A 1137 7.51 37.96 -13.11
C ILE A 1137 7.93 38.47 -11.73
N LYS A 1138 6.98 38.98 -10.95
CA LYS A 1138 7.30 39.52 -9.63
C LYS A 1138 7.84 38.45 -8.71
N THR A 1139 7.17 37.30 -8.64
CA THR A 1139 7.62 36.21 -7.77
C THR A 1139 8.99 35.71 -8.21
N THR A 1140 9.21 35.59 -9.53
CA THR A 1140 10.50 35.14 -10.03
C THR A 1140 11.60 36.14 -9.67
N LEU A 1141 11.32 37.44 -9.82
CA LEU A 1141 12.35 38.44 -9.62
C LEU A 1141 12.66 38.64 -8.14
N HIS A 1142 11.71 38.29 -7.26
CA HIS A 1142 11.95 38.42 -5.82
C HIS A 1142 13.20 37.65 -5.39
N ALA A 1143 13.32 36.40 -5.83
CA ALA A 1143 14.46 35.57 -5.45
C ALA A 1143 15.77 36.14 -5.98
N PHE A 1144 15.77 36.60 -7.24
CA PHE A 1144 16.97 37.17 -7.82
C PHE A 1144 17.41 38.41 -7.05
N THR A 1145 16.47 39.29 -6.71
CA THR A 1145 16.80 40.49 -5.96
C THR A 1145 17.35 40.15 -4.58
N ALA A 1146 16.72 39.21 -3.89
CA ALA A 1146 17.22 38.83 -2.56
C ALA A 1146 18.61 38.22 -2.64
N THR A 1147 18.83 37.33 -3.62
CA THR A 1147 20.13 36.70 -3.77
C THR A 1147 21.21 37.72 -4.07
N ILE A 1148 20.95 38.63 -5.01
CA ILE A 1148 21.97 39.62 -5.36
C ILE A 1148 22.21 40.59 -4.20
N GLY A 1149 21.16 40.95 -3.46
CA GLY A 1149 21.38 41.82 -2.31
C GLY A 1149 22.25 41.19 -1.25
N VAL A 1150 21.95 39.94 -0.88
CA VAL A 1150 22.75 39.26 0.13
C VAL A 1150 24.17 39.04 -0.37
N GLU A 1151 24.31 38.71 -1.67
CA GLU A 1151 25.61 38.46 -2.25
C GLU A 1151 26.48 39.72 -2.23
N SER A 1152 25.90 40.86 -2.60
CA SER A 1152 26.63 42.11 -2.57
C SER A 1152 26.96 42.53 -1.14
N GLU A 1153 26.05 42.26 -0.20
CA GLU A 1153 26.35 42.53 1.20
C GLU A 1153 27.54 41.71 1.68
N ARG A 1154 27.57 40.43 1.32
CA ARG A 1154 28.67 39.55 1.71
C ARG A 1154 29.99 39.92 1.05
N THR A 1155 29.98 40.37 -0.21
CA THR A 1155 31.22 40.71 -0.90
C THR A 1155 31.63 42.15 -0.68
N ALA A 1156 31.17 42.77 0.41
CA ALA A 1156 31.59 44.11 0.85
C ALA A 1156 31.37 45.18 -0.23
N GLN A 1157 30.28 45.08 -0.99
CA GLN A 1157 30.02 46.05 -2.03
C GLN A 1157 29.27 47.26 -1.47
N ARG A 1158 29.59 48.44 -2.00
CA ARG A 1158 28.86 49.65 -1.62
C ARG A 1158 27.42 49.60 -2.12
N ILE A 1159 27.20 48.91 -3.24
CA ILE A 1159 25.94 49.02 -3.97
C ILE A 1159 24.78 48.50 -3.14
N LEU A 1160 23.68 49.25 -3.13
CA LEU A 1160 22.43 48.81 -2.54
C LEU A 1160 21.46 48.51 -3.67
N ILE A 1161 21.13 47.22 -3.84
CA ILE A 1161 20.23 46.79 -4.90
C ILE A 1161 18.90 46.38 -4.27
N ASN A 1162 17.82 46.97 -4.76
CA ASN A 1162 16.48 46.76 -4.19
C ASN A 1162 15.47 46.64 -5.31
N GLN A 1163 14.24 46.28 -4.92
CA GLN A 1163 13.14 46.05 -5.84
C GLN A 1163 11.93 46.86 -5.39
N VAL A 1164 11.23 47.46 -6.35
CA VAL A 1164 9.99 48.17 -6.09
C VAL A 1164 8.90 47.56 -6.96
N ASP A 1165 7.73 47.32 -6.37
CA ASP A 1165 6.65 46.60 -7.04
C ASP A 1165 5.55 47.57 -7.43
N LEU A 1166 5.26 47.66 -8.73
CA LEU A 1166 4.07 48.30 -9.24
C LEU A 1166 2.94 47.30 -9.47
N THR A 1167 3.19 46.02 -9.22
CA THR A 1167 2.22 44.96 -9.45
C THR A 1167 1.52 44.59 -8.15
N ARG A 1168 0.20 44.40 -8.22
CA ARG A 1168 -0.57 43.92 -7.09
C ARG A 1168 -1.29 42.63 -7.46
N ARG A 1169 -1.44 41.75 -6.47
CA ARG A 1169 -1.87 40.38 -6.73
C ARG A 1169 -3.31 40.33 -7.24
N ALA A 1170 -4.15 41.25 -6.80
CA ALA A 1170 -5.56 41.22 -7.17
C ALA A 1170 -5.94 42.53 -7.85
N ARG A 1171 -6.87 42.44 -8.79
CA ARG A 1171 -7.32 43.65 -9.49
C ARG A 1171 -8.19 44.52 -8.58
N ALA A 1172 -8.73 43.95 -7.50
CA ALA A 1172 -9.45 44.76 -6.52
C ALA A 1172 -8.51 45.68 -5.76
N GLU A 1173 -7.21 45.43 -5.82
CA GLU A 1173 -6.22 46.26 -5.14
C GLU A 1173 -5.74 47.44 -5.99
N GLU A 1174 -6.24 47.59 -7.21
CA GLU A 1174 -5.77 48.61 -8.13
C GLU A 1174 -6.66 49.85 -8.06
N PRO A 1175 -6.13 51.02 -8.46
CA PRO A 1175 -6.91 52.25 -8.33
C PRO A 1175 -8.14 52.25 -9.21
N ARG A 1176 -9.18 52.97 -8.77
CA ARG A 1176 -10.40 53.14 -9.52
C ARG A 1176 -10.75 54.60 -9.80
N ASP A 1177 -9.94 55.54 -9.31
CA ASP A 1177 -10.15 56.95 -9.57
C ASP A 1177 -8.80 57.59 -9.82
N PRO A 1178 -8.78 58.75 -10.51
CA PRO A 1178 -7.48 59.40 -10.78
C PRO A 1178 -6.73 59.78 -9.51
N HIS A 1179 -7.44 60.09 -8.42
CA HIS A 1179 -6.78 60.45 -7.18
C HIS A 1179 -5.92 59.31 -6.65
N GLU A 1180 -6.47 58.10 -6.67
CA GLU A 1180 -5.67 56.94 -6.23
C GLU A 1180 -4.51 56.67 -7.18
N ARG A 1181 -4.71 56.94 -8.48
CA ARG A 1181 -3.63 56.75 -9.43
C ARG A 1181 -2.46 57.69 -9.15
N GLN A 1182 -2.76 58.97 -8.90
CA GLN A 1182 -1.68 59.91 -8.59
C GLN A 1182 -1.08 59.62 -7.22
N GLN A 1183 -1.90 59.09 -6.29
CA GLN A 1183 -1.35 58.64 -5.02
C GLN A 1183 -0.33 57.52 -5.22
N GLU A 1184 -0.65 56.54 -6.06
CA GLU A 1184 0.28 55.45 -6.34
C GLU A 1184 1.53 55.97 -7.04
N LEU A 1185 1.37 56.96 -7.93
CA LEU A 1185 2.54 57.57 -8.56
C LEU A 1185 3.45 58.20 -7.52
N GLU A 1186 2.88 58.97 -6.59
CA GLU A 1186 3.67 59.60 -5.54
C GLU A 1186 4.32 58.55 -4.64
N ARG A 1187 3.60 57.49 -4.32
CA ARG A 1187 4.15 56.42 -3.49
C ARG A 1187 5.29 55.72 -4.19
N PHE A 1188 5.18 55.53 -5.51
CA PHE A 1188 6.28 54.96 -6.28
C PHE A 1188 7.50 55.87 -6.22
N ILE A 1189 7.27 57.18 -6.31
CA ILE A 1189 8.38 58.13 -6.17
C ILE A 1189 9.02 58.00 -4.80
N GLU A 1190 8.21 57.92 -3.75
CA GLU A 1190 8.76 57.78 -2.40
C GLU A 1190 9.52 56.48 -2.23
N ALA A 1191 9.00 55.38 -2.79
CA ALA A 1191 9.66 54.09 -2.65
C ALA A 1191 11.00 54.08 -3.36
N VAL A 1192 11.04 54.62 -4.58
CA VAL A 1192 12.33 54.70 -5.31
C VAL A 1192 13.28 55.60 -4.50
N LEU A 1193 12.75 56.69 -3.92
CA LEU A 1193 13.60 57.55 -3.09
C LEU A 1193 14.21 56.77 -1.93
N LEU A 1194 13.40 55.92 -1.28
CA LEU A 1194 13.93 55.07 -0.22
C LEU A 1194 15.02 54.14 -0.73
N VAL A 1195 14.78 53.49 -1.89
CA VAL A 1195 15.69 52.45 -2.35
C VAL A 1195 16.83 52.98 -3.21
N THR A 1196 16.89 54.29 -3.45
CA THR A 1196 17.96 54.84 -4.33
C THR A 1196 18.81 55.86 -3.57
N ALA A 1197 18.29 56.44 -2.47
CA ALA A 1197 19.05 57.47 -1.78
C ALA A 1197 20.32 56.87 -1.19
N PRO A 1198 21.50 57.36 -1.55
CA PRO A 1198 22.74 56.78 -1.02
C PRO A 1198 22.86 56.97 0.48
N LEU A 1199 23.42 55.95 1.12
CA LEU A 1199 23.72 56.03 2.54
C LEU A 1199 25.13 56.59 2.74
N PRO A 1200 25.31 57.54 3.66
CA PRO A 1200 26.65 58.08 3.89
C PRO A 1200 27.62 56.99 4.34
N PRO A 1201 28.88 57.08 3.93
CA PRO A 1201 29.85 56.03 4.31
C PRO A 1201 30.02 55.86 5.80
N GLU A 1202 29.83 56.93 6.59
CA GLU A 1202 29.90 56.79 8.05
C GLU A 1202 28.75 55.93 8.57
N ALA A 1203 27.57 56.08 7.99
CA ALA A 1203 26.40 55.33 8.46
C ALA A 1203 26.33 53.92 7.89
N ASP A 1204 27.25 53.55 7.00
CA ASP A 1204 27.24 52.22 6.37
C ASP A 1204 27.86 51.19 7.31
N THR A 1205 27.07 50.76 8.28
CA THR A 1205 27.50 49.72 9.20
C THR A 1205 27.15 48.34 8.65
N ARG A 1206 27.52 47.32 9.42
CA ARG A 1206 27.14 45.95 9.07
C ARG A 1206 25.63 45.79 9.11
N TYR A 1207 25.00 46.25 10.19
CA TYR A 1207 23.58 46.03 10.39
C TYR A 1207 22.74 46.83 9.39
N ALA A 1208 23.06 48.12 9.24
CA ALA A 1208 22.34 48.96 8.28
C ALA A 1208 22.55 48.49 6.85
N GLY A 1209 23.77 48.05 6.51
CA GLY A 1209 24.00 47.50 5.19
C GLY A 1209 23.23 46.21 4.97
N ARG A 1210 23.10 45.39 6.02
CA ARG A 1210 22.30 44.18 5.92
C ARG A 1210 20.83 44.48 5.67
N ILE A 1211 20.31 45.52 6.34
CA ILE A 1211 18.89 45.84 6.19
C ILE A 1211 18.59 46.32 4.78
N HIS A 1212 19.41 47.23 4.24
CA HIS A 1212 19.08 47.98 3.04
C HIS A 1212 19.49 47.26 1.76
N ARG A 1213 19.74 45.95 1.81
CA ARG A 1213 20.03 45.19 0.61
C ARG A 1213 19.07 44.00 0.53
N GLY A 1214 18.61 43.71 -0.69
CA GLY A 1214 17.76 42.56 -0.93
C GLY A 1214 16.32 42.74 -0.53
N ARG A 1215 15.86 43.96 -0.29
CA ARG A 1215 14.49 44.21 0.15
C ARG A 1215 13.62 44.64 -1.01
N ALA A 1216 12.34 44.26 -0.94
CA ALA A 1216 11.36 44.58 -1.96
C ALA A 1216 10.14 45.21 -1.32
N ILE A 1217 9.64 46.29 -1.94
CA ILE A 1217 8.50 47.03 -1.44
C ILE A 1217 7.41 47.05 -2.51
N THR A 1218 6.19 46.72 -2.09
CA THR A 1218 5.03 46.69 -2.98
C THR A 1218 4.25 47.99 -2.85
N VAL A 1219 4.00 48.64 -3.98
CA VAL A 1219 3.26 49.89 -3.99
C VAL A 1219 1.81 49.63 -4.38
N GLY B 5 -20.54 -75.26 -12.92
CA GLY B 5 -19.76 -74.03 -13.21
C GLY B 5 -20.25 -72.83 -12.44
N ARG B 6 -19.34 -71.95 -12.04
CA ARG B 6 -19.72 -70.77 -11.22
C ARG B 6 -20.83 -69.98 -11.93
N LEU B 7 -20.82 -69.97 -13.26
CA LEU B 7 -21.80 -69.17 -13.98
C LEU B 7 -22.94 -70.02 -14.56
N ALA B 8 -23.04 -71.28 -14.13
CA ALA B 8 -24.04 -72.18 -14.69
C ALA B 8 -25.45 -71.74 -14.32
N GLY B 9 -26.36 -71.80 -15.30
CA GLY B 9 -27.76 -71.49 -15.07
C GLY B 9 -28.14 -70.03 -15.17
N LYS B 10 -27.18 -69.14 -15.40
CA LYS B 10 -27.48 -67.72 -15.51
C LYS B 10 -27.44 -67.27 -16.97
N ILE B 11 -28.09 -66.14 -17.24
CA ILE B 11 -28.14 -65.55 -18.57
C ILE B 11 -27.13 -64.42 -18.62
N ALA B 12 -26.11 -64.57 -19.45
CA ALA B 12 -25.04 -63.59 -19.59
C ALA B 12 -25.01 -63.09 -21.02
N LEU B 13 -25.07 -61.78 -21.20
CA LEU B 13 -24.95 -61.18 -22.53
C LEU B 13 -23.73 -60.26 -22.55
N ILE B 14 -22.96 -60.35 -23.63
CA ILE B 14 -21.70 -59.63 -23.80
C ILE B 14 -21.85 -58.76 -25.04
N THR B 15 -21.60 -57.46 -24.88
CA THR B 15 -21.59 -56.58 -26.04
C THR B 15 -20.18 -56.53 -26.65
N GLY B 16 -20.13 -56.45 -27.98
CA GLY B 16 -18.84 -56.47 -28.67
C GLY B 16 -18.08 -57.77 -28.50
N GLY B 17 -18.77 -58.90 -28.47
CA GLY B 17 -18.09 -60.18 -28.32
C GLY B 17 -17.44 -60.67 -29.59
N ALA B 18 -17.70 -60.01 -30.72
CA ALA B 18 -17.14 -60.39 -32.01
C ALA B 18 -15.65 -60.09 -32.13
N GLY B 19 -15.07 -59.36 -31.16
CA GLY B 19 -13.68 -59.00 -31.21
C GLY B 19 -12.78 -60.04 -30.57
N ASN B 20 -11.51 -59.65 -30.41
CA ASN B 20 -10.52 -60.55 -29.83
C ASN B 20 -10.86 -60.88 -28.38
N ILE B 21 -10.91 -59.86 -27.52
CA ILE B 21 -11.18 -60.08 -26.11
C ILE B 21 -12.60 -60.61 -25.90
N GLY B 22 -13.54 -60.14 -26.71
CA GLY B 22 -14.91 -60.61 -26.60
C GLY B 22 -15.04 -62.11 -26.83
N SER B 23 -14.29 -62.64 -27.80
CA SER B 23 -14.31 -64.08 -28.04
C SER B 23 -13.78 -64.85 -26.84
N GLU B 24 -12.70 -64.36 -26.22
CA GLU B 24 -12.17 -65.01 -25.04
C GLU B 24 -13.18 -65.00 -23.89
N LEU B 25 -13.84 -63.85 -23.68
CA LEU B 25 -14.86 -63.77 -22.64
C LEU B 25 -16.02 -64.73 -22.92
N THR B 26 -16.46 -64.79 -24.18
CA THR B 26 -17.54 -65.70 -24.53
C THR B 26 -17.15 -67.15 -24.27
N ARG B 27 -15.94 -67.53 -24.69
CA ARG B 27 -15.48 -68.90 -24.49
C ARG B 27 -15.39 -69.24 -23.01
N ARG B 28 -14.82 -68.34 -22.21
CA ARG B 28 -14.67 -68.61 -20.78
C ARG B 28 -16.04 -68.69 -20.10
N PHE B 29 -16.97 -67.80 -20.45
CA PHE B 29 -18.28 -67.81 -19.83
C PHE B 29 -19.06 -69.07 -20.20
N LEU B 30 -18.99 -69.49 -21.46
CA LEU B 30 -19.66 -70.72 -21.86
C LEU B 30 -19.00 -71.93 -21.22
N ALA B 31 -17.70 -71.86 -20.95
CA ALA B 31 -17.02 -72.95 -20.24
C ALA B 31 -17.53 -73.09 -18.82
N GLU B 32 -18.11 -72.01 -18.27
CA GLU B 32 -18.63 -72.02 -16.90
C GLU B 32 -20.11 -72.37 -16.83
N GLY B 33 -20.73 -72.75 -17.94
CA GLY B 33 -22.12 -73.14 -17.94
C GLY B 33 -23.11 -72.01 -18.14
N ALA B 34 -22.65 -70.79 -18.40
CA ALA B 34 -23.56 -69.67 -18.60
C ALA B 34 -24.14 -69.70 -20.02
N THR B 35 -25.33 -69.13 -20.15
CA THR B 35 -25.97 -68.95 -21.44
C THR B 35 -25.56 -67.59 -22.00
N VAL B 36 -24.92 -67.59 -23.17
CA VAL B 36 -24.29 -66.40 -23.73
C VAL B 36 -25.10 -65.93 -24.93
N ILE B 37 -25.50 -64.66 -24.91
CA ILE B 37 -26.13 -64.01 -26.04
C ILE B 37 -25.11 -63.01 -26.60
N ILE B 38 -24.50 -63.35 -27.73
CA ILE B 38 -23.51 -62.50 -28.37
C ILE B 38 -24.25 -61.44 -29.18
N SER B 39 -23.77 -60.20 -29.11
CA SER B 39 -24.39 -59.07 -29.78
C SER B 39 -23.36 -58.34 -30.64
N GLY B 40 -23.85 -57.68 -31.69
CA GLY B 40 -22.99 -56.94 -32.57
C GLY B 40 -23.76 -56.42 -33.76
N ARG B 41 -23.07 -55.62 -34.59
CA ARG B 41 -23.72 -55.02 -35.75
C ARG B 41 -23.71 -55.93 -36.98
N ASN B 42 -22.84 -56.93 -37.01
CA ASN B 42 -22.65 -57.78 -38.19
C ASN B 42 -23.16 -59.18 -37.87
N ARG B 43 -24.16 -59.64 -38.61
CA ARG B 43 -24.71 -60.97 -38.37
C ARG B 43 -23.70 -62.06 -38.70
N ALA B 44 -22.88 -61.83 -39.73
CA ALA B 44 -21.92 -62.84 -40.16
C ALA B 44 -20.88 -63.12 -39.08
N LYS B 45 -20.38 -62.07 -38.42
CA LYS B 45 -19.35 -62.25 -37.40
C LYS B 45 -19.88 -63.00 -36.19
N LEU B 46 -21.08 -62.64 -35.72
CA LEU B 46 -21.70 -63.38 -34.61
C LEU B 46 -21.99 -64.82 -34.99
N THR B 47 -22.48 -65.04 -36.22
CA THR B 47 -22.76 -66.40 -36.66
C THR B 47 -21.48 -67.24 -36.70
N ALA B 48 -20.40 -66.65 -37.23
CA ALA B 48 -19.12 -67.35 -37.28
C ALA B 48 -18.59 -67.64 -35.89
N LEU B 49 -18.70 -66.68 -34.96
CA LEU B 49 -18.24 -66.90 -33.60
C LEU B 49 -19.03 -68.02 -32.93
N ALA B 50 -20.36 -68.02 -33.13
CA ALA B 50 -21.18 -69.07 -32.54
C ALA B 50 -20.83 -70.43 -33.10
N GLU B 51 -20.65 -70.53 -34.42
CA GLU B 51 -20.38 -71.84 -35.02
C GLU B 51 -18.98 -72.34 -34.63
N ARG B 52 -17.99 -71.45 -34.59
CA ARG B 52 -16.66 -71.88 -34.16
C ARG B 52 -16.66 -72.29 -32.70
N MET B 53 -17.40 -71.56 -31.85
CA MET B 53 -17.51 -71.95 -30.45
C MET B 53 -18.13 -73.33 -30.31
N GLN B 54 -19.23 -73.59 -31.02
CA GLN B 54 -19.87 -74.90 -30.96
C GLN B 54 -18.95 -76.00 -31.49
N ALA B 55 -18.23 -75.71 -32.57
CA ALA B 55 -17.38 -76.73 -33.18
C ALA B 55 -16.20 -77.07 -32.28
N GLU B 56 -15.60 -76.07 -31.64
CA GLU B 56 -14.39 -76.30 -30.86
C GLU B 56 -14.67 -76.77 -29.43
N ALA B 57 -15.58 -76.11 -28.72
CA ALA B 57 -15.85 -76.45 -27.34
C ALA B 57 -17.01 -77.41 -27.16
N GLY B 58 -17.66 -77.81 -28.26
CA GLY B 58 -18.79 -78.71 -28.16
C GLY B 58 -19.97 -78.16 -27.40
N VAL B 59 -20.26 -76.87 -27.56
CA VAL B 59 -21.37 -76.25 -26.82
C VAL B 59 -22.69 -76.57 -27.52
N PRO B 60 -23.69 -77.06 -26.79
CA PRO B 60 -25.01 -77.25 -27.41
C PRO B 60 -25.58 -75.94 -27.92
N ALA B 61 -26.36 -76.02 -29.00
CA ALA B 61 -26.90 -74.82 -29.62
C ALA B 61 -27.85 -74.08 -28.69
N LYS B 62 -28.42 -74.79 -27.71
CA LYS B 62 -29.39 -74.19 -26.80
C LYS B 62 -28.79 -73.12 -25.90
N ARG B 63 -27.47 -73.11 -25.73
CA ARG B 63 -26.81 -72.21 -24.79
C ARG B 63 -26.10 -71.04 -25.46
N ILE B 64 -26.27 -70.86 -26.77
CA ILE B 64 -25.67 -69.75 -27.51
C ILE B 64 -26.78 -69.05 -28.28
N ASP B 65 -26.84 -67.73 -28.18
CA ASP B 65 -27.84 -66.94 -28.89
C ASP B 65 -27.16 -65.78 -29.60
N LEU B 66 -27.80 -65.32 -30.68
CA LEU B 66 -27.29 -64.22 -31.49
C LEU B 66 -28.28 -63.08 -31.46
N GLU B 67 -27.77 -61.86 -31.25
CA GLU B 67 -28.57 -60.65 -31.24
C GLU B 67 -27.84 -59.60 -32.07
N VAL B 68 -28.13 -59.55 -33.36
CA VAL B 68 -27.48 -58.61 -34.27
C VAL B 68 -28.11 -57.25 -34.03
N MET B 69 -27.31 -56.32 -33.51
CA MET B 69 -27.87 -55.12 -32.92
C MET B 69 -26.97 -53.93 -33.20
N ASP B 70 -27.59 -52.76 -33.33
CA ASP B 70 -26.88 -51.49 -33.39
C ASP B 70 -26.86 -50.88 -31.98
N GLY B 71 -25.69 -50.90 -31.35
CA GLY B 71 -25.60 -50.47 -29.96
C GLY B 71 -25.75 -48.97 -29.75
N SER B 72 -25.50 -48.17 -30.79
CA SER B 72 -25.56 -46.72 -30.65
C SER B 72 -26.97 -46.16 -30.79
N ASP B 73 -27.95 -46.98 -31.12
CA ASP B 73 -29.31 -46.49 -31.32
C ASP B 73 -30.17 -46.93 -30.16
N PRO B 74 -30.62 -46.01 -29.28
CA PRO B 74 -31.42 -46.43 -28.12
C PRO B 74 -32.70 -47.16 -28.48
N VAL B 75 -33.37 -46.77 -29.58
CA VAL B 75 -34.64 -47.41 -29.94
C VAL B 75 -34.40 -48.86 -30.38
N ALA B 76 -33.40 -49.07 -31.25
CA ALA B 76 -33.09 -50.43 -31.68
C ALA B 76 -32.64 -51.29 -30.51
N VAL B 77 -31.86 -50.71 -29.59
CA VAL B 77 -31.40 -51.47 -28.44
C VAL B 77 -32.57 -51.81 -27.52
N ARG B 78 -33.53 -50.89 -27.40
CA ARG B 78 -34.74 -51.16 -26.62
C ARG B 78 -35.52 -52.32 -27.23
N ALA B 79 -35.68 -52.31 -28.56
CA ALA B 79 -36.39 -53.39 -29.23
C ALA B 79 -35.68 -54.72 -29.03
N GLY B 80 -34.35 -54.72 -29.17
CA GLY B 80 -33.59 -55.95 -28.98
C GLY B 80 -33.65 -56.46 -27.55
N ILE B 81 -33.65 -55.55 -26.58
CA ILE B 81 -33.74 -55.96 -25.17
C ILE B 81 -35.12 -56.56 -24.89
N GLU B 82 -36.17 -55.95 -25.44
CA GLU B 82 -37.50 -56.53 -25.31
C GLU B 82 -37.55 -57.92 -25.94
N ALA B 83 -36.95 -58.08 -27.12
CA ALA B 83 -36.93 -59.39 -27.77
C ALA B 83 -36.17 -60.42 -26.94
N ILE B 84 -35.00 -60.04 -26.41
CA ILE B 84 -34.18 -61.00 -25.68
C ILE B 84 -34.85 -61.40 -24.37
N VAL B 85 -35.53 -60.44 -23.72
CA VAL B 85 -36.22 -60.77 -22.47
C VAL B 85 -37.47 -61.59 -22.76
N ALA B 86 -38.07 -61.39 -23.94
CA ALA B 86 -39.17 -62.26 -24.36
C ALA B 86 -38.67 -63.68 -24.60
N ARG B 87 -37.47 -63.83 -25.15
CA ARG B 87 -36.95 -65.15 -25.49
C ARG B 87 -36.29 -65.85 -24.30
N HIS B 88 -35.93 -65.12 -23.25
CA HIS B 88 -35.27 -65.73 -22.10
C HIS B 88 -35.89 -65.39 -20.75
N GLY B 89 -36.56 -64.26 -20.61
CA GLY B 89 -37.21 -63.93 -19.36
C GLY B 89 -36.40 -63.07 -18.42
N GLN B 90 -35.09 -63.33 -18.33
CA GLN B 90 -34.24 -62.58 -17.41
C GLN B 90 -32.80 -62.65 -17.91
N ILE B 91 -32.01 -61.68 -17.47
CA ILE B 91 -30.59 -61.56 -17.80
C ILE B 91 -29.84 -61.40 -16.48
N ASP B 92 -28.72 -62.11 -16.33
CA ASP B 92 -28.03 -62.11 -15.05
C ASP B 92 -26.69 -61.38 -15.10
N ILE B 93 -25.98 -61.45 -16.24
CA ILE B 93 -24.67 -60.84 -16.36
C ILE B 93 -24.67 -59.93 -17.58
N LEU B 94 -24.22 -58.68 -17.38
CA LEU B 94 -24.10 -57.70 -18.44
C LEU B 94 -22.64 -57.34 -18.62
N VAL B 95 -22.04 -57.78 -19.74
CA VAL B 95 -20.63 -57.56 -20.01
C VAL B 95 -20.53 -56.42 -21.01
N ASN B 96 -20.05 -55.27 -20.54
CA ASN B 96 -19.88 -54.08 -21.37
C ASN B 96 -18.43 -54.02 -21.86
N ASN B 97 -18.23 -54.48 -23.10
CA ASN B 97 -16.89 -54.56 -23.66
C ASN B 97 -16.77 -53.94 -25.05
N ALA B 98 -17.89 -53.64 -25.71
CA ALA B 98 -17.84 -53.17 -27.09
C ALA B 98 -17.18 -51.80 -27.18
N GLY B 99 -16.71 -51.48 -28.38
CA GLY B 99 -16.07 -50.21 -28.63
C GLY B 99 -15.35 -50.23 -29.96
N SER B 100 -14.87 -49.05 -30.34
CA SER B 100 -14.12 -48.87 -31.58
C SER B 100 -12.76 -48.26 -31.27
N ALA B 101 -11.86 -48.34 -32.25
CA ALA B 101 -10.52 -47.80 -32.08
C ALA B 101 -10.50 -46.28 -32.07
N GLY B 102 -11.54 -45.64 -32.59
CA GLY B 102 -11.62 -44.19 -32.60
C GLY B 102 -10.70 -43.56 -33.64
N ALA B 103 -10.96 -42.31 -33.98
CA ALA B 103 -10.13 -41.61 -34.94
C ALA B 103 -8.74 -41.38 -34.36
N GLN B 104 -7.74 -41.99 -35.00
CA GLN B 104 -6.34 -41.88 -34.54
C GLN B 104 -5.70 -40.68 -35.20
N ARG B 105 -6.14 -39.50 -34.76
CA ARG B 105 -5.68 -38.23 -35.29
C ARG B 105 -5.59 -37.21 -34.17
N ARG B 106 -4.86 -36.13 -34.43
CA ARG B 106 -4.73 -35.06 -33.45
C ARG B 106 -6.01 -34.26 -33.34
N LEU B 107 -6.10 -33.43 -32.30
CA LEU B 107 -7.23 -32.53 -32.15
C LEU B 107 -7.31 -31.55 -33.31
N ALA B 108 -6.15 -31.03 -33.73
CA ALA B 108 -6.12 -30.11 -34.87
C ALA B 108 -6.48 -30.79 -36.19
N GLU B 109 -6.52 -32.12 -36.23
CA GLU B 109 -6.82 -32.86 -37.44
C GLU B 109 -7.95 -33.88 -37.25
N ILE B 110 -8.68 -33.81 -36.14
CA ILE B 110 -9.74 -34.78 -35.88
C ILE B 110 -10.84 -34.61 -36.93
N PRO B 111 -11.45 -35.69 -37.40
CA PRO B 111 -12.56 -35.56 -38.37
C PRO B 111 -13.85 -35.14 -37.67
N LEU B 112 -14.47 -34.08 -38.18
CA LEU B 112 -15.73 -33.61 -37.64
C LEU B 112 -16.94 -34.16 -38.38
N THR B 113 -16.86 -34.23 -39.71
CA THR B 113 -17.94 -34.73 -40.54
C THR B 113 -17.46 -35.92 -41.37
N GLU B 114 -18.41 -36.59 -42.02
CA GLU B 114 -18.05 -37.72 -42.87
C GLU B 114 -17.19 -37.28 -44.05
N ALA B 115 -17.38 -36.05 -44.54
CA ALA B 115 -16.57 -35.55 -45.65
C ALA B 115 -15.11 -35.36 -45.26
N GLU B 116 -14.82 -35.24 -43.96
CA GLU B 116 -13.45 -35.07 -43.49
C GLU B 116 -12.77 -36.40 -43.17
N LEU B 117 -13.41 -37.53 -43.44
CA LEU B 117 -12.84 -38.84 -43.16
C LEU B 117 -11.67 -39.08 -44.12
N GLY B 118 -10.45 -38.96 -43.60
CA GLY B 118 -9.27 -39.21 -44.38
C GLY B 118 -8.78 -40.63 -44.24
N PRO B 119 -7.61 -40.93 -44.81
CA PRO B 119 -7.03 -42.27 -44.64
C PRO B 119 -6.71 -42.54 -43.18
N GLY B 120 -6.92 -43.79 -42.77
CA GLY B 120 -6.68 -44.19 -41.40
C GLY B 120 -7.81 -43.87 -40.44
N ALA B 121 -8.89 -43.27 -40.92
CA ALA B 121 -10.03 -42.93 -40.08
C ALA B 121 -11.21 -43.82 -40.44
N GLU B 122 -11.82 -44.43 -39.43
CA GLU B 122 -12.95 -45.32 -39.64
C GLU B 122 -14.30 -44.69 -39.29
N GLU B 123 -14.31 -43.70 -38.40
CA GLU B 123 -15.56 -43.08 -37.97
C GLU B 123 -15.26 -41.69 -37.45
N THR B 124 -16.32 -40.90 -37.30
CA THR B 124 -16.18 -39.53 -36.82
C THR B 124 -16.22 -39.50 -35.30
N LEU B 125 -16.05 -38.28 -34.76
CA LEU B 125 -16.07 -38.08 -33.31
C LEU B 125 -17.41 -38.47 -32.71
N HIS B 126 -18.51 -38.05 -33.37
CA HIS B 126 -19.84 -38.38 -32.88
C HIS B 126 -20.05 -39.89 -32.84
N ALA B 127 -19.62 -40.59 -33.89
CA ALA B 127 -19.76 -42.04 -33.92
C ALA B 127 -18.97 -42.69 -32.80
N SER B 128 -17.75 -42.20 -32.54
CA SER B 128 -16.94 -42.77 -31.47
C SER B 128 -17.61 -42.57 -30.11
N ILE B 129 -18.09 -41.36 -29.83
CA ILE B 129 -18.74 -41.12 -28.54
C ILE B 129 -20.00 -41.98 -28.40
N ALA B 130 -20.77 -42.11 -29.48
CA ALA B 130 -21.95 -42.95 -29.43
C ALA B 130 -21.60 -44.41 -29.19
N ASN B 131 -20.51 -44.89 -29.80
CA ASN B 131 -20.19 -46.31 -29.74
C ASN B 131 -19.38 -46.67 -28.49
N LEU B 132 -18.93 -45.68 -27.74
CA LEU B 132 -18.15 -45.97 -26.53
C LEU B 132 -18.85 -45.58 -25.24
N LEU B 133 -19.49 -44.41 -25.18
CA LEU B 133 -20.10 -43.93 -23.96
C LEU B 133 -21.61 -44.15 -23.92
N GLY B 134 -22.34 -43.68 -24.92
CA GLY B 134 -23.79 -43.73 -24.87
C GLY B 134 -24.34 -45.14 -24.93
N MET B 135 -23.68 -46.02 -25.68
CA MET B 135 -24.19 -47.36 -25.87
C MET B 135 -24.29 -48.13 -24.55
N GLY B 136 -23.24 -48.05 -23.73
CA GLY B 136 -23.31 -48.70 -22.43
C GLY B 136 -24.33 -48.06 -21.52
N TRP B 137 -24.48 -46.73 -21.60
CA TRP B 137 -25.50 -46.04 -20.84
C TRP B 137 -26.88 -46.58 -21.15
N HIS B 138 -27.22 -46.67 -22.44
CA HIS B 138 -28.52 -47.22 -22.82
C HIS B 138 -28.64 -48.67 -22.39
N LEU B 139 -27.58 -49.45 -22.56
CA LEU B 139 -27.62 -50.86 -22.18
C LEU B 139 -27.99 -51.02 -20.71
N MET B 140 -27.30 -50.31 -19.82
CA MET B 140 -27.67 -50.33 -18.41
C MET B 140 -29.10 -49.85 -18.22
N ARG B 141 -29.46 -48.74 -18.88
CA ARG B 141 -30.73 -48.08 -18.63
C ARG B 141 -31.91 -49.01 -18.91
N ILE B 142 -31.84 -49.79 -19.98
CA ILE B 142 -32.99 -50.60 -20.35
C ILE B 142 -32.79 -52.06 -19.96
N ALA B 143 -31.59 -52.43 -19.52
CA ALA B 143 -31.40 -53.79 -19.00
C ALA B 143 -31.80 -53.88 -17.54
N ALA B 144 -31.43 -52.88 -16.73
CA ALA B 144 -31.70 -52.95 -15.29
C ALA B 144 -33.16 -53.21 -14.92
N PRO B 145 -34.17 -52.64 -15.60
CA PRO B 145 -35.56 -52.98 -15.24
C PRO B 145 -35.87 -54.47 -15.37
N HIS B 146 -35.06 -55.17 -16.15
CA HIS B 146 -35.24 -56.60 -16.38
C HIS B 146 -34.10 -57.43 -15.80
N MET B 147 -33.30 -56.86 -14.89
CA MET B 147 -32.22 -57.58 -14.24
C MET B 147 -32.70 -58.05 -12.88
N PRO B 148 -32.81 -59.35 -12.62
CA PRO B 148 -33.29 -59.81 -11.32
C PRO B 148 -32.24 -59.62 -10.23
N VAL B 149 -32.69 -59.79 -8.98
CA VAL B 149 -31.81 -59.63 -7.84
C VAL B 149 -30.68 -60.65 -7.93
N GLY B 150 -29.47 -60.21 -7.55
CA GLY B 150 -28.28 -61.04 -7.67
C GLY B 150 -27.55 -60.91 -8.99
N SER B 151 -28.06 -60.09 -9.91
CA SER B 151 -27.42 -59.92 -11.20
C SER B 151 -26.15 -59.08 -11.07
N ALA B 152 -25.30 -59.15 -12.10
CA ALA B 152 -24.01 -58.50 -12.08
C ALA B 152 -23.75 -57.77 -13.40
N VAL B 153 -23.15 -56.59 -13.31
CA VAL B 153 -22.67 -55.86 -14.47
C VAL B 153 -21.15 -55.75 -14.35
N ILE B 154 -20.45 -56.16 -15.40
CA ILE B 154 -19.00 -56.04 -15.46
C ILE B 154 -18.67 -55.28 -16.73
N ASN B 155 -18.02 -54.14 -16.59
CA ASN B 155 -17.61 -53.36 -17.75
C ASN B 155 -16.09 -53.29 -17.84
N VAL B 156 -15.56 -53.55 -19.04
CA VAL B 156 -14.13 -53.59 -19.27
C VAL B 156 -13.71 -52.25 -19.85
N SER B 157 -13.17 -51.39 -19.00
CA SER B 157 -12.65 -50.09 -19.41
C SER B 157 -11.19 -50.25 -19.82
N THR B 158 -10.41 -49.19 -19.98
CA THR B 158 -9.01 -49.32 -20.35
C THR B 158 -8.19 -48.40 -19.48
N ILE B 159 -7.02 -48.89 -19.03
CA ILE B 159 -6.15 -48.11 -18.18
C ILE B 159 -5.67 -46.84 -18.89
N PHE B 160 -5.61 -46.85 -20.22
CA PHE B 160 -5.24 -45.65 -20.96
C PHE B 160 -6.22 -44.51 -20.76
N SER B 161 -7.32 -44.73 -20.04
CA SER B 161 -8.23 -43.68 -19.63
C SER B 161 -7.68 -42.81 -18.53
N ARG B 162 -6.50 -43.16 -17.98
CA ARG B 162 -5.85 -42.29 -17.00
C ARG B 162 -4.38 -42.07 -17.32
N ALA B 163 -3.98 -42.08 -18.58
CA ALA B 163 -2.61 -41.83 -18.99
C ALA B 163 -2.57 -40.84 -20.15
N GLU B 164 -1.36 -40.48 -20.56
CA GLU B 164 -1.14 -39.59 -21.69
C GLU B 164 -1.25 -40.42 -22.98
N TYR B 165 -2.47 -40.85 -23.28
CA TYR B 165 -2.72 -41.74 -24.41
C TYR B 165 -2.92 -40.87 -25.64
N TYR B 166 -1.85 -40.75 -26.41
CA TYR B 166 -1.72 -39.71 -27.44
C TYR B 166 -2.59 -39.98 -28.66
N GLY B 167 -3.16 -38.90 -29.21
CA GLY B 167 -3.76 -38.92 -30.51
C GLY B 167 -5.09 -39.64 -30.63
N ARG B 168 -5.71 -39.99 -29.50
CA ARG B 168 -6.92 -40.80 -29.52
C ARG B 168 -7.96 -40.29 -28.52
N ILE B 169 -8.22 -38.98 -28.54
CA ILE B 169 -9.23 -38.40 -27.64
C ILE B 169 -10.58 -39.08 -27.78
N PRO B 170 -11.12 -39.33 -28.98
CA PRO B 170 -12.44 -39.99 -29.06
C PRO B 170 -12.45 -41.39 -28.49
N TYR B 171 -11.28 -41.99 -28.24
CA TYR B 171 -11.21 -43.30 -27.62
C TYR B 171 -11.00 -43.21 -26.11
N VAL B 172 -10.40 -42.13 -25.63
CA VAL B 172 -10.06 -42.05 -24.20
C VAL B 172 -11.12 -41.27 -23.41
N THR B 173 -11.64 -40.18 -23.94
CA THR B 173 -12.62 -39.38 -23.20
C THR B 173 -13.90 -40.15 -22.87
N PRO B 174 -14.56 -40.81 -23.82
CA PRO B 174 -15.77 -41.57 -23.45
C PRO B 174 -15.48 -42.70 -22.49
N LYS B 175 -14.26 -43.21 -22.43
CA LYS B 175 -13.95 -44.27 -21.48
C LYS B 175 -13.87 -43.75 -20.06
N ALA B 176 -13.27 -42.57 -19.85
CA ALA B 176 -13.33 -41.94 -18.53
C ALA B 176 -14.76 -41.59 -18.14
N ALA B 177 -15.54 -41.08 -19.11
CA ALA B 177 -16.95 -40.85 -18.85
C ALA B 177 -17.66 -42.14 -18.46
N LEU B 178 -17.28 -43.25 -19.09
CA LEU B 178 -17.86 -44.55 -18.78
C LEU B 178 -17.47 -45.00 -17.38
N ASN B 179 -16.24 -44.71 -16.96
CA ASN B 179 -15.83 -45.03 -15.59
C ASN B 179 -16.68 -44.27 -14.58
N ALA B 180 -16.88 -42.97 -14.82
CA ALA B 180 -17.73 -42.18 -13.91
C ALA B 180 -19.16 -42.71 -13.92
N LEU B 181 -19.67 -43.04 -15.11
CA LEU B 181 -20.98 -43.66 -15.23
C LEU B 181 -21.04 -44.96 -14.44
N SER B 182 -19.97 -45.74 -14.48
CA SER B 182 -19.94 -47.00 -13.75
C SER B 182 -20.05 -46.77 -12.24
N GLN B 183 -19.26 -45.83 -11.71
CA GLN B 183 -19.35 -45.55 -10.29
C GLN B 183 -20.74 -45.10 -9.88
N LEU B 184 -21.33 -44.16 -10.64
CA LEU B 184 -22.62 -43.62 -10.22
C LEU B 184 -23.74 -44.62 -10.42
N ALA B 185 -23.67 -45.41 -11.50
CA ALA B 185 -24.65 -46.46 -11.72
C ALA B 185 -24.56 -47.53 -10.64
N ALA B 186 -23.34 -47.85 -10.19
CA ALA B 186 -23.20 -48.76 -9.07
C ALA B 186 -23.85 -48.18 -7.82
N ARG B 187 -23.62 -46.89 -7.55
CA ARG B 187 -24.24 -46.26 -6.39
C ARG B 187 -25.75 -46.35 -6.45
N GLU B 188 -26.35 -46.08 -7.61
CA GLU B 188 -27.81 -46.09 -7.68
C GLU B 188 -28.37 -47.51 -7.70
N LEU B 189 -27.67 -48.45 -8.34
CA LEU B 189 -28.16 -49.83 -8.42
C LEU B 189 -27.94 -50.57 -7.12
N GLY B 190 -27.13 -50.02 -6.21
CA GLY B 190 -27.02 -50.61 -4.88
C GLY B 190 -28.38 -50.68 -4.18
N ALA B 191 -29.26 -49.71 -4.47
CA ALA B 191 -30.61 -49.76 -3.92
C ALA B 191 -31.43 -50.88 -4.54
N ARG B 192 -31.13 -51.30 -5.76
CA ARG B 192 -31.87 -52.35 -6.43
C ARG B 192 -31.19 -53.71 -6.34
N GLY B 193 -30.04 -53.79 -5.69
CA GLY B 193 -29.39 -55.07 -5.48
C GLY B 193 -28.67 -55.65 -6.67
N ILE B 194 -28.11 -54.82 -7.54
CA ILE B 194 -27.30 -55.28 -8.67
C ILE B 194 -25.89 -54.73 -8.48
N ARG B 195 -24.91 -55.62 -8.49
CA ARG B 195 -23.52 -55.20 -8.38
C ARG B 195 -23.01 -54.69 -9.72
N VAL B 196 -22.15 -53.69 -9.68
CA VAL B 196 -21.51 -53.12 -10.86
C VAL B 196 -20.02 -53.04 -10.59
N ASN B 197 -19.22 -53.56 -11.53
CA ASN B 197 -17.78 -53.62 -11.35
C ASN B 197 -17.07 -53.30 -12.66
N THR B 198 -15.81 -52.88 -12.54
CA THR B 198 -15.04 -52.35 -13.64
C THR B 198 -13.69 -53.03 -13.71
N ILE B 199 -13.21 -53.25 -14.91
CA ILE B 199 -11.87 -53.82 -15.16
C ILE B 199 -11.06 -52.83 -15.97
N PHE B 200 -9.81 -52.61 -15.55
CA PHE B 200 -8.85 -51.77 -16.27
C PHE B 200 -7.73 -52.63 -16.83
N PRO B 201 -7.93 -53.34 -17.94
CA PRO B 201 -6.81 -54.01 -18.59
C PRO B 201 -5.88 -52.98 -19.21
N GLY B 202 -4.58 -53.25 -19.13
CA GLY B 202 -3.60 -52.40 -19.76
C GLY B 202 -3.55 -52.66 -21.26
N PRO B 203 -2.37 -52.53 -21.86
CA PRO B 203 -2.21 -52.97 -23.24
C PRO B 203 -2.48 -54.46 -23.37
N ILE B 204 -3.18 -54.85 -24.43
CA ILE B 204 -3.57 -56.24 -24.62
C ILE B 204 -2.82 -56.79 -25.83
N GLU B 205 -2.07 -57.87 -25.61
CA GLU B 205 -1.21 -58.43 -26.64
C GLU B 205 -2.01 -58.89 -27.85
N SER B 206 -1.88 -58.18 -28.96
CA SER B 206 -2.60 -58.48 -30.19
C SER B 206 -2.01 -57.63 -31.31
N ASP B 207 -2.45 -57.92 -32.54
CA ASP B 207 -2.03 -57.11 -33.68
C ASP B 207 -2.65 -55.71 -33.61
N ARG B 208 -3.84 -55.60 -33.02
CA ARG B 208 -4.51 -54.31 -32.92
C ARG B 208 -3.67 -53.34 -32.09
N ILE B 209 -3.20 -53.77 -30.93
CA ILE B 209 -2.41 -52.88 -30.08
C ILE B 209 -1.08 -52.55 -30.75
N ARG B 210 -0.52 -53.49 -31.51
CA ARG B 210 0.74 -53.24 -32.21
C ARG B 210 0.56 -52.15 -33.26
N THR B 211 -0.52 -52.24 -34.04
CA THR B 211 -0.79 -51.21 -35.05
C THR B 211 -1.10 -49.87 -34.40
N VAL B 212 -1.84 -49.88 -33.28
CA VAL B 212 -2.14 -48.65 -32.57
C VAL B 212 -0.86 -47.99 -32.07
N PHE B 213 0.04 -48.78 -31.47
CA PHE B 213 1.30 -48.25 -30.97
C PHE B 213 2.16 -47.72 -32.12
N GLN B 214 2.17 -48.43 -33.25
CA GLN B 214 2.92 -47.94 -34.41
C GLN B 214 2.38 -46.59 -34.87
N ARG B 215 1.06 -46.48 -35.02
CA ARG B 215 0.44 -45.22 -35.43
C ARG B 215 0.80 -44.10 -34.47
N MET B 216 0.77 -44.39 -33.17
CA MET B 216 1.23 -43.42 -32.18
C MET B 216 2.69 -43.05 -32.42
N ASP B 217 3.50 -44.01 -32.84
CA ASP B 217 4.92 -43.75 -33.08
C ASP B 217 5.12 -42.76 -34.22
N GLN B 218 4.45 -42.98 -35.36
CA GLN B 218 4.59 -41.99 -36.44
C GLN B 218 3.98 -40.65 -36.05
N LEU B 219 2.82 -40.66 -35.38
CA LEU B 219 2.15 -39.41 -35.07
C LEU B 219 2.91 -38.59 -34.03
N LYS B 220 3.72 -39.23 -33.20
CA LYS B 220 4.57 -38.51 -32.27
C LYS B 220 5.85 -37.99 -32.90
N GLY B 221 6.19 -38.46 -34.10
CA GLY B 221 7.52 -38.22 -34.63
C GLY B 221 8.60 -38.92 -33.84
N ARG B 222 8.37 -40.17 -33.46
CA ARG B 222 9.27 -40.97 -32.63
C ARG B 222 9.61 -42.28 -33.31
N PRO B 223 10.76 -42.88 -32.99
CA PRO B 223 11.12 -44.16 -33.61
C PRO B 223 10.17 -45.27 -33.21
N GLU B 224 10.20 -46.35 -34.00
CA GLU B 224 9.32 -47.49 -33.77
C GLU B 224 9.59 -48.13 -32.41
N GLY B 225 8.52 -48.45 -31.69
CA GLY B 225 8.62 -49.16 -30.43
C GLY B 225 8.77 -48.28 -29.21
N ASP B 226 8.84 -46.95 -29.38
CA ASP B 226 8.99 -46.07 -28.22
C ASP B 226 7.78 -46.16 -27.30
N THR B 227 6.57 -46.16 -27.88
CA THR B 227 5.36 -46.28 -27.07
C THR B 227 5.31 -47.62 -26.35
N ALA B 228 5.61 -48.70 -27.06
CA ALA B 228 5.61 -50.02 -26.44
C ALA B 228 6.64 -50.11 -25.33
N HIS B 229 7.84 -49.58 -25.57
CA HIS B 229 8.89 -49.60 -24.55
C HIS B 229 8.47 -48.81 -23.32
N HIS B 230 7.89 -47.63 -23.51
CA HIS B 230 7.45 -46.82 -22.37
C HIS B 230 6.38 -47.54 -21.58
N PHE B 231 5.36 -48.06 -22.26
CA PHE B 231 4.25 -48.71 -21.54
C PHE B 231 4.70 -50.01 -20.88
N LEU B 232 5.72 -50.66 -21.44
CA LEU B 232 6.31 -51.81 -20.77
C LEU B 232 7.07 -51.38 -19.52
N ASN B 233 7.75 -50.23 -19.58
CA ASN B 233 8.41 -49.70 -18.41
C ASN B 233 7.44 -49.29 -17.31
N THR B 234 6.22 -48.87 -17.68
CA THR B 234 5.28 -48.38 -16.68
C THR B 234 4.75 -49.48 -15.76
N MET B 235 4.91 -50.76 -16.11
CA MET B 235 4.37 -51.83 -15.27
C MET B 235 5.42 -52.32 -14.28
N ARG B 236 4.99 -53.13 -13.32
CA ARG B 236 5.89 -53.62 -12.28
C ARG B 236 6.25 -55.08 -12.49
N LEU B 237 5.26 -55.93 -12.76
CA LEU B 237 5.40 -57.38 -12.64
C LEU B 237 6.11 -57.95 -13.85
N CYS B 238 6.88 -59.01 -13.62
CA CYS B 238 7.41 -59.86 -14.68
C CYS B 238 6.89 -61.28 -14.48
N ARG B 239 6.52 -61.93 -15.57
CA ARG B 239 5.96 -63.27 -15.53
C ARG B 239 6.82 -64.22 -16.35
N ALA B 240 6.69 -65.51 -16.05
CA ALA B 240 7.42 -66.52 -16.80
C ALA B 240 6.77 -66.75 -18.16
N ASN B 241 7.59 -66.72 -19.22
CA ASN B 241 7.10 -66.90 -20.57
C ASN B 241 7.13 -68.37 -20.97
N ASP B 242 6.94 -68.63 -22.27
CA ASP B 242 6.95 -70.00 -22.77
C ASP B 242 8.28 -70.69 -22.54
N GLN B 243 9.38 -69.94 -22.48
CA GLN B 243 10.69 -70.50 -22.18
C GLN B 243 11.04 -70.44 -20.70
N GLY B 244 10.13 -69.93 -19.87
CA GLY B 244 10.38 -69.79 -18.44
C GLY B 244 11.11 -68.52 -18.05
N ALA B 245 11.48 -67.67 -19.01
CA ALA B 245 12.19 -66.44 -18.70
C ALA B 245 11.25 -65.44 -18.05
N LEU B 246 11.80 -64.63 -17.14
CA LEU B 246 11.01 -63.65 -16.41
C LEU B 246 11.08 -62.31 -17.17
N GLU B 247 10.03 -61.99 -17.92
CA GLU B 247 10.05 -60.86 -18.83
C GLU B 247 8.75 -60.05 -18.69
N ARG B 248 8.85 -58.77 -19.01
CA ARG B 248 7.68 -57.91 -19.07
C ARG B 248 7.01 -58.00 -20.43
N ARG B 249 5.71 -58.23 -20.44
CA ARG B 249 4.92 -58.08 -21.65
C ARG B 249 3.47 -57.77 -21.27
N PHE B 250 2.66 -57.54 -22.27
CA PHE B 250 1.27 -57.13 -22.04
C PHE B 250 0.48 -58.29 -21.45
N PRO B 251 -0.44 -58.00 -20.53
CA PRO B 251 -1.29 -59.08 -19.99
C PRO B 251 -2.16 -59.71 -21.06
N SER B 252 -2.43 -60.99 -20.89
CA SER B 252 -3.20 -61.75 -21.87
C SER B 252 -4.69 -61.57 -21.63
N VAL B 253 -5.48 -61.99 -22.63
CA VAL B 253 -6.93 -61.93 -22.53
C VAL B 253 -7.44 -62.89 -21.47
N GLY B 254 -6.71 -63.98 -21.22
CA GLY B 254 -7.15 -64.95 -20.24
C GLY B 254 -7.23 -64.40 -18.83
N ASP B 255 -6.30 -63.52 -18.46
CA ASP B 255 -6.34 -62.91 -17.13
C ASP B 255 -7.58 -62.05 -16.95
N VAL B 256 -7.89 -61.22 -17.95
CA VAL B 256 -9.09 -60.39 -17.90
C VAL B 256 -10.33 -61.28 -17.85
N ALA B 257 -10.33 -62.37 -18.61
CA ALA B 257 -11.46 -63.30 -18.57
C ALA B 257 -11.62 -63.91 -17.18
N ASP B 258 -10.52 -64.29 -16.53
CA ASP B 258 -10.59 -64.84 -15.19
C ASP B 258 -11.14 -63.82 -14.20
N ALA B 259 -10.69 -62.57 -14.32
CA ALA B 259 -11.23 -61.52 -13.46
C ALA B 259 -12.73 -61.33 -13.68
N ALA B 260 -13.17 -61.38 -14.94
CA ALA B 260 -14.59 -61.24 -15.23
C ALA B 260 -15.39 -62.41 -14.67
N VAL B 261 -14.85 -63.64 -14.75
CA VAL B 261 -15.53 -64.78 -14.15
C VAL B 261 -15.62 -64.62 -12.65
N PHE B 262 -14.55 -64.13 -12.02
CA PHE B 262 -14.60 -63.89 -10.57
C PHE B 262 -15.69 -62.89 -10.21
N LEU B 263 -15.76 -61.79 -10.95
CA LEU B 263 -16.73 -60.75 -10.60
C LEU B 263 -18.16 -61.18 -10.91
N ALA B 264 -18.39 -61.86 -12.04
CA ALA B 264 -19.73 -62.30 -12.39
C ALA B 264 -20.26 -63.34 -11.42
N SER B 265 -19.41 -64.24 -10.93
CA SER B 265 -19.84 -65.27 -10.00
C SER B 265 -20.24 -64.67 -8.66
N ALA B 266 -20.99 -65.44 -7.88
CA ALA B 266 -21.46 -64.98 -6.58
C ALA B 266 -20.34 -64.87 -5.57
N GLU B 267 -19.14 -65.39 -5.87
CA GLU B 267 -18.02 -65.28 -4.96
C GLU B 267 -17.60 -63.84 -4.71
N SER B 268 -17.90 -62.93 -5.65
CA SER B 268 -17.60 -61.52 -5.51
C SER B 268 -18.82 -60.70 -5.13
N ALA B 269 -19.72 -61.25 -4.33
CA ALA B 269 -20.94 -60.53 -3.97
C ALA B 269 -20.63 -59.22 -3.26
N ALA B 270 -19.65 -59.22 -2.36
CA ALA B 270 -19.34 -58.06 -1.53
C ALA B 270 -18.69 -56.93 -2.31
N LEU B 271 -18.30 -57.14 -3.56
CA LEU B 271 -17.64 -56.12 -4.37
C LEU B 271 -18.69 -55.30 -5.09
N SER B 272 -18.72 -53.99 -4.81
CA SER B 272 -19.62 -53.08 -5.50
C SER B 272 -18.91 -51.76 -5.71
N GLY B 273 -18.79 -51.35 -6.97
CA GLY B 273 -18.14 -50.11 -7.31
C GLY B 273 -16.63 -50.11 -7.23
N GLU B 274 -16.02 -51.27 -7.02
CA GLU B 274 -14.57 -51.38 -6.94
C GLU B 274 -13.96 -51.46 -8.33
N THR B 275 -12.63 -51.43 -8.39
CA THR B 275 -11.90 -51.53 -9.64
C THR B 275 -10.71 -52.48 -9.48
N ILE B 276 -10.61 -53.44 -10.40
CA ILE B 276 -9.46 -54.34 -10.47
C ILE B 276 -8.70 -54.02 -11.73
N GLU B 277 -7.38 -53.93 -11.63
CA GLU B 277 -6.54 -53.63 -12.79
C GLU B 277 -5.62 -54.82 -13.08
N VAL B 278 -5.86 -55.47 -14.22
CA VAL B 278 -4.96 -56.51 -14.72
C VAL B 278 -3.90 -55.83 -15.57
N THR B 279 -2.83 -55.36 -14.93
CA THR B 279 -1.87 -54.49 -15.59
C THR B 279 -0.41 -54.83 -15.29
N HIS B 280 -0.14 -55.91 -14.56
CA HIS B 280 1.22 -56.25 -14.13
C HIS B 280 1.86 -55.14 -13.31
N GLY B 281 1.04 -54.33 -12.63
CA GLY B 281 1.53 -53.25 -11.81
C GLY B 281 1.70 -51.93 -12.54
N MET B 282 0.63 -51.46 -13.19
CA MET B 282 0.71 -50.22 -13.94
C MET B 282 0.90 -49.05 -12.99
N GLU B 283 1.90 -48.22 -13.27
CA GLU B 283 2.18 -47.05 -12.43
C GLU B 283 1.73 -45.80 -13.18
N LEU B 284 0.54 -45.32 -12.87
CA LEU B 284 -0.01 -44.10 -13.45
C LEU B 284 -0.62 -43.24 -12.35
N PRO B 285 -0.58 -41.92 -12.49
CA PRO B 285 -1.24 -41.06 -11.51
C PRO B 285 -2.74 -41.34 -11.48
N ALA B 286 -3.24 -41.70 -10.30
CA ALA B 286 -4.65 -42.03 -10.16
C ALA B 286 -5.53 -40.81 -10.47
N CYS B 287 -5.15 -39.65 -9.96
CA CYS B 287 -5.87 -38.42 -10.23
C CYS B 287 -4.95 -37.23 -9.95
N SER B 288 -5.31 -36.08 -10.51
CA SER B 288 -4.58 -34.82 -10.30
C SER B 288 -5.63 -33.78 -9.91
N GLU B 289 -5.74 -33.53 -8.60
CA GLU B 289 -6.77 -32.64 -8.09
C GLU B 289 -6.22 -31.87 -6.90
N THR B 290 -6.62 -30.60 -6.80
CA THR B 290 -6.26 -29.75 -5.67
C THR B 290 -7.47 -28.89 -5.32
N SER B 291 -7.25 -27.94 -4.42
CA SER B 291 -8.26 -26.97 -4.03
C SER B 291 -7.61 -25.59 -3.94
N LEU B 292 -8.42 -24.55 -4.14
CA LEU B 292 -7.93 -23.18 -4.07
C LEU B 292 -8.13 -22.68 -2.64
N LEU B 293 -7.03 -22.34 -1.96
CA LEU B 293 -7.07 -22.02 -0.55
C LEU B 293 -6.84 -20.54 -0.24
N ALA B 294 -6.37 -19.77 -1.21
CA ALA B 294 -6.11 -18.35 -1.01
C ALA B 294 -6.84 -17.52 -2.07
N ARG B 295 -7.19 -16.30 -1.70
CA ARG B 295 -7.90 -15.43 -2.62
C ARG B 295 -6.95 -14.87 -3.67
N THR B 296 -7.53 -14.40 -4.77
CA THR B 296 -6.75 -13.95 -5.91
C THR B 296 -6.08 -12.60 -5.64
N ASP B 297 -4.86 -12.45 -6.15
CA ASP B 297 -4.16 -11.17 -6.12
C ASP B 297 -4.31 -10.55 -7.50
N LEU B 298 -5.41 -9.82 -7.69
CA LEU B 298 -5.75 -9.28 -9.01
C LEU B 298 -5.15 -7.90 -9.26
N ARG B 299 -4.47 -7.33 -8.27
CA ARG B 299 -3.92 -5.98 -8.42
C ARG B 299 -2.85 -5.89 -9.51
N THR B 300 -1.96 -6.88 -9.60
CA THR B 300 -0.83 -6.81 -10.50
C THR B 300 -1.13 -7.32 -11.91
N ILE B 301 -2.37 -7.69 -12.19
CA ILE B 301 -2.74 -8.29 -13.47
C ILE B 301 -3.06 -7.19 -14.46
N ASP B 302 -2.41 -7.23 -15.62
CA ASP B 302 -2.64 -6.30 -16.72
C ASP B 302 -2.99 -7.15 -17.94
N ALA B 303 -4.14 -6.88 -18.55
CA ALA B 303 -4.62 -7.65 -19.69
C ALA B 303 -4.77 -6.80 -20.95
N SER B 304 -3.92 -5.81 -21.15
CA SER B 304 -4.03 -4.94 -22.32
C SER B 304 -3.73 -5.71 -23.60
N GLY B 305 -4.55 -5.50 -24.62
CA GLY B 305 -4.32 -6.09 -25.93
C GLY B 305 -4.70 -7.53 -26.09
N ARG B 306 -5.25 -8.16 -25.04
CA ARG B 306 -5.65 -9.56 -25.09
C ARG B 306 -7.14 -9.67 -25.38
N THR B 307 -7.54 -10.80 -25.96
CA THR B 307 -8.93 -11.08 -26.31
C THR B 307 -9.36 -12.38 -25.65
N THR B 308 -10.54 -12.38 -25.06
CA THR B 308 -11.08 -13.55 -24.36
C THR B 308 -12.38 -13.97 -25.03
N LEU B 309 -12.48 -15.25 -25.35
CA LEU B 309 -13.65 -15.81 -26.01
C LEU B 309 -14.44 -16.66 -25.02
N ILE B 310 -15.70 -16.28 -24.81
CA ILE B 310 -16.57 -16.97 -23.85
C ILE B 310 -17.52 -17.86 -24.63
N CYS B 311 -17.27 -19.16 -24.62
CA CYS B 311 -18.17 -20.12 -25.25
C CYS B 311 -19.12 -20.63 -24.17
N ALA B 312 -20.30 -20.01 -24.08
CA ALA B 312 -21.25 -20.29 -23.01
C ALA B 312 -22.56 -20.81 -23.55
N GLY B 313 -23.43 -21.25 -22.65
CA GLY B 313 -24.72 -21.81 -23.02
C GLY B 313 -25.89 -20.87 -22.73
N ASP B 314 -26.69 -21.20 -21.72
CA ASP B 314 -27.89 -20.45 -21.39
C ASP B 314 -27.74 -19.63 -20.11
N GLN B 315 -26.61 -19.73 -19.42
CA GLN B 315 -26.40 -19.03 -18.15
C GLN B 315 -25.96 -17.60 -18.43
N ILE B 316 -26.82 -16.66 -18.02
CA ILE B 316 -26.58 -15.24 -18.27
C ILE B 316 -25.77 -14.62 -17.14
N GLU B 317 -26.04 -15.03 -15.90
CA GLU B 317 -25.43 -14.38 -14.75
C GLU B 317 -23.92 -14.56 -14.75
N GLU B 318 -23.45 -15.78 -14.99
CA GLU B 318 -22.01 -16.01 -15.01
C GLU B 318 -21.35 -15.29 -16.17
N VAL B 319 -22.03 -15.19 -17.31
CA VAL B 319 -21.47 -14.45 -18.44
C VAL B 319 -21.33 -12.97 -18.08
N MET B 320 -22.34 -12.40 -17.41
CA MET B 320 -22.26 -11.04 -16.93
C MET B 320 -21.06 -10.86 -15.99
N ALA B 321 -20.92 -11.78 -15.03
CA ALA B 321 -19.84 -11.67 -14.06
C ALA B 321 -18.47 -11.77 -14.73
N LEU B 322 -18.33 -12.72 -15.66
CA LEU B 322 -17.07 -12.88 -16.38
C LEU B 322 -16.76 -11.64 -17.21
N THR B 323 -17.76 -11.10 -17.90
CA THR B 323 -17.52 -9.89 -18.69
C THR B 323 -17.08 -8.73 -17.80
N GLY B 324 -17.72 -8.56 -16.65
CA GLY B 324 -17.32 -7.49 -15.75
C GLY B 324 -15.92 -7.68 -15.20
N MET B 325 -15.59 -8.89 -14.75
CA MET B 325 -14.29 -9.14 -14.16
C MET B 325 -13.19 -9.10 -15.22
N LEU B 326 -13.55 -9.37 -16.48
CA LEU B 326 -12.59 -9.27 -17.57
C LEU B 326 -12.33 -7.82 -17.94
N ARG B 327 -13.39 -7.01 -18.01
CA ARG B 327 -13.21 -5.59 -18.26
C ARG B 327 -12.55 -4.89 -17.08
N THR B 328 -12.53 -5.54 -15.91
CA THR B 328 -11.73 -5.03 -14.80
C THR B 328 -10.24 -4.99 -15.17
N CYS B 329 -9.75 -6.01 -15.87
CA CYS B 329 -8.35 -6.08 -16.27
C CYS B 329 -8.07 -5.40 -17.61
N GLY B 330 -9.10 -4.92 -18.30
CA GLY B 330 -8.91 -4.20 -19.54
C GLY B 330 -8.76 -5.05 -20.78
N SER B 331 -9.22 -6.30 -20.75
CA SER B 331 -9.14 -7.15 -21.94
C SER B 331 -10.40 -7.03 -22.77
N GLU B 332 -10.26 -7.22 -24.08
CA GLU B 332 -11.42 -7.19 -24.96
C GLU B 332 -12.08 -8.57 -24.99
N VAL B 333 -13.40 -8.58 -25.08
CA VAL B 333 -14.18 -9.80 -24.93
C VAL B 333 -14.96 -10.07 -26.22
N ILE B 334 -15.02 -11.33 -26.61
CA ILE B 334 -15.89 -11.80 -27.69
C ILE B 334 -16.71 -12.97 -27.14
N ILE B 335 -18.00 -12.97 -27.47
CA ILE B 335 -18.97 -13.85 -26.81
C ILE B 335 -19.71 -14.63 -27.88
N GLY B 336 -19.86 -15.94 -27.67
CA GLY B 336 -20.63 -16.78 -28.56
C GLY B 336 -21.57 -17.70 -27.81
N PHE B 337 -22.72 -18.00 -28.41
CA PHE B 337 -23.73 -18.84 -27.79
C PHE B 337 -24.06 -20.03 -28.67
N ARG B 338 -24.36 -21.17 -28.03
CA ARG B 338 -24.69 -22.39 -28.75
C ARG B 338 -26.12 -22.36 -29.31
N SER B 339 -27.02 -21.62 -28.68
CA SER B 339 -28.40 -21.50 -29.16
C SER B 339 -28.75 -20.02 -29.28
N ALA B 340 -29.47 -19.69 -30.36
CA ALA B 340 -29.83 -18.30 -30.60
C ALA B 340 -30.84 -17.78 -29.59
N ALA B 341 -31.61 -18.67 -28.97
CA ALA B 341 -32.58 -18.24 -27.97
C ALA B 341 -31.87 -17.65 -26.74
N ALA B 342 -30.90 -18.38 -26.20
CA ALA B 342 -30.11 -17.86 -25.10
C ALA B 342 -29.42 -16.56 -25.48
N LEU B 343 -29.04 -16.42 -26.75
CA LEU B 343 -28.49 -15.16 -27.24
C LEU B 343 -29.55 -14.06 -27.15
N ALA B 344 -30.81 -14.38 -27.45
CA ALA B 344 -31.87 -13.40 -27.34
C ALA B 344 -32.08 -12.95 -25.90
N GLN B 345 -32.09 -13.90 -24.95
CA GLN B 345 -32.20 -13.49 -23.54
C GLN B 345 -30.97 -12.69 -23.11
N PHE B 346 -29.79 -13.04 -23.63
CA PHE B 346 -28.60 -12.25 -23.33
C PHE B 346 -28.74 -10.83 -23.84
N GLU B 347 -29.29 -10.67 -25.05
CA GLU B 347 -29.51 -9.34 -25.60
C GLU B 347 -30.52 -8.56 -24.76
N GLN B 348 -31.57 -9.22 -24.28
CA GLN B 348 -32.53 -8.53 -23.43
C GLN B 348 -31.89 -8.08 -22.12
N ALA B 349 -31.06 -8.94 -21.52
CA ALA B 349 -30.36 -8.57 -20.30
C ALA B 349 -29.40 -7.42 -20.54
N VAL B 350 -28.70 -7.43 -21.68
CA VAL B 350 -27.81 -6.33 -22.02
C VAL B 350 -28.60 -5.04 -22.21
N ASN B 351 -29.79 -5.13 -22.80
CA ASN B 351 -30.64 -3.96 -22.98
C ASN B 351 -31.03 -3.38 -21.62
N GLU B 352 -31.44 -4.24 -20.69
CA GLU B 352 -31.80 -3.75 -19.35
C GLU B 352 -30.60 -3.13 -18.65
N SER B 353 -29.43 -3.77 -18.76
CA SER B 353 -28.23 -3.24 -18.11
C SER B 353 -27.82 -1.89 -18.71
N ARG B 354 -27.92 -1.76 -20.03
CA ARG B 354 -27.58 -0.49 -20.68
C ARG B 354 -28.58 0.59 -20.31
N ARG B 355 -29.87 0.24 -20.21
CA ARG B 355 -30.86 1.21 -19.76
C ARG B 355 -30.57 1.69 -18.34
N LEU B 356 -30.20 0.77 -17.45
CA LEU B 356 -29.94 1.15 -16.07
C LEU B 356 -28.64 1.93 -15.91
N ALA B 357 -27.60 1.57 -16.66
CA ALA B 357 -26.30 2.19 -16.48
C ALA B 357 -26.07 3.40 -17.38
N GLY B 358 -26.99 3.69 -18.29
CA GLY B 358 -26.86 4.87 -19.13
C GLY B 358 -26.16 4.57 -20.44
N ALA B 359 -25.51 5.61 -20.98
CA ALA B 359 -24.87 5.52 -22.27
C ALA B 359 -23.43 5.01 -22.19
N ASP B 360 -22.71 5.34 -21.12
CA ASP B 360 -21.31 4.94 -20.98
C ASP B 360 -21.12 3.43 -20.89
N PHE B 361 -22.18 2.68 -20.59
CA PHE B 361 -22.09 1.22 -20.56
C PHE B 361 -21.99 0.70 -21.99
N THR B 362 -20.86 0.07 -22.32
CA THR B 362 -20.65 -0.46 -23.66
C THR B 362 -21.27 -1.85 -23.77
N PRO B 363 -22.15 -2.10 -24.72
CA PRO B 363 -22.71 -3.44 -24.87
C PRO B 363 -21.64 -4.41 -25.30
N PRO B 364 -21.67 -5.63 -24.80
CA PRO B 364 -20.71 -6.65 -25.25
C PRO B 364 -21.00 -7.08 -26.67
N ILE B 365 -19.93 -7.41 -27.40
CA ILE B 365 -20.07 -7.87 -28.77
C ILE B 365 -20.54 -9.32 -28.74
N ALA B 366 -21.64 -9.60 -29.43
CA ALA B 366 -22.28 -10.90 -29.38
C ALA B 366 -22.27 -11.54 -30.76
N LEU B 367 -21.96 -12.83 -30.81
CA LEU B 367 -21.91 -13.63 -32.03
C LEU B 367 -22.46 -15.00 -31.71
N PRO B 368 -22.86 -15.78 -32.72
CA PRO B 368 -23.28 -17.16 -32.46
C PRO B 368 -22.11 -18.13 -32.58
N LEU B 369 -22.08 -19.12 -31.66
CA LEU B 369 -21.11 -20.21 -31.70
C LEU B 369 -21.85 -21.52 -31.45
N ASP B 370 -22.34 -22.12 -32.52
CA ASP B 370 -23.03 -23.40 -32.44
C ASP B 370 -22.00 -24.49 -32.69
N PRO B 371 -21.75 -25.40 -31.73
CA PRO B 371 -20.76 -26.46 -31.95
C PRO B 371 -21.09 -27.36 -33.13
N ARG B 372 -22.37 -27.54 -33.46
CA ARG B 372 -22.77 -28.37 -34.58
C ARG B 372 -22.42 -27.76 -35.93
N ASP B 373 -22.17 -26.44 -35.99
CA ASP B 373 -21.92 -25.73 -37.24
C ASP B 373 -20.52 -25.15 -37.19
N PRO B 374 -19.57 -25.75 -37.92
CA PRO B 374 -18.22 -25.16 -38.02
C PRO B 374 -18.20 -23.78 -38.65
N ALA B 375 -19.19 -23.46 -39.49
CA ALA B 375 -19.20 -22.16 -40.17
C ALA B 375 -19.30 -21.02 -39.18
N THR B 376 -20.13 -21.15 -38.15
CA THR B 376 -20.21 -20.11 -37.13
C THR B 376 -18.88 -19.91 -36.41
N ILE B 377 -18.21 -21.01 -36.07
CA ILE B 377 -16.92 -20.91 -35.40
C ILE B 377 -15.90 -20.20 -36.28
N ASP B 378 -15.85 -20.58 -37.56
CA ASP B 378 -14.91 -19.94 -38.48
C ASP B 378 -15.23 -18.47 -38.66
N ALA B 379 -16.52 -18.14 -38.77
CA ALA B 379 -16.91 -16.74 -38.92
C ALA B 379 -16.53 -15.91 -37.70
N VAL B 380 -16.74 -16.45 -36.50
CA VAL B 380 -16.36 -15.74 -35.29
C VAL B 380 -14.85 -15.58 -35.21
N PHE B 381 -14.10 -16.61 -35.62
CA PHE B 381 -12.64 -16.51 -35.63
C PHE B 381 -12.19 -15.40 -36.59
N ASP B 382 -12.76 -15.35 -37.79
CA ASP B 382 -12.39 -14.30 -38.74
C ASP B 382 -12.77 -12.92 -38.22
N TRP B 383 -13.95 -12.81 -37.62
CA TRP B 383 -14.39 -11.53 -37.05
C TRP B 383 -13.42 -11.06 -35.98
N ALA B 384 -13.02 -11.95 -35.08
CA ALA B 384 -12.07 -11.58 -34.04
C ALA B 384 -10.71 -11.21 -34.65
N GLY B 385 -10.26 -11.97 -35.65
CA GLY B 385 -8.97 -11.67 -36.26
C GLY B 385 -8.96 -10.35 -36.98
N GLU B 386 -10.11 -9.94 -37.52
CA GLU B 386 -10.15 -8.71 -38.31
C GLU B 386 -10.49 -7.49 -37.47
N ASN B 387 -11.15 -7.67 -36.32
CA ASN B 387 -11.58 -6.55 -35.51
C ASN B 387 -10.79 -6.36 -34.22
N THR B 388 -10.24 -7.43 -33.64
CA THR B 388 -9.48 -7.31 -32.40
C THR B 388 -8.05 -7.84 -32.52
N GLY B 389 -7.67 -8.42 -33.65
CA GLY B 389 -6.31 -8.87 -33.86
C GLY B 389 -6.01 -10.28 -33.42
N GLY B 390 -6.99 -11.17 -33.39
CA GLY B 390 -6.76 -12.56 -33.04
C GLY B 390 -7.26 -12.90 -31.65
N ILE B 391 -7.48 -14.20 -31.45
CA ILE B 391 -7.97 -14.71 -30.18
C ILE B 391 -6.80 -15.23 -29.37
N HIS B 392 -6.68 -14.76 -28.13
CA HIS B 392 -5.59 -15.14 -27.24
C HIS B 392 -6.00 -16.07 -26.12
N ALA B 393 -7.22 -15.93 -25.59
CA ALA B 393 -7.64 -16.68 -24.42
C ALA B 393 -9.08 -17.15 -24.60
N ALA B 394 -9.41 -18.29 -23.99
CA ALA B 394 -10.74 -18.88 -24.14
C ALA B 394 -11.22 -19.45 -22.82
N VAL B 395 -12.47 -19.14 -22.48
CA VAL B 395 -13.18 -19.77 -21.38
C VAL B 395 -14.40 -20.48 -21.97
N ILE B 396 -14.65 -21.70 -21.51
CA ILE B 396 -15.71 -22.55 -22.03
C ILE B 396 -16.58 -23.00 -20.87
N LEU B 397 -17.88 -22.86 -21.02
CA LEU B 397 -18.89 -23.21 -20.03
C LEU B 397 -19.75 -24.36 -20.55
N PRO B 398 -20.51 -25.02 -19.69
CA PRO B 398 -21.30 -26.17 -20.14
C PRO B 398 -22.39 -25.77 -21.12
N ALA B 399 -22.94 -26.78 -21.80
CA ALA B 399 -23.98 -26.54 -22.79
C ALA B 399 -25.25 -25.97 -22.16
N THR B 400 -25.59 -26.42 -20.95
CA THR B 400 -26.78 -25.93 -20.26
C THR B 400 -26.47 -25.73 -18.78
N SER B 401 -27.23 -24.83 -18.17
CA SER B 401 -27.16 -24.61 -16.72
C SER B 401 -28.34 -25.22 -15.98
N HIS B 402 -29.37 -25.66 -16.71
CA HIS B 402 -30.50 -26.33 -16.08
C HIS B 402 -30.04 -27.67 -15.50
N GLU B 403 -30.70 -28.07 -14.41
CA GLU B 403 -30.31 -29.32 -13.71
C GLU B 403 -30.88 -30.55 -14.44
N PRO B 404 -30.06 -31.52 -14.85
CA PRO B 404 -30.55 -32.74 -15.48
C PRO B 404 -31.38 -33.60 -14.52
N ALA B 405 -31.99 -34.68 -15.02
CA ALA B 405 -32.78 -35.59 -14.16
C ALA B 405 -31.93 -35.99 -12.95
N PRO B 406 -32.49 -36.02 -11.72
CA PRO B 406 -31.71 -36.37 -10.51
C PRO B 406 -31.17 -37.78 -10.51
N CYS B 407 -31.52 -38.61 -11.49
CA CYS B 407 -31.04 -39.97 -11.58
C CYS B 407 -30.33 -40.17 -12.91
N VAL B 408 -29.76 -41.37 -13.07
CA VAL B 408 -29.03 -41.70 -14.29
C VAL B 408 -29.66 -42.89 -15.00
N ILE B 409 -30.65 -43.54 -14.40
CA ILE B 409 -31.15 -44.81 -14.92
C ILE B 409 -32.61 -44.70 -15.37
N GLU B 410 -33.36 -43.75 -14.84
CA GLU B 410 -34.76 -43.56 -15.20
C GLU B 410 -34.95 -42.44 -16.23
N VAL B 411 -33.86 -41.84 -16.72
CA VAL B 411 -33.99 -40.72 -17.64
C VAL B 411 -34.38 -41.22 -19.04
N ASP B 412 -35.08 -40.37 -19.78
CA ASP B 412 -35.56 -40.72 -21.11
C ASP B 412 -34.43 -40.62 -22.15
N ASP B 413 -34.74 -41.04 -23.37
CA ASP B 413 -33.72 -41.18 -24.40
C ASP B 413 -33.29 -39.83 -24.96
N GLU B 414 -34.25 -38.93 -25.20
CA GLU B 414 -33.92 -37.66 -25.86
C GLU B 414 -32.98 -36.83 -24.99
N ARG B 415 -33.17 -36.85 -23.68
CA ARG B 415 -32.27 -36.14 -22.78
C ARG B 415 -30.86 -36.71 -22.85
N VAL B 416 -30.75 -38.04 -22.89
CA VAL B 416 -29.44 -38.68 -22.97
C VAL B 416 -28.75 -38.29 -24.27
N LEU B 417 -29.49 -38.30 -25.37
CA LEU B 417 -28.91 -37.91 -26.65
C LEU B 417 -28.47 -36.45 -26.63
N ASN B 418 -29.26 -35.58 -25.99
CA ASN B 418 -28.89 -34.18 -25.88
C ASN B 418 -27.58 -34.00 -25.12
N PHE B 419 -27.49 -34.61 -23.92
CA PHE B 419 -26.27 -34.49 -23.12
C PHE B 419 -25.07 -35.09 -23.84
N LEU B 420 -25.27 -36.21 -24.56
CA LEU B 420 -24.16 -36.79 -25.31
C LEU B 420 -23.71 -35.86 -26.44
N ALA B 421 -24.65 -35.32 -27.20
CA ALA B 421 -24.31 -34.54 -28.38
C ALA B 421 -23.65 -33.21 -28.01
N ASP B 422 -24.13 -32.57 -26.95
CA ASP B 422 -23.62 -31.23 -26.68
C ASP B 422 -22.46 -31.22 -25.68
N GLU B 423 -22.67 -31.76 -24.48
CA GLU B 423 -21.68 -31.62 -23.42
C GLU B 423 -20.39 -32.39 -23.67
N ILE B 424 -20.43 -33.48 -24.44
CA ILE B 424 -19.23 -34.26 -24.70
C ILE B 424 -18.72 -33.98 -26.10
N THR B 425 -19.56 -34.19 -27.11
CA THR B 425 -19.13 -33.98 -28.49
C THR B 425 -18.83 -32.51 -28.76
N GLY B 426 -19.72 -31.61 -28.31
CA GLY B 426 -19.54 -30.20 -28.60
C GLY B 426 -18.27 -29.63 -27.99
N THR B 427 -17.96 -30.04 -26.76
CA THR B 427 -16.74 -29.55 -26.11
C THR B 427 -15.51 -29.98 -26.90
N ILE B 428 -15.48 -31.23 -27.38
CA ILE B 428 -14.35 -31.70 -28.17
C ILE B 428 -14.27 -30.94 -29.49
N VAL B 429 -15.42 -30.65 -30.10
CA VAL B 429 -15.41 -29.90 -31.36
C VAL B 429 -14.83 -28.49 -31.14
N ILE B 430 -15.28 -27.82 -30.08
CA ILE B 430 -14.77 -26.48 -29.80
C ILE B 430 -13.29 -26.52 -29.51
N ALA B 431 -12.84 -27.50 -28.73
CA ALA B 431 -11.42 -27.62 -28.43
C ALA B 431 -10.60 -27.87 -29.69
N SER B 432 -11.11 -28.72 -30.59
CA SER B 432 -10.40 -29.00 -31.83
C SER B 432 -10.29 -27.74 -32.68
N ARG B 433 -11.38 -26.98 -32.80
CA ARG B 433 -11.35 -25.76 -33.60
C ARG B 433 -10.39 -24.75 -33.00
N LEU B 434 -10.41 -24.59 -31.67
CA LEU B 434 -9.49 -23.67 -31.01
C LEU B 434 -8.04 -24.08 -31.22
N ALA B 435 -7.75 -25.38 -31.10
CA ALA B 435 -6.40 -25.87 -31.31
C ALA B 435 -5.94 -25.63 -32.73
N ARG B 436 -6.82 -25.89 -33.71
CA ARG B 436 -6.48 -25.64 -35.11
C ARG B 436 -6.17 -24.16 -35.33
N TYR B 437 -7.02 -23.28 -34.80
CA TYR B 437 -6.81 -21.84 -34.96
C TYR B 437 -5.47 -21.42 -34.35
N TRP B 438 -5.21 -21.85 -33.12
CA TRP B 438 -4.02 -21.37 -32.42
C TRP B 438 -2.74 -22.01 -32.97
N GLN B 439 -2.84 -23.19 -33.61
CA GLN B 439 -1.66 -23.79 -34.20
C GLN B 439 -1.44 -23.32 -35.63
N SER B 440 -2.45 -22.74 -36.27
CA SER B 440 -2.27 -22.17 -37.60
C SER B 440 -1.48 -20.86 -37.59
N GLN B 441 -1.44 -20.18 -36.44
CA GLN B 441 -0.80 -18.87 -36.38
C GLN B 441 0.72 -18.99 -36.45
N ARG B 442 1.35 -17.90 -36.87
CA ARG B 442 2.80 -17.78 -36.94
C ARG B 442 3.24 -16.49 -36.28
N LEU B 443 4.47 -16.47 -35.77
CA LEU B 443 4.99 -15.33 -35.02
C LEU B 443 6.09 -14.60 -35.79
N THR B 444 6.11 -13.29 -35.63
CA THR B 444 7.21 -12.49 -36.15
C THR B 444 8.45 -12.72 -35.29
N PRO B 445 9.63 -12.90 -35.91
CA PRO B 445 10.84 -13.16 -35.11
C PRO B 445 11.15 -12.02 -34.16
N GLY B 446 11.66 -12.38 -32.98
CA GLY B 446 12.01 -11.43 -31.95
C GLY B 446 10.88 -11.04 -31.02
N ALA B 447 9.67 -11.53 -31.26
CA ALA B 447 8.54 -11.17 -30.41
C ALA B 447 8.23 -12.29 -29.42
N ARG B 448 8.04 -11.93 -28.15
CA ARG B 448 7.61 -12.86 -27.13
C ARG B 448 6.10 -12.78 -26.99
N ALA B 449 5.40 -13.73 -27.58
CA ALA B 449 3.95 -13.80 -27.50
C ALA B 449 3.54 -14.88 -26.50
N ARG B 450 2.41 -14.66 -25.83
CA ARG B 450 1.95 -15.58 -24.81
C ARG B 450 1.11 -16.70 -25.43
N GLY B 451 1.25 -17.90 -24.89
CA GLY B 451 0.49 -19.04 -25.34
C GLY B 451 -0.98 -18.94 -24.96
N PRO B 452 -1.84 -19.57 -25.74
CA PRO B 452 -3.27 -19.54 -25.42
C PRO B 452 -3.56 -20.16 -24.07
N ARG B 453 -4.51 -19.56 -23.37
CA ARG B 453 -4.96 -20.05 -22.07
C ARG B 453 -6.43 -20.42 -22.15
N VAL B 454 -6.75 -21.66 -21.78
CA VAL B 454 -8.09 -22.19 -21.89
C VAL B 454 -8.57 -22.61 -20.51
N ILE B 455 -9.77 -22.17 -20.14
CA ILE B 455 -10.35 -22.46 -18.83
C ILE B 455 -11.75 -23.02 -19.03
N PHE B 456 -11.95 -24.27 -18.64
CA PHE B 456 -13.29 -24.87 -18.65
C PHE B 456 -13.92 -24.66 -17.28
N LEU B 457 -14.90 -23.76 -17.19
CA LEU B 457 -15.61 -23.51 -15.93
C LEU B 457 -16.85 -24.39 -15.95
N SER B 458 -16.79 -25.50 -15.20
CA SER B 458 -17.86 -26.53 -15.29
C SER B 458 -19.14 -26.14 -14.54
N ASN B 459 -19.98 -27.15 -14.25
CA ASN B 459 -21.26 -26.91 -13.55
C ASN B 459 -21.07 -25.96 -12.38
N GLY B 460 -21.18 -24.65 -12.63
CA GLY B 460 -21.12 -23.69 -11.52
C GLY B 460 -22.36 -23.83 -10.67
N ALA B 461 -23.39 -24.47 -11.22
CA ALA B 461 -24.63 -24.73 -10.46
C ALA B 461 -24.26 -25.31 -9.10
N ASP B 462 -24.76 -24.73 -8.02
CA ASP B 462 -24.42 -25.18 -6.68
C ASP B 462 -25.66 -25.54 -5.87
N GLN B 463 -25.43 -25.93 -4.62
CA GLN B 463 -26.46 -26.11 -3.59
C GLN B 463 -27.32 -27.33 -3.82
N ASN B 464 -27.16 -28.02 -4.96
CA ASN B 464 -27.91 -29.23 -5.22
C ASN B 464 -27.04 -30.45 -5.52
N GLY B 465 -26.00 -30.29 -6.34
CA GLY B 465 -25.16 -31.41 -6.71
C GLY B 465 -25.79 -32.31 -7.75
N ASN B 466 -24.99 -32.86 -8.66
CA ASN B 466 -25.52 -33.70 -9.73
C ASN B 466 -24.40 -34.54 -10.28
N VAL B 467 -24.74 -35.66 -10.93
CA VAL B 467 -23.74 -36.63 -11.37
C VAL B 467 -23.21 -36.26 -12.75
N TYR B 468 -24.05 -35.62 -13.58
CA TYR B 468 -23.62 -35.21 -14.91
C TYR B 468 -22.46 -34.24 -14.82
N GLY B 469 -22.44 -33.41 -13.77
CA GLY B 469 -21.30 -32.57 -13.52
C GLY B 469 -20.02 -33.35 -13.33
N ARG B 470 -20.07 -34.44 -12.55
CA ARG B 470 -18.89 -35.27 -12.37
C ARG B 470 -18.45 -35.92 -13.68
N ILE B 471 -19.41 -36.41 -14.47
CA ILE B 471 -19.06 -37.05 -15.74
C ILE B 471 -18.39 -36.05 -16.67
N GLN B 472 -18.98 -34.86 -16.79
CA GLN B 472 -18.41 -33.81 -17.61
C GLN B 472 -17.03 -33.41 -17.11
N SER B 473 -16.87 -33.32 -15.78
CA SER B 473 -15.58 -32.92 -15.21
C SER B 473 -14.50 -33.94 -15.55
N ALA B 474 -14.81 -35.23 -15.41
CA ALA B 474 -13.83 -36.25 -15.76
C ALA B 474 -13.48 -36.21 -17.24
N ALA B 475 -14.49 -36.09 -18.10
CA ALA B 475 -14.24 -36.04 -19.54
C ALA B 475 -13.35 -34.85 -19.90
N ILE B 476 -13.69 -33.68 -19.39
CA ILE B 476 -12.94 -32.47 -19.71
C ILE B 476 -11.53 -32.55 -19.12
N GLY B 477 -11.38 -33.15 -17.93
CA GLY B 477 -10.05 -33.29 -17.36
C GLY B 477 -9.14 -34.16 -18.18
N GLN B 478 -9.64 -35.32 -18.63
CA GLN B 478 -8.83 -36.14 -19.51
C GLN B 478 -8.55 -35.45 -20.84
N LEU B 479 -9.53 -34.71 -21.37
CA LEU B 479 -9.29 -33.95 -22.58
C LEU B 479 -8.18 -32.92 -22.37
N ILE B 480 -8.18 -32.25 -21.22
CA ILE B 480 -7.15 -31.26 -20.92
C ILE B 480 -5.78 -31.91 -20.84
N ARG B 481 -5.69 -33.06 -20.16
CA ARG B 481 -4.40 -33.74 -20.05
C ARG B 481 -3.86 -34.12 -21.43
N VAL B 482 -4.68 -34.80 -22.23
CA VAL B 482 -4.22 -35.24 -23.54
C VAL B 482 -3.94 -34.05 -24.45
N TRP B 483 -4.71 -32.97 -24.31
CA TRP B 483 -4.50 -31.78 -25.15
C TRP B 483 -3.21 -31.09 -24.77
N ARG B 484 -2.89 -31.04 -23.48
CA ARG B 484 -1.62 -30.48 -23.04
C ARG B 484 -0.46 -31.27 -23.60
N HIS B 485 -0.55 -32.60 -23.57
CA HIS B 485 0.51 -33.42 -24.18
C HIS B 485 0.61 -33.16 -25.67
N GLU B 486 -0.55 -33.08 -26.35
CA GLU B 486 -0.60 -32.79 -27.77
C GLU B 486 0.14 -31.50 -28.09
N ALA B 487 -0.22 -30.42 -27.40
CA ALA B 487 0.35 -29.11 -27.69
C ALA B 487 1.83 -29.06 -27.33
N GLU B 488 2.22 -29.76 -26.26
CA GLU B 488 3.62 -29.79 -25.86
C GLU B 488 4.46 -30.42 -26.97
N LEU B 489 4.06 -31.61 -27.44
CA LEU B 489 4.83 -32.27 -28.47
C LEU B 489 4.75 -31.53 -29.80
N ASP B 490 3.62 -30.87 -30.08
CA ASP B 490 3.51 -30.05 -31.28
C ASP B 490 4.48 -28.89 -31.24
N TYR B 491 4.60 -28.23 -30.09
CA TYR B 491 5.57 -27.14 -29.95
C TYR B 491 7.00 -27.66 -30.08
N GLN B 492 7.27 -28.85 -29.53
CA GLN B 492 8.59 -29.44 -29.71
C GLN B 492 8.91 -29.66 -31.19
N ARG B 493 7.97 -30.21 -31.94
CA ARG B 493 8.19 -30.43 -33.36
C ARG B 493 8.37 -29.11 -34.11
N ALA B 494 7.55 -28.10 -33.77
CA ALA B 494 7.64 -26.82 -34.44
C ALA B 494 8.98 -26.14 -34.17
N SER B 495 9.44 -26.18 -32.92
CA SER B 495 10.73 -25.60 -32.59
C SER B 495 11.86 -26.37 -33.26
N ALA B 496 11.74 -27.70 -33.36
CA ALA B 496 12.70 -28.47 -34.13
C ALA B 496 12.72 -28.07 -35.59
N ALA B 497 11.58 -27.59 -36.11
CA ALA B 497 11.49 -27.10 -37.48
C ALA B 497 11.91 -25.65 -37.62
N GLY B 498 12.23 -24.97 -36.51
CA GLY B 498 12.65 -23.58 -36.58
C GLY B 498 11.55 -22.58 -36.84
N ASP B 499 10.29 -22.98 -36.74
CA ASP B 499 9.19 -22.07 -37.00
C ASP B 499 8.78 -21.34 -35.73
N HIS B 500 8.47 -20.05 -35.88
CA HIS B 500 8.01 -19.22 -34.75
C HIS B 500 6.50 -19.38 -34.65
N VAL B 501 6.07 -20.32 -33.81
CA VAL B 501 4.66 -20.59 -33.61
C VAL B 501 4.29 -20.16 -32.19
N LEU B 502 2.98 -20.13 -31.93
CA LEU B 502 2.50 -19.75 -30.61
C LEU B 502 2.95 -20.77 -29.57
N PRO B 503 3.16 -20.37 -28.33
CA PRO B 503 3.60 -21.31 -27.28
C PRO B 503 2.54 -22.36 -27.02
N PRO B 504 2.91 -23.47 -26.36
CA PRO B 504 1.97 -24.58 -26.21
C PRO B 504 0.70 -24.15 -25.47
N VAL B 505 -0.42 -24.75 -25.88
CA VAL B 505 -1.70 -24.44 -25.24
C VAL B 505 -1.67 -24.89 -23.80
N TRP B 506 -2.18 -24.05 -22.90
CA TRP B 506 -2.31 -24.37 -21.49
C TRP B 506 -3.78 -24.35 -21.13
N ALA B 507 -4.31 -25.51 -20.77
CA ALA B 507 -5.72 -25.67 -20.45
C ALA B 507 -5.87 -26.11 -18.99
N ASN B 508 -6.96 -25.68 -18.37
CA ASN B 508 -7.28 -26.04 -17.00
C ASN B 508 -8.80 -26.06 -16.82
N GLN B 509 -9.24 -26.65 -15.72
CA GLN B 509 -10.66 -26.78 -15.41
C GLN B 509 -10.93 -26.25 -14.01
N ILE B 510 -12.09 -25.61 -13.84
CA ILE B 510 -12.52 -25.07 -12.55
C ILE B 510 -13.88 -25.68 -12.22
N VAL B 511 -13.93 -26.41 -11.12
CA VAL B 511 -15.14 -27.07 -10.64
C VAL B 511 -15.72 -26.22 -9.52
N ARG B 512 -17.06 -26.14 -9.46
CA ARG B 512 -17.72 -25.38 -8.41
C ARG B 512 -18.85 -26.13 -7.71
N PHE B 513 -19.32 -27.25 -8.25
CA PHE B 513 -20.56 -27.84 -7.76
C PHE B 513 -20.38 -28.48 -6.39
N ALA B 514 -19.21 -28.33 -5.79
CA ALA B 514 -18.99 -28.72 -4.40
C ALA B 514 -19.18 -27.58 -3.42
N ASN B 515 -19.36 -26.36 -3.90
CA ASN B 515 -19.44 -25.20 -3.02
C ASN B 515 -20.87 -24.96 -2.55
N ARG B 516 -20.99 -24.38 -1.35
CA ARG B 516 -22.28 -24.00 -0.80
C ARG B 516 -22.41 -22.50 -0.57
N SER B 517 -21.33 -21.73 -0.72
CA SER B 517 -21.32 -20.32 -0.36
C SER B 517 -21.94 -19.47 -1.47
N LEU B 518 -22.39 -18.28 -1.09
CA LEU B 518 -22.92 -17.33 -2.07
C LEU B 518 -21.82 -16.68 -2.88
N GLU B 519 -20.70 -16.35 -2.26
CA GLU B 519 -19.58 -15.68 -2.92
C GLU B 519 -18.76 -16.60 -3.80
N GLY B 520 -19.25 -17.82 -4.07
CA GLY B 520 -18.47 -18.76 -4.88
C GLY B 520 -18.27 -18.29 -6.29
N LEU B 521 -19.30 -17.67 -6.89
CA LEU B 521 -19.22 -17.25 -8.28
C LEU B 521 -18.17 -16.17 -8.48
N GLU B 522 -18.15 -15.18 -7.58
CA GLU B 522 -17.14 -14.12 -7.67
C GLU B 522 -15.74 -14.67 -7.50
N PHE B 523 -15.55 -15.58 -6.54
CA PHE B 523 -14.24 -16.18 -6.32
C PHE B 523 -13.78 -16.97 -7.53
N ALA B 524 -14.71 -17.74 -8.13
CA ALA B 524 -14.37 -18.52 -9.31
C ALA B 524 -14.02 -17.62 -10.49
N CYS B 525 -14.77 -16.52 -10.68
CA CYS B 525 -14.47 -15.59 -11.76
C CYS B 525 -13.11 -14.94 -11.55
N ALA B 526 -12.79 -14.57 -10.31
CA ALA B 526 -11.50 -13.96 -10.02
C ALA B 526 -10.37 -14.94 -10.31
N TRP B 527 -10.53 -16.20 -9.90
CA TRP B 527 -9.49 -17.20 -10.18
C TRP B 527 -9.40 -17.48 -11.66
N THR B 528 -10.52 -17.45 -12.38
CA THR B 528 -10.50 -17.63 -13.82
C THR B 528 -9.68 -16.52 -14.48
N ALA B 529 -9.92 -15.27 -14.08
CA ALA B 529 -9.15 -14.16 -14.63
C ALA B 529 -7.67 -14.29 -14.30
N GLN B 530 -7.36 -14.65 -13.04
CA GLN B 530 -5.97 -14.76 -12.62
C GLN B 530 -5.24 -15.86 -13.40
N LEU B 531 -5.88 -17.02 -13.55
CA LEU B 531 -5.28 -18.11 -14.31
C LEU B 531 -5.25 -17.80 -15.80
N LEU B 532 -6.09 -16.89 -16.26
CA LEU B 532 -6.23 -16.67 -17.69
C LEU B 532 -5.24 -15.62 -18.19
N HIS B 533 -4.95 -14.60 -17.37
CA HIS B 533 -4.13 -13.48 -17.80
C HIS B 533 -2.74 -13.41 -17.17
N SER B 534 -2.48 -14.16 -16.11
CA SER B 534 -1.16 -14.09 -15.50
C SER B 534 -0.17 -15.00 -16.23
N GLN B 535 1.07 -14.98 -15.77
CA GLN B 535 2.13 -15.79 -16.34
C GLN B 535 2.24 -17.15 -15.67
N ARG B 536 1.35 -17.46 -14.74
CA ARG B 536 1.52 -18.60 -13.86
C ARG B 536 1.12 -19.90 -14.55
N HIS B 537 1.77 -20.99 -14.17
CA HIS B 537 1.40 -22.33 -14.60
C HIS B 537 1.00 -23.18 -13.39
N ILE B 538 -0.17 -23.80 -13.48
CA ILE B 538 -0.61 -24.80 -12.51
C ILE B 538 -0.64 -26.15 -13.21
N ASN B 539 0.21 -27.08 -12.76
CA ASN B 539 0.37 -28.34 -13.48
C ASN B 539 -0.81 -29.28 -13.24
N GLU B 540 -1.60 -29.05 -12.20
CA GLU B 540 -2.79 -29.85 -11.99
C GLU B 540 -3.84 -29.54 -13.06
N ILE B 541 -4.75 -30.48 -13.27
CA ILE B 541 -5.78 -30.30 -14.28
C ILE B 541 -7.06 -29.72 -13.65
N THR B 542 -7.59 -30.40 -12.65
CA THR B 542 -8.83 -30.00 -11.99
C THR B 542 -8.50 -29.25 -10.71
N LEU B 543 -9.17 -28.12 -10.50
CA LEU B 543 -9.00 -27.30 -9.31
C LEU B 543 -10.39 -27.07 -8.71
N ASN B 544 -10.69 -27.77 -7.62
CA ASN B 544 -12.00 -27.66 -6.99
C ASN B 544 -12.04 -26.44 -6.07
N ILE B 545 -13.24 -26.04 -5.69
CA ILE B 545 -13.41 -24.90 -4.79
C ILE B 545 -13.82 -25.42 -3.41
N PRO B 546 -13.32 -24.84 -2.33
CA PRO B 546 -13.77 -25.25 -1.00
C PRO B 546 -15.25 -25.02 -0.80
N ALA B 547 -15.88 -25.93 -0.04
CA ALA B 547 -17.33 -25.86 0.17
C ALA B 547 -17.74 -24.66 1.01
N ASN B 548 -16.86 -24.18 1.87
CA ASN B 548 -17.15 -23.00 2.69
C ASN B 548 -15.89 -22.14 2.72
N ILE B 549 -16.01 -20.91 2.20
CA ILE B 549 -14.82 -20.02 2.06
C ILE B 549 -14.30 -19.60 3.44
N SER B 550 -13.71 -20.52 4.19
CA SER B 550 -13.08 -20.16 5.49
C SER B 550 -11.59 -20.48 5.36
N ALA B 551 -11.06 -20.36 4.13
CA ALA B 551 -9.66 -20.75 3.87
C ALA B 551 -8.70 -19.58 4.14
N THR B 552 -9.07 -18.34 3.80
CA THR B 552 -8.11 -17.27 3.98
C THR B 552 -8.79 -16.09 4.65
N THR B 553 -8.79 -16.07 5.99
CA THR B 553 -9.51 -15.09 6.78
C THR B 553 -11.00 -15.16 6.48
N GLY B 554 -11.49 -14.24 5.65
CA GLY B 554 -12.89 -14.19 5.24
C GLY B 554 -13.09 -13.03 4.26
N ALA B 555 -13.44 -11.86 4.80
CA ALA B 555 -13.49 -10.58 4.12
C ALA B 555 -14.58 -10.47 3.07
N ARG B 556 -15.32 -11.53 2.78
CA ARG B 556 -16.24 -11.54 1.64
C ARG B 556 -15.42 -11.14 0.41
N SER B 557 -15.92 -10.22 -0.40
CA SER B 557 -15.07 -9.57 -1.38
C SER B 557 -13.92 -8.89 -0.64
N ALA B 558 -12.70 -9.38 -0.83
CA ALA B 558 -11.58 -9.06 0.06
C ALA B 558 -11.36 -7.55 0.26
N SER B 559 -11.29 -6.74 -0.79
CA SER B 559 -11.20 -7.11 -2.20
C SER B 559 -9.91 -6.57 -2.77
N VAL B 560 -9.68 -5.28 -2.50
CA VAL B 560 -8.59 -4.46 -3.02
C VAL B 560 -8.95 -2.99 -2.87
N GLY B 561 -10.21 -2.66 -3.17
CA GLY B 561 -10.69 -1.28 -3.14
C GLY B 561 -10.68 -0.70 -1.74
N TRP B 562 -10.32 0.59 -1.64
CA TRP B 562 -10.43 1.41 -0.44
C TRP B 562 -9.39 1.05 0.63
N ALA B 563 -8.66 -0.05 0.43
CA ALA B 563 -7.61 -0.44 1.38
C ALA B 563 -6.78 -1.60 0.83
N GLU B 564 -5.45 -1.47 0.93
CA GLU B 564 -4.45 -2.49 0.61
C GLU B 564 -3.10 -1.79 0.40
N SER B 565 -3.15 -0.59 -0.17
CA SER B 565 -1.97 0.24 -0.29
C SER B 565 -1.60 0.92 1.02
N LEU B 566 -2.39 0.73 2.07
CA LEU B 566 -2.16 1.39 3.34
C LEU B 566 -2.05 0.38 4.50
N ILE B 567 -2.64 -0.80 4.34
CA ILE B 567 -2.61 -1.80 5.39
C ILE B 567 -1.17 -2.24 5.64
N GLY B 568 -0.78 -2.28 6.92
CA GLY B 568 0.53 -2.71 7.33
C GLY B 568 1.58 -1.63 7.31
N LEU B 569 1.21 -0.38 7.00
CA LEU B 569 2.18 0.69 6.92
C LEU B 569 2.79 1.01 8.29
N HIS B 570 1.98 1.00 9.34
CA HIS B 570 2.44 1.37 10.68
C HIS B 570 2.24 0.22 11.67
N LEU B 571 2.63 -0.99 11.27
CA LEU B 571 2.49 -2.15 12.15
C LEU B 571 3.39 -2.02 13.37
N GLY B 572 2.87 -2.45 14.52
CA GLY B 572 3.64 -2.46 15.75
C GLY B 572 3.64 -1.16 16.52
N LYS B 573 3.02 -0.11 15.99
CA LYS B 573 3.02 1.18 16.66
C LYS B 573 1.83 1.32 17.59
N VAL B 574 1.91 2.29 18.49
CA VAL B 574 0.82 2.64 19.40
C VAL B 574 0.51 4.12 19.21
N ALA B 575 -0.75 4.43 18.96
CA ALA B 575 -1.17 5.79 18.65
C ALA B 575 -2.35 6.19 19.51
N LEU B 576 -2.25 7.37 20.13
CA LEU B 576 -3.33 7.96 20.90
C LEU B 576 -3.77 9.23 20.20
N ILE B 577 -5.06 9.31 19.87
CA ILE B 577 -5.63 10.45 19.16
C ILE B 577 -6.59 11.16 20.12
N THR B 578 -6.56 12.49 20.09
CA THR B 578 -7.43 13.26 20.96
C THR B 578 -8.59 13.86 20.19
N GLY B 579 -9.76 13.87 20.80
CA GLY B 579 -10.94 14.43 20.18
C GLY B 579 -11.39 13.71 18.93
N GLY B 580 -11.41 12.38 18.97
CA GLY B 580 -11.75 11.55 17.84
C GLY B 580 -13.19 11.05 17.79
N SER B 581 -14.12 11.74 18.44
CA SER B 581 -15.51 11.32 18.49
C SER B 581 -16.16 11.24 17.11
N ALA B 582 -15.96 12.22 16.25
CA ALA B 582 -16.51 12.22 14.90
C ALA B 582 -15.71 13.20 14.05
N GLY B 583 -15.85 13.07 12.73
CA GLY B 583 -15.15 13.97 11.86
C GLY B 583 -13.74 13.49 11.54
N ILE B 584 -12.84 14.46 11.39
CA ILE B 584 -11.48 14.14 10.94
C ILE B 584 -10.76 13.25 11.95
N GLY B 585 -11.04 13.44 13.24
CA GLY B 585 -10.46 12.57 14.25
C GLY B 585 -10.92 11.13 14.10
N GLY B 586 -12.23 10.93 13.90
CA GLY B 586 -12.73 9.58 13.68
C GLY B 586 -12.13 8.95 12.43
N GLN B 587 -12.06 9.71 11.34
CA GLN B 587 -11.51 9.17 10.11
C GLN B 587 -10.05 8.78 10.27
N ILE B 588 -9.25 9.66 10.88
CA ILE B 588 -7.82 9.35 11.03
C ILE B 588 -7.62 8.15 11.94
N GLY B 589 -8.38 8.09 13.04
CA GLY B 589 -8.27 6.94 13.93
C GLY B 589 -8.64 5.65 13.23
N ARG B 590 -9.74 5.66 12.48
CA ARG B 590 -10.17 4.46 11.76
C ARG B 590 -9.12 4.01 10.75
N LEU B 591 -8.66 4.94 9.92
CA LEU B 591 -7.74 4.57 8.85
C LEU B 591 -6.40 4.11 9.43
N LEU B 592 -5.95 4.73 10.52
CA LEU B 592 -4.74 4.26 11.19
C LEU B 592 -4.95 2.88 11.80
N ALA B 593 -6.16 2.61 12.29
CA ALA B 593 -6.47 1.28 12.80
C ALA B 593 -6.35 0.23 11.69
N LEU B 594 -6.85 0.57 10.49
CA LEU B 594 -6.66 -0.32 9.35
C LEU B 594 -5.18 -0.43 8.95
N SER B 595 -4.36 0.55 9.34
CA SER B 595 -2.96 0.55 8.95
C SER B 595 -2.12 -0.45 9.72
N GLY B 596 -2.68 -1.11 10.73
CA GLY B 596 -1.93 -2.03 11.55
C GLY B 596 -1.43 -1.46 12.86
N ALA B 597 -1.89 -0.27 13.24
CA ALA B 597 -1.49 0.32 14.51
C ALA B 597 -2.57 0.07 15.57
N ARG B 598 -2.19 0.30 16.82
CA ARG B 598 -3.11 0.11 17.95
C ARG B 598 -3.61 1.47 18.41
N VAL B 599 -4.94 1.62 18.47
CA VAL B 599 -5.58 2.92 18.56
C VAL B 599 -6.30 3.04 19.91
N MET B 600 -6.15 4.20 20.54
CA MET B 600 -6.90 4.57 21.72
C MET B 600 -7.73 5.81 21.39
N LEU B 601 -9.04 5.63 21.23
CA LEU B 601 -9.96 6.69 20.85
C LEU B 601 -10.29 7.51 22.08
N ALA B 602 -9.90 8.78 22.07
CA ALA B 602 -10.14 9.69 23.18
C ALA B 602 -10.99 10.86 22.73
N ALA B 603 -12.09 11.09 23.44
CA ALA B 603 -12.99 12.21 23.19
C ALA B 603 -13.92 12.33 24.40
N ARG B 604 -14.95 13.17 24.25
CA ARG B 604 -15.88 13.43 25.36
C ARG B 604 -17.06 12.46 25.36
N ASP B 605 -17.80 12.41 24.25
CA ASP B 605 -19.06 11.67 24.21
C ASP B 605 -18.80 10.17 24.23
N ARG B 606 -19.51 9.46 25.13
CA ARG B 606 -19.39 8.01 25.21
C ARG B 606 -20.02 7.34 23.99
N HIS B 607 -21.22 7.76 23.61
CA HIS B 607 -22.01 7.02 22.63
C HIS B 607 -21.39 7.08 21.24
N LYS B 608 -21.01 8.29 20.80
CA LYS B 608 -20.38 8.41 19.49
C LYS B 608 -19.06 7.65 19.44
N LEU B 609 -18.28 7.70 20.53
CA LEU B 609 -17.01 6.99 20.55
C LEU B 609 -17.20 5.48 20.50
N GLU B 610 -18.20 4.95 21.21
CA GLU B 610 -18.40 3.51 21.17
C GLU B 610 -18.95 3.07 19.81
N GLN B 611 -19.79 3.90 19.19
CA GLN B 611 -20.22 3.60 17.82
C GLN B 611 -19.03 3.56 16.87
N MET B 612 -18.13 4.55 16.99
CA MET B 612 -16.95 4.60 16.14
C MET B 612 -16.06 3.38 16.38
N GLN B 613 -15.88 2.99 17.64
CA GLN B 613 -15.06 1.82 17.95
C GLN B 613 -15.67 0.56 17.36
N ALA B 614 -17.00 0.42 17.48
CA ALA B 614 -17.66 -0.76 16.93
C ALA B 614 -17.49 -0.82 15.41
N MET B 615 -17.67 0.30 14.72
CA MET B 615 -17.53 0.30 13.27
C MET B 615 -16.08 0.03 12.87
N ILE B 616 -15.12 0.60 13.62
CA ILE B 616 -13.71 0.39 13.32
C ILE B 616 -13.34 -1.08 13.51
N GLN B 617 -13.78 -1.68 14.61
CA GLN B 617 -13.43 -3.07 14.85
C GLN B 617 -14.14 -4.00 13.86
N SER B 618 -15.34 -3.62 13.42
CA SER B 618 -15.99 -4.37 12.36
C SER B 618 -15.16 -4.33 11.08
N GLU B 619 -14.66 -3.15 10.71
CA GLU B 619 -13.81 -3.05 9.54
C GLU B 619 -12.54 -3.86 9.69
N LEU B 620 -11.91 -3.80 10.87
CA LEU B 620 -10.68 -4.56 11.11
C LEU B 620 -10.92 -6.06 11.01
N ALA B 621 -12.03 -6.53 11.58
CA ALA B 621 -12.38 -7.95 11.47
C ALA B 621 -12.63 -8.33 10.02
N GLU B 622 -13.30 -7.46 9.26
CA GLU B 622 -13.53 -7.74 7.85
C GLU B 622 -12.23 -7.83 7.05
N VAL B 623 -11.27 -6.93 7.31
CA VAL B 623 -10.09 -6.85 6.47
C VAL B 623 -9.04 -7.91 6.82
N GLY B 624 -9.35 -8.84 7.72
CA GLY B 624 -8.49 -9.97 8.00
C GLY B 624 -7.73 -9.94 9.30
N TYR B 625 -7.83 -8.85 10.07
CA TYR B 625 -7.12 -8.79 11.34
C TYR B 625 -7.75 -9.73 12.36
N THR B 626 -7.00 -10.01 13.43
CA THR B 626 -7.42 -10.93 14.46
C THR B 626 -7.46 -10.23 15.81
N ASP B 627 -8.48 -10.58 16.61
CA ASP B 627 -8.67 -10.04 17.95
C ASP B 627 -8.76 -8.51 17.92
N VAL B 628 -9.80 -8.00 17.26
CA VAL B 628 -9.98 -6.56 17.11
C VAL B 628 -10.19 -5.87 18.45
N GLU B 629 -10.71 -6.58 19.45
CA GLU B 629 -11.01 -5.95 20.73
C GLU B 629 -9.75 -5.48 21.45
N ASP B 630 -8.60 -6.10 21.16
CA ASP B 630 -7.34 -5.69 21.75
C ASP B 630 -6.57 -4.70 20.88
N ARG B 631 -7.14 -4.24 19.78
CA ARG B 631 -6.48 -3.30 18.90
C ARG B 631 -7.10 -1.92 18.91
N VAL B 632 -8.31 -1.77 19.41
CA VAL B 632 -8.96 -0.46 19.50
C VAL B 632 -9.64 -0.30 20.86
N HIS B 633 -9.05 0.54 21.70
CA HIS B 633 -9.61 0.85 23.01
C HIS B 633 -10.23 2.25 22.98
N ILE B 634 -11.05 2.53 23.98
CA ILE B 634 -11.68 3.84 24.12
C ILE B 634 -11.44 4.37 25.52
N ALA B 635 -11.19 5.68 25.58
CA ALA B 635 -11.08 6.40 26.85
C ALA B 635 -11.98 7.64 26.76
N PRO B 636 -13.29 7.44 26.72
CA PRO B 636 -14.20 8.57 26.56
C PRO B 636 -14.42 9.29 27.88
N GLY B 637 -15.16 10.40 27.80
CA GLY B 637 -15.44 11.20 28.98
C GLY B 637 -14.29 12.05 29.44
N CYS B 638 -13.23 12.14 28.66
CA CYS B 638 -12.05 12.93 29.00
C CYS B 638 -12.15 14.26 28.27
N ASP B 639 -12.49 15.32 29.01
CA ASP B 639 -12.60 16.66 28.46
C ASP B 639 -11.20 17.25 28.41
N VAL B 640 -10.81 17.77 27.25
CA VAL B 640 -9.47 18.29 27.04
C VAL B 640 -9.19 19.53 27.88
N SER B 641 -10.21 20.14 28.46
CA SER B 641 -10.06 21.40 29.19
C SER B 641 -9.53 21.23 30.60
N SER B 642 -9.33 19.99 31.06
CA SER B 642 -8.89 19.73 32.43
C SER B 642 -7.54 19.03 32.40
N GLU B 643 -6.58 19.56 33.17
CA GLU B 643 -5.26 18.94 33.26
C GLU B 643 -5.34 17.56 33.91
N ALA B 644 -6.17 17.42 34.94
CA ALA B 644 -6.31 16.13 35.61
C ALA B 644 -6.86 15.08 34.66
N GLN B 645 -7.83 15.45 33.82
CA GLN B 645 -8.33 14.50 32.83
C GLN B 645 -7.26 14.15 31.79
N LEU B 646 -6.39 15.11 31.46
CA LEU B 646 -5.28 14.79 30.57
C LEU B 646 -4.34 13.75 31.20
N ALA B 647 -4.02 13.93 32.48
CA ALA B 647 -3.18 12.95 33.17
C ALA B 647 -3.87 11.59 33.25
N ASP B 648 -5.18 11.59 33.47
CA ASP B 648 -5.93 10.34 33.49
C ASP B 648 -5.88 9.64 32.13
N LEU B 649 -6.03 10.41 31.05
CA LEU B 649 -5.93 9.83 29.72
C LEU B 649 -4.55 9.25 29.48
N VAL B 650 -3.51 9.96 29.91
CA VAL B 650 -2.14 9.48 29.75
C VAL B 650 -1.95 8.16 30.48
N GLU B 651 -2.41 8.08 31.73
CA GLU B 651 -2.20 6.87 32.51
C GLU B 651 -3.03 5.71 31.96
N ARG B 652 -4.25 6.00 31.49
CA ARG B 652 -5.05 4.95 30.87
C ARG B 652 -4.37 4.38 29.63
N THR B 653 -3.85 5.25 28.76
CA THR B 653 -3.18 4.76 27.55
C THR B 653 -1.92 3.98 27.91
N LEU B 654 -1.16 4.46 28.90
CA LEU B 654 0.03 3.75 29.32
C LEU B 654 -0.30 2.37 29.89
N SER B 655 -1.37 2.26 30.68
CA SER B 655 -1.75 0.97 31.21
C SER B 655 -2.25 0.04 30.11
N ALA B 656 -2.99 0.60 29.15
CA ALA B 656 -3.58 -0.22 28.10
C ALA B 656 -2.52 -0.77 27.15
N PHE B 657 -1.69 0.10 26.58
CA PHE B 657 -0.75 -0.35 25.53
C PHE B 657 0.72 -0.09 25.84
N GLY B 658 1.05 0.49 26.99
CA GLY B 658 2.46 0.72 27.27
C GLY B 658 2.95 2.02 26.66
N THR B 659 4.17 1.96 26.10
CA THR B 659 4.76 3.15 25.49
C THR B 659 4.01 3.55 24.24
N VAL B 660 3.72 4.85 24.13
CA VAL B 660 2.93 5.38 23.02
C VAL B 660 3.86 6.10 22.06
N ASP B 661 3.81 5.72 20.78
CA ASP B 661 4.71 6.31 19.80
C ASP B 661 4.08 7.52 19.14
N TYR B 662 2.81 7.43 18.74
CA TYR B 662 2.14 8.48 17.98
C TYR B 662 1.17 9.21 18.88
N LEU B 663 1.27 10.54 18.90
CA LEU B 663 0.34 11.39 19.63
C LEU B 663 -0.33 12.34 18.65
N ILE B 664 -1.56 12.02 18.27
CA ILE B 664 -2.31 12.78 17.28
C ILE B 664 -3.21 13.74 18.05
N ASN B 665 -2.73 14.97 18.27
CA ASN B 665 -3.50 15.97 18.99
C ASN B 665 -4.37 16.73 18.00
N ASN B 666 -5.65 16.37 18.00
CA ASN B 666 -6.62 16.89 17.05
C ASN B 666 -7.73 17.66 17.76
N ALA B 667 -7.96 17.37 19.04
CA ALA B 667 -9.05 17.97 19.79
C ALA B 667 -8.94 19.49 19.79
N GLY B 668 -9.98 20.16 19.29
CA GLY B 668 -10.02 21.60 19.23
C GLY B 668 -11.40 22.12 18.91
N ILE B 669 -11.83 23.15 19.63
CA ILE B 669 -13.17 23.72 19.46
C ILE B 669 -13.08 25.00 18.64
N ALA B 670 -14.24 25.46 18.17
CA ALA B 670 -14.28 26.68 17.37
C ALA B 670 -13.83 27.90 18.17
N GLY B 671 -14.31 28.01 19.41
CA GLY B 671 -13.92 29.13 20.25
C GLY B 671 -15.08 29.96 20.76
N VAL B 672 -14.79 31.20 21.15
CA VAL B 672 -15.80 32.09 21.72
C VAL B 672 -16.82 32.49 20.65
N GLU B 673 -16.41 32.55 19.39
CA GLU B 673 -17.29 32.86 18.26
C GLU B 673 -17.90 34.26 18.38
N GLU B 674 -17.03 35.23 18.65
CA GLU B 674 -17.46 36.62 18.81
C GLU B 674 -16.41 37.56 18.31
N MET B 675 -16.74 38.86 18.35
CA MET B 675 -15.75 39.90 18.15
C MET B 675 -14.72 39.89 19.27
N VAL B 676 -13.52 40.38 18.94
CA VAL B 676 -12.51 40.61 19.96
C VAL B 676 -13.03 41.61 21.00
N ILE B 677 -13.76 42.62 20.54
CA ILE B 677 -14.36 43.61 21.43
C ILE B 677 -15.63 43.12 22.12
N ASP B 678 -16.09 41.91 21.80
CA ASP B 678 -17.18 41.26 22.51
C ASP B 678 -16.79 39.93 23.12
N MET B 679 -15.50 39.73 23.41
CA MET B 679 -15.00 38.45 23.87
C MET B 679 -14.67 38.53 25.36
N PRO B 680 -15.38 37.81 26.22
CA PRO B 680 -14.98 37.75 27.64
C PRO B 680 -13.64 37.05 27.81
N VAL B 681 -12.92 37.43 28.87
CA VAL B 681 -11.58 36.89 29.10
C VAL B 681 -11.64 35.41 29.46
N GLU B 682 -12.72 34.98 30.12
CA GLU B 682 -12.85 33.57 30.47
C GLU B 682 -12.93 32.70 29.22
N GLY B 683 -13.64 33.16 28.20
CA GLY B 683 -13.63 32.44 26.93
C GLY B 683 -12.26 32.40 26.31
N TRP B 684 -11.52 33.51 26.41
CA TRP B 684 -10.15 33.56 25.91
C TRP B 684 -9.29 32.49 26.60
N ARG B 685 -9.41 32.39 27.92
CA ARG B 685 -8.65 31.38 28.67
C ARG B 685 -9.08 29.97 28.31
N HIS B 686 -10.39 29.74 28.15
CA HIS B 686 -10.87 28.41 27.78
C HIS B 686 -10.35 28.00 26.41
N THR B 687 -10.37 28.93 25.45
CA THR B 687 -9.86 28.62 24.12
C THR B 687 -8.36 28.32 24.16
N LEU B 688 -7.60 29.10 24.93
CA LEU B 688 -6.17 28.84 25.03
C LEU B 688 -5.89 27.50 25.69
N PHE B 689 -6.66 27.15 26.73
CA PHE B 689 -6.46 25.88 27.42
C PHE B 689 -6.80 24.71 26.51
N ALA B 690 -7.89 24.81 25.76
CA ALA B 690 -8.33 23.70 24.92
C ALA B 690 -7.43 23.53 23.70
N ASN B 691 -7.02 24.63 23.08
CA ASN B 691 -6.32 24.57 21.81
C ASN B 691 -4.80 24.67 21.92
N LEU B 692 -4.28 25.37 22.93
CA LEU B 692 -2.85 25.63 23.01
C LEU B 692 -2.19 24.95 24.21
N ILE B 693 -2.71 25.16 25.42
CA ILE B 693 -2.05 24.64 26.62
C ILE B 693 -2.05 23.11 26.62
N SER B 694 -3.18 22.50 26.26
CA SER B 694 -3.28 21.05 26.29
C SER B 694 -2.25 20.38 25.39
N ASN B 695 -1.89 21.03 24.28
CA ASN B 695 -0.87 20.46 23.41
C ASN B 695 0.46 20.29 24.16
N TYR B 696 0.93 21.34 24.83
CA TYR B 696 2.18 21.22 25.56
C TYR B 696 2.03 20.30 26.76
N SER B 697 0.84 20.24 27.36
CA SER B 697 0.62 19.33 28.47
C SER B 697 0.81 17.88 28.03
N LEU B 698 0.12 17.49 26.95
CA LEU B 698 0.23 16.12 26.46
C LEU B 698 1.62 15.86 25.91
N MET B 699 2.26 16.86 25.29
CA MET B 699 3.63 16.71 24.84
C MET B 699 4.56 16.42 26.01
N ARG B 700 4.40 17.16 27.11
CA ARG B 700 5.22 16.93 28.30
C ARG B 700 4.99 15.53 28.87
N LYS B 701 3.74 15.10 28.93
CA LYS B 701 3.47 13.80 29.55
C LYS B 701 3.93 12.64 28.68
N LEU B 702 3.89 12.79 27.36
CA LEU B 702 4.25 11.69 26.46
C LEU B 702 5.69 11.72 25.96
N ALA B 703 6.38 12.85 26.12
CA ALA B 703 7.78 12.93 25.67
C ALA B 703 8.72 11.98 26.37
N PRO B 704 8.66 11.79 27.71
CA PRO B 704 9.69 10.96 28.37
C PRO B 704 9.79 9.54 27.82
N LEU B 705 8.65 8.90 27.54
CA LEU B 705 8.69 7.56 26.99
C LEU B 705 9.33 7.55 25.60
N MET B 706 8.94 8.51 24.76
CA MET B 706 9.42 8.52 23.39
C MET B 706 10.92 8.79 23.35
N LYS B 707 11.42 9.61 24.26
CA LYS B 707 12.87 9.83 24.28
C LYS B 707 13.59 8.69 25.00
N LYS B 708 12.88 7.93 25.84
CA LYS B 708 13.49 6.77 26.47
C LYS B 708 13.69 5.65 25.45
N GLN B 709 12.70 5.41 24.60
CA GLN B 709 12.79 4.35 23.60
C GLN B 709 13.51 4.79 22.33
N GLY B 710 13.82 6.07 22.18
CA GLY B 710 14.55 6.56 21.04
C GLY B 710 13.73 6.78 19.78
N SER B 711 12.41 6.80 19.89
CA SER B 711 11.55 7.02 18.73
C SER B 711 10.23 7.63 19.21
N GLY B 712 9.60 8.42 18.35
CA GLY B 712 8.36 9.06 18.72
C GLY B 712 7.92 10.05 17.65
N TYR B 713 6.62 10.35 17.67
CA TYR B 713 6.03 11.28 16.73
C TYR B 713 4.78 11.89 17.35
N ILE B 714 4.71 13.21 17.34
CA ILE B 714 3.52 13.95 17.75
C ILE B 714 3.08 14.78 16.56
N LEU B 715 1.80 14.68 16.19
CA LEU B 715 1.23 15.43 15.09
C LEU B 715 0.10 16.29 15.62
N ASN B 716 0.22 17.60 15.46
CA ASN B 716 -0.77 18.55 15.93
C ASN B 716 -1.60 19.04 14.75
N VAL B 717 -2.92 19.05 14.90
CA VAL B 717 -3.82 19.43 13.81
C VAL B 717 -3.99 20.95 13.86
N SER B 718 -3.33 21.64 12.94
CA SER B 718 -3.44 23.08 12.77
C SER B 718 -4.53 23.40 11.75
N SER B 719 -4.61 24.65 11.31
CA SER B 719 -5.58 25.07 10.32
C SER B 719 -4.97 26.15 9.44
N TYR B 720 -5.35 26.15 8.17
CA TYR B 720 -4.82 27.13 7.22
C TYR B 720 -5.16 28.55 7.63
N PHE B 721 -6.34 28.74 8.23
CA PHE B 721 -6.84 30.07 8.55
C PHE B 721 -6.13 30.71 9.74
N GLY B 722 -5.06 30.09 10.24
CA GLY B 722 -4.27 30.65 11.32
C GLY B 722 -3.03 31.40 10.90
N GLY B 723 -2.55 31.18 9.68
CA GLY B 723 -1.39 31.89 9.18
C GLY B 723 -0.29 30.97 8.67
N GLU B 724 0.88 31.57 8.46
CA GLU B 724 2.04 30.88 7.93
C GLU B 724 3.28 31.67 8.33
N LYS B 725 4.44 31.03 8.22
CA LYS B 725 5.70 31.72 8.46
C LYS B 725 5.86 32.90 7.51
N ASP B 726 6.15 34.07 8.08
CA ASP B 726 6.33 35.33 7.36
C ASP B 726 5.11 35.76 6.57
N ALA B 727 3.94 35.19 6.85
CA ALA B 727 2.71 35.56 6.16
C ALA B 727 1.52 35.21 7.04
N ALA B 728 0.82 36.23 7.53
CA ALA B 728 -0.34 36.04 8.38
C ALA B 728 -1.61 36.01 7.54
N ILE B 729 -2.70 35.57 8.16
CA ILE B 729 -3.99 35.44 7.51
C ILE B 729 -5.06 35.94 8.47
N PRO B 730 -5.80 37.01 8.13
CA PRO B 730 -6.92 37.43 8.98
C PRO B 730 -8.06 36.41 8.90
N TYR B 731 -8.88 36.38 9.93
CA TYR B 731 -9.97 35.41 10.02
C TYR B 731 -10.94 35.97 11.05
N PRO B 732 -11.83 36.88 10.63
CA PRO B 732 -12.63 37.66 11.58
C PRO B 732 -13.59 36.81 12.40
N ASN B 733 -14.10 37.38 13.49
CA ASN B 733 -14.97 36.72 14.46
C ASN B 733 -14.25 35.62 15.22
N ARG B 734 -12.99 35.32 14.87
CA ARG B 734 -12.33 34.10 15.31
C ARG B 734 -10.87 34.34 15.67
N ALA B 735 -10.57 35.45 16.34
CA ALA B 735 -9.17 35.74 16.65
C ALA B 735 -8.56 34.66 17.52
N ASP B 736 -9.32 34.15 18.50
CA ASP B 736 -8.80 33.14 19.42
C ASP B 736 -8.36 31.89 18.68
N TYR B 737 -9.20 31.40 17.76
CA TYR B 737 -8.85 30.19 17.01
C TYR B 737 -7.57 30.39 16.22
N ALA B 738 -7.47 31.53 15.52
CA ALA B 738 -6.29 31.79 14.69
C ALA B 738 -5.03 31.89 15.54
N VAL B 739 -5.09 32.64 16.65
CA VAL B 739 -3.89 32.82 17.46
C VAL B 739 -3.47 31.50 18.10
N SER B 740 -4.43 30.72 18.58
CA SER B 740 -4.09 29.41 19.14
C SER B 740 -3.51 28.49 18.08
N LYS B 741 -4.06 28.53 16.87
CA LYS B 741 -3.60 27.62 15.82
C LYS B 741 -2.17 27.98 15.41
N ALA B 742 -1.89 29.28 15.25
CA ALA B 742 -0.52 29.72 14.97
C ALA B 742 0.40 29.41 16.13
N GLY B 743 -0.11 29.43 17.37
CA GLY B 743 0.70 29.03 18.51
C GLY B 743 1.07 27.56 18.46
N GLN B 744 0.13 26.71 18.05
CA GLN B 744 0.44 25.29 17.84
C GLN B 744 1.53 25.13 16.78
N ARG B 745 1.38 25.84 15.67
CA ARG B 745 2.38 25.76 14.60
C ARG B 745 3.75 26.22 15.09
N ALA B 746 3.77 27.33 15.85
CA ALA B 746 5.02 27.83 16.40
C ALA B 746 5.65 26.85 17.37
N MET B 747 4.83 26.24 18.23
CA MET B 747 5.34 25.24 19.16
C MET B 747 6.03 24.12 18.41
N ALA B 748 5.39 23.59 17.37
CA ALA B 748 6.03 22.54 16.58
C ALA B 748 7.34 23.03 15.98
N GLU B 749 7.30 24.18 15.32
CA GLU B 749 8.48 24.65 14.57
C GLU B 749 9.64 24.98 15.50
N VAL B 750 9.36 25.31 16.75
CA VAL B 750 10.44 25.68 17.66
C VAL B 750 10.92 24.50 18.50
N PHE B 751 10.03 23.56 18.85
CA PHE B 751 10.45 22.38 19.59
C PHE B 751 11.03 21.29 18.72
N ALA B 752 10.94 21.43 17.39
CA ALA B 752 11.60 20.46 16.50
C ALA B 752 13.08 20.30 16.83
N ARG B 753 13.75 21.42 17.12
CA ARG B 753 15.19 21.36 17.40
C ARG B 753 15.48 20.59 18.68
N PHE B 754 14.79 20.94 19.77
CA PHE B 754 15.14 20.38 21.07
C PHE B 754 14.63 18.95 21.24
N LEU B 755 13.46 18.63 20.68
CA LEU B 755 12.94 17.28 20.83
C LEU B 755 13.67 16.28 19.94
N GLY B 756 14.39 16.74 18.93
CA GLY B 756 15.15 15.87 18.07
C GLY B 756 16.42 15.38 18.71
N PRO B 757 17.06 14.35 18.11
CA PRO B 757 16.56 13.66 16.91
C PRO B 757 15.65 12.48 17.24
N GLU B 758 15.37 12.29 18.54
CA GLU B 758 14.61 11.11 18.96
C GLU B 758 13.13 11.25 18.65
N ILE B 759 12.58 12.46 18.77
CA ILE B 759 11.14 12.68 18.66
C ILE B 759 10.86 13.68 17.55
N GLN B 760 9.89 13.34 16.72
CA GLN B 760 9.41 14.21 15.64
C GLN B 760 8.24 15.06 16.12
N ILE B 761 8.13 16.26 15.58
CA ILE B 761 6.99 17.16 15.80
C ILE B 761 6.62 17.81 14.48
N ASN B 762 5.32 17.89 14.21
CA ASN B 762 4.82 18.43 12.95
C ASN B 762 3.39 18.93 13.16
N ALA B 763 2.93 19.75 12.22
CA ALA B 763 1.58 20.28 12.22
C ALA B 763 0.94 20.08 10.86
N ILE B 764 -0.35 19.77 10.88
CA ILE B 764 -1.14 19.64 9.66
C ILE B 764 -2.26 20.67 9.70
N ALA B 765 -2.37 21.42 8.60
CA ALA B 765 -3.29 22.55 8.52
C ALA B 765 -4.16 22.40 7.29
N PRO B 766 -5.16 21.52 7.35
CA PRO B 766 -6.03 21.30 6.19
C PRO B 766 -6.92 22.50 5.91
N GLY B 767 -7.30 22.64 4.64
CA GLY B 767 -8.20 23.67 4.22
C GLY B 767 -9.65 23.30 4.50
N PRO B 768 -10.59 24.01 3.88
CA PRO B 768 -12.00 23.67 4.08
C PRO B 768 -12.29 22.24 3.66
N VAL B 769 -13.05 21.53 4.51
CA VAL B 769 -13.37 20.13 4.30
C VAL B 769 -14.86 19.93 4.53
N GLU B 770 -15.52 19.24 3.62
CA GLU B 770 -16.94 18.95 3.78
C GLU B 770 -17.17 18.05 4.98
N GLY B 771 -18.28 18.29 5.67
CA GLY B 771 -18.62 17.51 6.85
C GLY B 771 -20.03 17.81 7.30
N ASP B 772 -20.31 17.40 8.54
CA ASP B 772 -21.64 17.62 9.11
C ASP B 772 -21.88 19.12 9.30
N ARG B 773 -23.12 19.55 9.03
CA ARG B 773 -23.47 20.95 9.21
C ARG B 773 -23.47 21.35 10.68
N LEU B 774 -23.67 20.40 11.58
CA LEU B 774 -23.69 20.67 13.01
C LEU B 774 -22.32 20.50 13.66
N ARG B 775 -21.31 20.08 12.91
CA ARG B 775 -19.97 19.84 13.46
C ARG B 775 -18.97 20.68 12.69
N GLY B 776 -17.71 20.61 13.09
CA GLY B 776 -16.65 21.37 12.49
C GLY B 776 -16.08 22.42 13.42
N THR B 777 -14.87 22.87 13.07
CA THR B 777 -14.17 23.88 13.85
C THR B 777 -14.46 25.30 13.39
N GLY B 778 -15.60 25.52 12.73
CA GLY B 778 -16.02 26.84 12.31
C GLY B 778 -15.53 27.27 10.95
N GLU B 779 -14.65 26.51 10.30
CA GLU B 779 -14.21 26.86 8.96
C GLU B 779 -15.35 26.77 7.95
N ARG B 780 -16.32 25.89 8.21
CA ARG B 780 -17.37 25.66 7.23
C ARG B 780 -18.75 25.83 7.86
N PRO B 781 -19.72 26.31 7.09
CA PRO B 781 -21.13 26.09 7.48
C PRO B 781 -21.58 24.70 7.04
N GLY B 782 -22.56 24.15 7.75
CA GLY B 782 -23.24 24.83 8.84
C GLY B 782 -24.53 25.47 8.37
N LEU B 783 -25.28 26.05 9.30
CA LEU B 783 -26.54 26.73 8.98
C LEU B 783 -26.19 28.10 8.42
N PHE B 784 -26.32 28.25 7.10
CA PHE B 784 -26.00 29.53 6.47
C PHE B 784 -26.92 30.63 6.96
N ALA B 785 -28.21 30.31 7.16
CA ALA B 785 -29.15 31.32 7.63
C ALA B 785 -28.77 31.84 9.02
N ARG B 786 -28.36 30.94 9.91
CA ARG B 786 -27.99 31.36 11.27
C ARG B 786 -26.79 32.30 11.24
N ARG B 787 -25.76 31.94 10.47
CA ARG B 787 -24.57 32.77 10.39
C ARG B 787 -24.88 34.12 9.72
N ALA B 788 -25.75 34.10 8.71
CA ALA B 788 -26.16 35.34 8.06
C ALA B 788 -26.88 36.24 9.06
N ARG B 789 -27.78 35.67 9.86
CA ARG B 789 -28.47 36.46 10.88
C ARG B 789 -27.49 37.04 11.88
N LEU B 790 -26.54 36.23 12.35
CA LEU B 790 -25.58 36.72 13.33
C LEU B 790 -24.71 37.83 12.76
N ILE B 791 -24.25 37.68 11.51
CA ILE B 791 -23.41 38.71 10.90
C ILE B 791 -24.21 39.98 10.65
N LEU B 792 -25.49 39.85 10.26
CA LEU B 792 -26.32 41.03 10.09
C LEU B 792 -26.52 41.76 11.41
N GLU B 793 -26.78 41.01 12.50
CA GLU B 793 -26.94 41.64 13.81
C GLU B 793 -25.64 42.31 14.25
N ASN B 794 -24.50 41.66 14.00
CA ASN B 794 -23.22 42.25 14.37
C ASN B 794 -22.94 43.52 13.57
N LYS B 795 -23.31 43.53 12.29
CA LYS B 795 -23.16 44.75 11.49
C LYS B 795 -24.04 45.87 12.04
N ARG B 796 -25.30 45.56 12.37
CA ARG B 796 -26.17 46.54 12.99
C ARG B 796 -25.51 47.13 14.24
N LEU B 797 -25.07 46.25 15.14
CA LEU B 797 -24.57 46.68 16.43
C LEU B 797 -23.27 47.47 16.30
N ASN B 798 -22.37 47.04 15.41
CA ASN B 798 -21.10 47.74 15.30
C ASN B 798 -21.26 49.08 14.60
N GLU B 799 -22.24 49.18 13.69
CA GLU B 799 -22.58 50.49 13.14
C GLU B 799 -23.08 51.42 14.22
N LEU B 800 -23.99 50.95 15.09
CA LEU B 800 -24.47 51.80 16.18
C LEU B 800 -23.32 52.19 17.11
N HIS B 801 -22.45 51.24 17.45
CA HIS B 801 -21.36 51.51 18.37
C HIS B 801 -20.38 52.51 17.77
N ALA B 802 -20.04 52.35 16.49
CA ALA B 802 -19.12 53.28 15.84
C ALA B 802 -19.72 54.68 15.77
N ALA B 803 -21.02 54.78 15.45
CA ALA B 803 -21.67 56.08 15.42
C ALA B 803 -21.66 56.73 16.80
N LEU B 804 -21.96 55.97 17.85
CA LEU B 804 -21.99 56.53 19.19
C LEU B 804 -20.59 56.96 19.63
N ILE B 805 -19.57 56.17 19.32
CA ILE B 805 -18.20 56.53 19.69
C ILE B 805 -17.76 57.79 18.95
N ALA B 806 -18.07 57.86 17.66
CA ALA B 806 -17.71 59.04 16.88
C ALA B 806 -18.42 60.28 17.41
N ALA B 807 -19.67 60.12 17.82
CA ALA B 807 -20.40 61.23 18.44
C ALA B 807 -19.71 61.67 19.74
N ALA B 808 -19.45 60.72 20.63
CA ALA B 808 -18.86 61.05 21.93
C ALA B 808 -17.45 61.61 21.79
N ARG B 809 -16.77 61.36 20.68
CA ARG B 809 -15.42 61.89 20.50
C ARG B 809 -15.43 63.42 20.46
N THR B 810 -16.41 64.03 19.80
CA THR B 810 -16.40 65.47 19.58
C THR B 810 -17.61 66.19 20.17
N ASP B 811 -18.57 65.48 20.75
CA ASP B 811 -19.75 66.11 21.33
C ASP B 811 -19.51 66.46 22.78
N GLU B 812 -20.19 67.52 23.24
CA GLU B 812 -20.08 67.93 24.63
C GLU B 812 -20.97 67.11 25.55
N ARG B 813 -22.03 66.49 25.02
CA ARG B 813 -22.91 65.67 25.83
C ARG B 813 -22.19 64.40 26.27
N SER B 814 -22.57 63.90 27.44
CA SER B 814 -22.04 62.63 27.92
C SER B 814 -22.65 61.48 27.13
N MET B 815 -22.15 60.27 27.42
CA MET B 815 -22.69 59.08 26.75
C MET B 815 -24.16 58.88 27.08
N HIS B 816 -24.58 59.31 28.27
CA HIS B 816 -25.97 59.15 28.68
C HIS B 816 -26.92 59.90 27.76
N GLU B 817 -26.62 61.18 27.50
CA GLU B 817 -27.49 61.97 26.64
C GLU B 817 -27.47 61.46 25.21
N LEU B 818 -26.31 61.01 24.72
CA LEU B 818 -26.24 60.45 23.37
C LEU B 818 -27.10 59.19 23.24
N VAL B 819 -27.04 58.31 24.25
CA VAL B 819 -27.86 57.10 24.21
C VAL B 819 -29.34 57.45 24.37
N GLU B 820 -29.65 58.54 25.09
CA GLU B 820 -31.04 58.93 25.30
C GLU B 820 -31.80 59.13 24.00
N LEU B 821 -31.11 59.58 22.95
CA LEU B 821 -31.76 59.77 21.66
C LEU B 821 -32.23 58.45 21.04
N LEU B 822 -31.60 57.33 21.42
CA LEU B 822 -31.97 56.03 20.88
C LEU B 822 -33.12 55.38 21.64
N LEU B 823 -33.58 55.99 22.73
CA LEU B 823 -34.69 55.42 23.48
C LEU B 823 -35.98 55.25 22.67
N PRO B 824 -36.43 56.22 21.86
CA PRO B 824 -37.65 55.99 21.06
C PRO B 824 -37.53 54.85 20.07
N ASN B 825 -36.31 54.43 19.71
CA ASN B 825 -36.10 53.33 18.76
C ASN B 825 -36.73 53.66 17.41
N ASP B 826 -36.69 54.92 17.02
CA ASP B 826 -37.23 55.39 15.76
C ASP B 826 -36.08 55.92 14.90
N VAL B 827 -35.85 55.26 13.76
CA VAL B 827 -34.78 55.70 12.86
C VAL B 827 -35.14 57.05 12.24
N ALA B 828 -36.41 57.22 11.86
CA ALA B 828 -36.84 58.46 11.23
C ALA B 828 -36.67 59.64 12.18
N ALA B 829 -37.01 59.47 13.45
CA ALA B 829 -36.86 60.54 14.42
C ALA B 829 -35.41 60.96 14.58
N LEU B 830 -34.49 60.00 14.60
CA LEU B 830 -33.07 60.32 14.71
C LEU B 830 -32.54 60.96 13.44
N GLU B 831 -33.09 60.58 12.29
CA GLU B 831 -32.59 61.09 11.01
C GLU B 831 -32.77 62.60 10.90
N GLN B 832 -33.99 63.09 11.14
CA GLN B 832 -34.31 64.50 11.01
C GLN B 832 -34.17 65.27 12.32
N ASN B 833 -33.40 64.76 13.28
CA ASN B 833 -33.19 65.49 14.53
C ASN B 833 -32.09 66.53 14.31
N PRO B 834 -32.41 67.82 14.43
CA PRO B 834 -31.38 68.85 14.23
C PRO B 834 -30.23 68.78 15.22
N ALA B 835 -30.49 68.40 16.47
CA ALA B 835 -29.46 68.33 17.49
C ALA B 835 -28.70 67.01 17.49
N ALA B 836 -29.06 66.08 16.62
CA ALA B 836 -28.40 64.79 16.60
C ALA B 836 -26.97 64.93 16.07
N PRO B 837 -26.06 64.07 16.48
CA PRO B 837 -24.71 64.09 15.90
C PRO B 837 -24.74 63.71 14.42
N THR B 838 -23.75 64.19 13.68
CA THR B 838 -23.65 63.88 12.26
C THR B 838 -23.58 62.39 12.01
N ALA B 839 -22.84 61.67 12.86
CA ALA B 839 -22.73 60.23 12.70
C ALA B 839 -24.08 59.55 12.82
N LEU B 840 -24.88 59.93 13.82
CA LEU B 840 -26.17 59.29 14.01
C LEU B 840 -27.15 59.58 12.87
N ARG B 841 -27.23 60.84 12.42
CA ARG B 841 -28.14 61.16 11.33
C ARG B 841 -27.71 60.48 10.03
N GLU B 842 -26.40 60.45 9.75
CA GLU B 842 -25.93 59.76 8.55
C GLU B 842 -26.21 58.27 8.64
N LEU B 843 -26.02 57.68 9.82
CA LEU B 843 -26.31 56.26 10.00
C LEU B 843 -27.79 55.98 9.81
N ALA B 844 -28.65 56.88 10.30
CA ALA B 844 -30.09 56.73 10.09
C ALA B 844 -30.45 56.78 8.62
N ARG B 845 -29.84 57.72 7.88
CA ARG B 845 -30.09 57.79 6.44
C ARG B 845 -29.63 56.51 5.74
N ARG B 846 -28.46 56.00 6.11
CA ARG B 846 -27.98 54.75 5.51
C ARG B 846 -28.91 53.59 5.85
N PHE B 847 -29.40 53.54 7.08
CA PHE B 847 -30.31 52.48 7.48
C PHE B 847 -31.62 52.54 6.69
N ARG B 848 -32.15 53.75 6.50
CA ARG B 848 -33.40 53.88 5.74
C ARG B 848 -33.18 53.53 4.27
N SER B 849 -32.09 53.99 3.68
CA SER B 849 -31.84 53.73 2.26
C SER B 849 -31.58 52.26 2.00
N GLU B 850 -30.68 51.66 2.77
CA GLU B 850 -30.31 50.25 2.60
C GLU B 850 -31.30 49.29 3.24
N GLY B 851 -32.25 49.80 4.04
CA GLY B 851 -33.17 48.93 4.73
C GLY B 851 -34.29 48.42 3.86
N ASP B 852 -35.03 47.45 4.40
CA ASP B 852 -36.15 46.84 3.72
C ASP B 852 -37.44 47.26 4.42
N PRO B 853 -38.40 47.87 3.72
CA PRO B 853 -39.65 48.28 4.39
C PRO B 853 -40.37 47.13 5.05
N ALA B 854 -40.25 45.93 4.49
CA ALA B 854 -40.81 44.74 5.10
C ALA B 854 -40.15 44.36 6.42
N ALA B 855 -38.96 44.89 6.68
CA ALA B 855 -38.25 44.63 7.94
C ALA B 855 -38.35 45.86 8.83
N SER B 856 -38.73 45.63 10.11
CA SER B 856 -38.88 46.73 11.04
C SER B 856 -37.57 47.45 11.32
N SER B 857 -36.43 46.81 11.03
CA SER B 857 -35.13 47.43 11.26
C SER B 857 -34.91 48.67 10.40
N SER B 858 -35.52 48.74 9.21
CA SER B 858 -35.44 49.93 8.39
C SER B 858 -36.11 51.13 9.06
N SER B 859 -36.96 50.89 10.06
CA SER B 859 -37.58 51.95 10.83
C SER B 859 -37.20 51.93 12.31
N ALA B 860 -36.80 50.78 12.84
CA ALA B 860 -36.42 50.65 14.25
C ALA B 860 -34.92 50.45 14.37
N LEU B 861 -34.31 51.13 15.33
CA LEU B 861 -32.85 51.09 15.46
C LEU B 861 -32.36 49.74 15.95
N LEU B 862 -33.01 49.15 16.94
CA LEU B 862 -32.45 47.99 17.63
C LEU B 862 -33.55 47.28 18.41
N ASN B 863 -33.18 46.12 18.97
CA ASN B 863 -34.07 45.31 19.79
C ASN B 863 -33.41 45.04 21.14
N ARG B 864 -34.03 44.14 21.92
CA ARG B 864 -33.59 43.92 23.29
C ARG B 864 -32.19 43.32 23.36
N SER B 865 -31.92 42.31 22.54
CA SER B 865 -30.61 41.66 22.58
C SER B 865 -29.50 42.62 22.15
N ILE B 866 -29.75 43.35 21.05
CA ILE B 866 -28.77 44.34 20.59
C ILE B 866 -28.58 45.43 21.63
N ALA B 867 -29.66 45.87 22.26
CA ALA B 867 -29.56 46.90 23.29
C ALA B 867 -28.72 46.41 24.47
N ALA B 868 -28.96 45.17 24.92
CA ALA B 868 -28.21 44.63 26.04
C ALA B 868 -26.74 44.48 25.71
N LYS B 869 -26.42 43.98 24.52
CA LYS B 869 -25.02 43.78 24.17
C LYS B 869 -24.31 45.11 23.95
N LEU B 870 -25.03 46.10 23.40
CA LEU B 870 -24.47 47.45 23.29
C LEU B 870 -24.22 48.06 24.66
N LEU B 871 -25.14 47.82 25.60
CA LEU B 871 -24.95 48.32 26.96
C LEU B 871 -23.73 47.68 27.61
N ALA B 872 -23.54 46.38 27.38
CA ALA B 872 -22.34 45.72 27.90
C ALA B 872 -21.08 46.31 27.27
N ARG B 873 -21.11 46.54 25.95
CA ARG B 873 -19.99 47.15 25.25
C ARG B 873 -19.65 48.52 25.85
N LEU B 874 -20.68 49.32 26.11
CA LEU B 874 -20.46 50.66 26.63
C LEU B 874 -19.97 50.62 28.07
N HIS B 875 -20.51 49.70 28.88
CA HIS B 875 -20.12 49.60 30.27
C HIS B 875 -18.68 49.17 30.43
N ASN B 876 -18.28 48.09 29.74
CA ASN B 876 -16.89 47.66 29.80
C ASN B 876 -15.94 48.65 29.14
N GLY B 877 -16.47 49.57 28.33
CA GLY B 877 -15.69 50.57 27.65
C GLY B 877 -15.44 51.85 28.44
N GLY B 878 -15.76 51.85 29.74
CA GLY B 878 -15.57 53.03 30.56
C GLY B 878 -16.71 54.02 30.55
N TYR B 879 -17.75 53.78 29.76
CA TYR B 879 -18.92 54.65 29.78
C TYR B 879 -19.89 54.20 30.87
N VAL B 880 -20.40 55.16 31.63
CA VAL B 880 -21.30 54.88 32.74
C VAL B 880 -22.75 55.06 32.28
N LEU B 881 -23.54 54.00 32.42
CA LEU B 881 -24.95 54.01 32.06
C LEU B 881 -25.72 53.16 33.06
N PRO B 882 -26.99 53.49 33.34
CA PRO B 882 -27.77 52.66 34.26
C PRO B 882 -28.07 51.29 33.64
N ALA B 883 -28.26 50.30 34.51
CA ALA B 883 -28.58 48.96 34.04
C ALA B 883 -29.98 48.89 33.45
N ASP B 884 -30.88 49.76 33.90
CA ASP B 884 -32.25 49.77 33.41
C ASP B 884 -32.48 50.85 32.35
N ILE B 885 -31.43 51.26 31.63
CA ILE B 885 -31.56 52.30 30.62
C ILE B 885 -32.39 51.80 29.44
N PHE B 886 -32.28 50.53 29.10
CA PHE B 886 -33.00 49.94 27.97
C PHE B 886 -34.24 49.17 28.38
N ALA B 887 -34.66 49.29 29.65
CA ALA B 887 -35.83 48.56 30.11
C ALA B 887 -37.12 49.05 29.46
N ASN B 888 -37.14 50.31 29.03
CA ASN B 888 -38.32 50.93 28.44
C ASN B 888 -38.23 51.02 26.92
N LEU B 889 -37.33 50.27 26.31
CA LEU B 889 -37.17 50.32 24.86
C LEU B 889 -38.33 49.61 24.17
N PRO B 890 -39.03 50.27 23.25
CA PRO B 890 -40.11 49.59 22.52
C PRO B 890 -39.56 48.44 21.68
N ASN B 891 -40.34 47.37 21.61
CA ASN B 891 -39.95 46.19 20.84
C ASN B 891 -40.46 46.30 19.41
N PRO B 892 -39.58 46.29 18.40
CA PRO B 892 -40.06 46.33 17.03
C PRO B 892 -40.78 45.04 16.67
N PRO B 893 -41.89 45.12 15.95
CA PRO B 893 -42.62 43.90 15.57
C PRO B 893 -41.84 43.07 14.56
N ASP B 894 -42.05 41.76 14.62
CA ASP B 894 -41.41 40.86 13.68
C ASP B 894 -41.95 41.09 12.27
N PRO B 895 -41.10 40.94 11.24
CA PRO B 895 -39.70 40.58 11.38
C PRO B 895 -38.76 41.78 11.46
N PHE B 896 -37.84 41.76 12.42
CA PHE B 896 -36.78 42.77 12.46
C PHE B 896 -35.94 42.72 11.19
N PHE B 897 -35.52 41.52 10.80
CA PHE B 897 -34.81 41.29 9.56
C PHE B 897 -35.61 40.34 8.68
N THR B 898 -35.92 40.77 7.47
CA THR B 898 -36.72 39.96 6.58
C THR B 898 -35.93 38.75 6.09
N ARG B 899 -36.67 37.75 5.60
CA ARG B 899 -36.02 36.53 5.12
C ARG B 899 -35.13 36.79 3.92
N ALA B 900 -35.45 37.81 3.11
CA ALA B 900 -34.66 38.10 1.92
C ALA B 900 -33.25 38.54 2.28
N GLN B 901 -33.11 39.38 3.32
CA GLN B 901 -31.79 39.82 3.75
C GLN B 901 -30.94 38.65 4.23
N ILE B 902 -31.54 37.77 5.04
CA ILE B 902 -30.82 36.61 5.54
C ILE B 902 -30.40 35.72 4.39
N ASP B 903 -31.32 35.49 3.44
CA ASP B 903 -31.00 34.64 2.29
C ASP B 903 -29.87 35.23 1.47
N ARG B 904 -29.92 36.53 1.16
CA ARG B 904 -28.90 37.12 0.31
C ARG B 904 -27.54 37.15 1.00
N GLU B 905 -27.52 37.40 2.31
CA GLU B 905 -26.24 37.42 3.01
C GLU B 905 -25.65 36.01 3.11
N ALA B 906 -26.51 35.01 3.37
CA ALA B 906 -26.03 33.63 3.37
C ALA B 906 -25.49 33.23 2.01
N ARG B 907 -26.18 33.63 0.94
CA ARG B 907 -25.69 33.34 -0.40
C ARG B 907 -24.36 34.03 -0.68
N LYS B 908 -24.21 35.28 -0.22
CA LYS B 908 -22.93 35.96 -0.40
C LYS B 908 -21.80 35.22 0.32
N VAL B 909 -22.06 34.79 1.57
CA VAL B 909 -21.03 34.08 2.32
C VAL B 909 -20.68 32.77 1.63
N ARG B 910 -21.69 32.02 1.19
CA ARG B 910 -21.44 30.74 0.54
C ARG B 910 -20.70 30.94 -0.79
N ASP B 911 -21.07 31.98 -1.54
CA ASP B 911 -20.41 32.24 -2.81
C ASP B 911 -18.95 32.61 -2.58
N GLY B 912 -18.67 33.43 -1.57
CA GLY B 912 -17.29 33.75 -1.26
C GLY B 912 -16.49 32.52 -0.85
N ILE B 913 -17.08 31.68 0.00
CA ILE B 913 -16.39 30.47 0.46
C ILE B 913 -16.09 29.55 -0.71
N MET B 914 -17.06 29.39 -1.62
CA MET B 914 -16.84 28.57 -2.81
C MET B 914 -15.76 29.18 -3.70
N GLY B 915 -15.79 30.49 -3.88
CA GLY B 915 -14.78 31.18 -4.66
C GLY B 915 -13.40 31.16 -4.06
N MET B 916 -13.29 30.83 -2.77
CA MET B 916 -11.97 30.62 -2.17
C MET B 916 -11.19 29.53 -2.89
N LEU B 917 -11.87 28.53 -3.47
CA LEU B 917 -11.23 27.36 -4.04
C LEU B 917 -10.85 27.62 -5.49
N TYR B 918 -9.69 27.09 -5.91
CA TYR B 918 -9.37 27.02 -7.34
C TYR B 918 -10.18 25.94 -8.03
N LEU B 919 -10.33 24.77 -7.41
CA LEU B 919 -10.97 23.62 -8.02
C LEU B 919 -12.48 23.56 -7.74
N GLN B 920 -13.00 24.47 -6.91
CA GLN B 920 -14.43 24.53 -6.58
C GLN B 920 -14.92 23.23 -5.94
N ARG B 921 -14.01 22.44 -5.38
CA ARG B 921 -14.39 21.20 -4.70
C ARG B 921 -13.68 21.13 -3.36
N MET B 922 -14.45 20.89 -2.30
CA MET B 922 -13.85 20.69 -0.99
C MET B 922 -13.65 19.21 -0.72
N PRO B 923 -12.41 18.78 -0.56
CA PRO B 923 -12.14 17.36 -0.24
C PRO B 923 -12.77 16.97 1.08
N THR B 924 -13.15 15.70 1.18
CA THR B 924 -13.80 15.18 2.37
C THR B 924 -12.76 14.78 3.41
N GLU B 925 -13.27 14.42 4.60
CA GLU B 925 -12.38 14.07 5.71
C GLU B 925 -11.55 12.83 5.39
N PHE B 926 -12.11 11.90 4.60
CA PHE B 926 -11.40 10.68 4.28
C PHE B 926 -10.13 10.96 3.48
N ASP B 927 -10.21 11.92 2.54
CA ASP B 927 -9.04 12.28 1.75
C ASP B 927 -7.95 12.87 2.65
N VAL B 928 -8.33 13.74 3.59
CA VAL B 928 -7.36 14.33 4.49
C VAL B 928 -6.73 13.26 5.38
N ALA B 929 -7.53 12.31 5.85
CA ALA B 929 -6.98 11.22 6.64
C ALA B 929 -6.03 10.36 5.81
N MET B 930 -6.37 10.12 4.55
CA MET B 930 -5.50 9.37 3.65
C MET B 930 -4.15 10.07 3.51
N ALA B 931 -4.18 11.38 3.24
CA ALA B 931 -2.94 12.14 3.10
C ALA B 931 -2.16 12.16 4.40
N THR B 932 -2.84 12.26 5.54
CA THR B 932 -2.16 12.28 6.83
C THR B 932 -1.45 10.95 7.10
N VAL B 933 -2.14 9.84 6.86
CA VAL B 933 -1.51 8.53 7.06
C VAL B 933 -0.34 8.35 6.12
N TYR B 934 -0.47 8.78 4.86
CA TYR B 934 0.64 8.68 3.92
C TYR B 934 1.83 9.53 4.37
N TYR B 935 1.57 10.74 4.87
CA TYR B 935 2.65 11.64 5.25
C TYR B 935 3.33 11.20 6.54
N LEU B 936 2.59 10.53 7.43
CA LEU B 936 3.15 10.16 8.72
C LEU B 936 4.25 9.11 8.58
N ALA B 937 4.32 8.42 7.44
CA ALA B 937 5.34 7.40 7.25
C ALA B 937 6.70 7.98 6.90
N ASP B 938 6.79 9.28 6.67
CA ASP B 938 8.08 9.92 6.38
C ASP B 938 8.92 9.96 7.66
N ARG B 939 10.20 9.67 7.53
CA ARG B 939 11.09 9.51 8.67
C ARG B 939 12.15 10.61 8.74
N ASN B 940 12.01 11.68 7.97
CA ASN B 940 13.01 12.74 7.93
C ASN B 940 12.40 14.13 7.96
N VAL B 941 11.24 14.29 8.59
CA VAL B 941 10.57 15.58 8.68
C VAL B 941 10.20 15.84 10.13
N SER B 942 10.48 17.05 10.61
CA SER B 942 10.04 17.51 11.92
C SER B 942 10.09 19.03 11.95
N GLY B 943 9.02 19.62 12.47
CA GLY B 943 8.92 21.06 12.56
C GLY B 943 8.49 21.78 11.30
N GLU B 944 7.84 21.09 10.37
CA GLU B 944 7.29 21.71 9.17
C GLU B 944 5.78 21.82 9.31
N THR B 945 5.18 22.60 8.40
CA THR B 945 3.75 22.78 8.34
C THR B 945 3.24 22.13 7.05
N PHE B 946 2.59 20.99 7.19
CA PHE B 946 2.09 20.24 6.03
C PHE B 946 0.63 20.60 5.80
N HIS B 947 0.29 20.90 4.55
CA HIS B 947 -1.08 21.23 4.18
C HIS B 947 -1.62 20.15 3.26
N PRO B 948 -2.51 19.26 3.72
CA PRO B 948 -3.10 18.27 2.82
C PRO B 948 -3.95 18.88 1.73
N SER B 949 -4.40 20.12 1.89
CA SER B 949 -5.18 20.81 0.88
C SER B 949 -4.83 22.29 0.88
N GLY B 950 -5.10 22.95 -0.24
CA GLY B 950 -4.78 24.35 -0.39
C GLY B 950 -5.47 25.00 -1.57
N GLY B 951 -4.74 25.85 -2.29
CA GLY B 951 -5.29 26.55 -3.44
C GLY B 951 -6.41 27.49 -3.08
N LEU B 952 -6.19 28.34 -2.08
CA LEU B 952 -7.22 29.20 -1.53
C LEU B 952 -6.91 30.66 -1.84
N ARG B 953 -7.94 31.40 -2.25
CA ARG B 953 -7.82 32.82 -2.58
C ARG B 953 -8.16 33.64 -1.34
N TYR B 954 -7.18 33.89 -0.48
CA TYR B 954 -7.45 34.67 0.72
C TYR B 954 -6.34 35.68 0.91
N GLU B 955 -6.73 36.86 1.39
CA GLU B 955 -5.79 37.94 1.62
C GLU B 955 -4.83 37.58 2.74
N ARG B 956 -3.57 38.00 2.57
CA ARG B 956 -2.51 37.71 3.54
C ARG B 956 -1.88 39.00 4.03
N THR B 957 -1.27 38.92 5.20
CA THR B 957 -0.55 40.05 5.79
C THR B 957 0.86 39.59 6.12
N PRO B 958 1.79 39.64 5.15
CA PRO B 958 3.15 39.17 5.41
C PRO B 958 3.82 39.94 6.55
N THR B 959 4.63 39.23 7.32
CA THR B 959 5.37 39.82 8.44
C THR B 959 6.86 39.80 8.13
N GLY B 960 7.65 40.37 9.05
CA GLY B 960 9.09 40.38 8.90
C GLY B 960 9.67 41.67 8.37
N GLY B 961 8.92 42.76 8.39
CA GLY B 961 9.45 44.02 7.90
C GLY B 961 10.50 44.58 8.85
N GLU B 962 11.58 45.11 8.27
CA GLU B 962 12.67 45.70 9.04
C GLU B 962 13.17 47.03 8.48
N LEU B 963 12.83 47.39 7.25
CA LEU B 963 13.34 48.60 6.61
C LEU B 963 12.28 49.69 6.73
N PHE B 964 12.47 50.61 7.67
CA PHE B 964 11.49 51.64 7.95
C PHE B 964 12.20 52.88 8.46
N GLY B 965 11.53 54.03 8.33
CA GLY B 965 12.12 55.29 8.71
C GLY B 965 11.25 56.15 9.63
N LEU B 966 11.39 57.47 9.51
CA LEU B 966 10.63 58.42 10.33
C LEU B 966 9.24 58.64 9.74
N PRO B 967 8.23 58.78 10.59
CA PRO B 967 6.88 59.06 10.07
C PRO B 967 6.72 60.51 9.65
N SER B 968 5.54 60.82 9.12
CA SER B 968 5.27 62.14 8.59
C SER B 968 5.16 63.17 9.71
N PRO B 969 5.62 64.41 9.45
CA PRO B 969 5.49 65.46 10.47
C PRO B 969 4.06 65.77 10.86
N GLU B 970 3.11 65.63 9.93
CA GLU B 970 1.71 65.89 10.26
C GLU B 970 1.22 64.92 11.32
N ARG B 971 1.60 63.64 11.19
CA ARG B 971 1.26 62.66 12.23
C ARG B 971 1.96 62.99 13.54
N LEU B 972 3.18 63.50 13.47
CA LEU B 972 3.91 63.89 14.68
C LEU B 972 3.19 65.02 15.41
N ALA B 973 2.67 66.00 14.67
CA ALA B 973 1.97 67.11 15.29
C ALA B 973 0.71 66.66 16.01
N GLU B 974 0.11 65.55 15.58
CA GLU B 974 -1.06 65.02 16.26
C GLU B 974 -0.74 64.55 17.67
N LEU B 975 0.51 64.13 17.92
CA LEU B 975 0.90 63.65 19.24
C LEU B 975 0.93 64.75 20.29
N VAL B 976 1.00 66.02 19.87
CA VAL B 976 1.10 67.13 20.82
C VAL B 976 -0.24 67.28 21.54
N GLY B 977 -0.16 67.34 22.88
CA GLY B 977 -1.36 67.51 23.69
C GLY B 977 -2.20 66.27 23.86
N SER B 978 -1.67 65.10 23.58
CA SER B 978 -2.44 63.87 23.68
C SER B 978 -2.21 63.19 25.03
N THR B 979 -3.04 62.19 25.31
CA THR B 979 -2.95 61.39 26.52
C THR B 979 -2.38 60.02 26.15
N VAL B 980 -1.19 59.71 26.65
CA VAL B 980 -0.44 58.52 26.27
C VAL B 980 -0.15 57.70 27.53
N TYR B 981 -0.40 56.39 27.46
CA TYR B 981 -0.09 55.48 28.56
C TYR B 981 1.01 54.52 28.14
N LEU B 982 1.92 54.22 29.07
CA LEU B 982 2.95 53.22 28.88
C LEU B 982 2.82 52.16 29.97
N ILE B 983 2.96 50.90 29.59
CA ILE B 983 2.73 49.77 30.49
C ILE B 983 3.92 48.83 30.40
N GLY B 984 4.44 48.42 31.55
CA GLY B 984 5.51 47.45 31.56
C GLY B 984 6.15 47.31 32.92
N GLU B 985 6.86 46.19 33.09
CA GLU B 985 7.62 45.89 34.30
C GLU B 985 9.11 45.68 34.02
N HIS B 986 9.42 44.94 32.95
CA HIS B 986 10.78 44.45 32.77
C HIS B 986 11.62 45.43 31.96
N LEU B 987 10.99 46.24 31.13
CA LEU B 987 11.72 47.13 30.22
C LEU B 987 11.85 48.53 30.84
N THR B 988 12.58 48.59 31.94
CA THR B 988 12.74 49.86 32.65
C THR B 988 13.46 50.90 31.79
N GLU B 989 14.60 50.52 31.19
CA GLU B 989 15.33 51.44 30.33
C GLU B 989 14.51 51.82 29.11
N HIS B 990 13.83 50.84 28.50
CA HIS B 990 13.01 51.13 27.33
C HIS B 990 11.89 52.09 27.67
N LEU B 991 11.17 51.84 28.76
CA LEU B 991 10.08 52.73 29.16
C LEU B 991 10.60 54.12 29.51
N ASN B 992 11.76 54.19 30.17
CA ASN B 992 12.38 55.48 30.45
C ASN B 992 12.64 56.25 29.16
N LEU B 993 13.27 55.60 28.18
CA LEU B 993 13.62 56.26 26.94
C LEU B 993 12.36 56.72 26.19
N LEU B 994 11.35 55.85 26.11
CA LEU B 994 10.13 56.23 25.39
C LEU B 994 9.37 57.34 26.10
N ALA B 995 9.27 57.29 27.42
CA ALA B 995 8.61 58.37 28.16
C ALA B 995 9.31 59.70 27.92
N ARG B 996 10.65 59.68 27.95
CA ARG B 996 11.40 60.87 27.60
C ARG B 996 11.07 61.33 26.18
N ALA B 997 10.98 60.39 25.24
CA ALA B 997 10.74 60.74 23.84
C ALA B 997 9.39 61.42 23.66
N TYR B 998 8.33 60.87 24.26
CA TYR B 998 7.01 61.50 24.10
C TYR B 998 6.92 62.81 24.87
N LEU B 999 7.42 62.86 26.10
CA LEU B 999 7.24 64.09 26.87
C LEU B 999 8.11 65.22 26.35
N GLU B 1000 9.44 65.01 26.31
CA GLU B 1000 10.36 66.09 26.03
C GLU B 1000 10.42 66.51 24.57
N ARG B 1001 10.17 65.60 23.64
CA ARG B 1001 10.42 65.86 22.22
C ARG B 1001 9.18 66.21 21.42
N TYR B 1002 8.00 65.76 21.84
CA TYR B 1002 6.79 65.94 21.03
C TYR B 1002 5.62 66.52 21.81
N GLY B 1003 5.88 67.23 22.91
CA GLY B 1003 4.83 68.01 23.56
C GLY B 1003 3.69 67.20 24.15
N ALA B 1004 3.98 66.10 24.83
CA ALA B 1004 2.93 65.36 25.51
C ALA B 1004 2.67 65.94 26.89
N ARG B 1005 1.39 66.11 27.21
CA ARG B 1005 1.04 66.72 28.50
C ARG B 1005 1.35 65.80 29.67
N GLN B 1006 0.99 64.53 29.56
CA GLN B 1006 1.11 63.62 30.68
C GLN B 1006 1.26 62.19 30.16
N VAL B 1007 1.96 61.37 30.94
CA VAL B 1007 2.09 59.94 30.67
C VAL B 1007 1.80 59.18 31.95
N VAL B 1008 1.15 58.03 31.82
CA VAL B 1008 0.80 57.18 32.95
C VAL B 1008 1.52 55.86 32.79
N MET B 1009 2.23 55.45 33.84
CA MET B 1009 2.96 54.19 33.89
C MET B 1009 2.11 53.18 34.64
N ILE B 1010 1.61 52.16 33.93
CA ILE B 1010 0.79 51.12 34.52
C ILE B 1010 1.72 49.95 34.83
N VAL B 1011 1.82 49.59 36.11
CA VAL B 1011 2.78 48.57 36.55
C VAL B 1011 2.07 47.52 37.38
N GLU B 1012 2.74 46.38 37.60
CA GLU B 1012 2.20 45.29 38.38
C GLU B 1012 2.64 45.33 39.84
N THR B 1013 3.87 45.77 40.11
CA THR B 1013 4.46 45.72 41.43
C THR B 1013 4.75 47.12 41.95
N GLU B 1014 4.68 47.25 43.28
CA GLU B 1014 5.08 48.49 43.93
C GLU B 1014 6.55 48.79 43.68
N THR B 1015 7.38 47.73 43.62
CA THR B 1015 8.80 47.91 43.34
C THR B 1015 9.01 48.53 41.96
N GLY B 1016 8.28 48.05 40.95
CA GLY B 1016 8.41 48.62 39.63
C GLY B 1016 7.96 50.07 39.57
N ALA B 1017 6.87 50.39 40.26
CA ALA B 1017 6.41 51.78 40.31
C ALA B 1017 7.45 52.68 40.96
N GLU B 1018 8.03 52.22 42.08
CA GLU B 1018 9.08 52.99 42.73
C GLU B 1018 10.29 53.16 41.82
N THR B 1019 10.68 52.09 41.11
CA THR B 1019 11.83 52.15 40.21
C THR B 1019 11.59 53.18 39.11
N MET B 1020 10.45 53.08 38.43
CA MET B 1020 10.17 54.02 37.34
C MET B 1020 10.03 55.45 37.87
N ARG B 1021 9.53 55.60 39.10
CA ARG B 1021 9.49 56.92 39.71
C ARG B 1021 10.88 57.48 39.90
N ARG B 1022 11.82 56.65 40.38
CA ARG B 1022 13.17 57.13 40.64
C ARG B 1022 13.92 57.44 39.35
N LEU B 1023 13.74 56.61 38.31
CA LEU B 1023 14.44 56.86 37.05
C LEU B 1023 14.05 58.18 36.42
N LEU B 1024 12.78 58.56 36.49
CA LEU B 1024 12.31 59.84 35.96
C LEU B 1024 11.67 60.72 37.02
N HIS B 1025 12.35 60.88 38.16
CA HIS B 1025 11.84 61.71 39.25
C HIS B 1025 11.62 63.14 38.80
N ASP B 1026 12.43 63.63 37.86
CA ASP B 1026 12.27 64.99 37.38
C ASP B 1026 10.90 65.20 36.72
N HIS B 1027 10.44 64.20 35.97
CA HIS B 1027 9.11 64.30 35.39
C HIS B 1027 8.02 63.96 36.39
N VAL B 1028 8.31 63.11 37.38
CA VAL B 1028 7.33 62.79 38.41
C VAL B 1028 6.98 64.02 39.22
N GLU B 1029 8.00 64.79 39.62
CA GLU B 1029 7.74 66.01 40.39
C GLU B 1029 7.05 67.07 39.54
N ALA B 1030 7.27 67.05 38.23
CA ALA B 1030 6.66 68.00 37.33
C ALA B 1030 5.21 67.65 37.00
N GLY B 1031 4.73 66.48 37.42
CA GLY B 1031 3.36 66.10 37.15
C GLY B 1031 3.09 65.56 35.76
N ARG B 1032 4.13 65.17 35.02
CA ARG B 1032 3.95 64.63 33.68
C ARG B 1032 4.05 63.12 33.62
N LEU B 1033 4.69 62.48 34.60
CA LEU B 1033 4.83 61.02 34.63
C LEU B 1033 4.23 60.53 35.94
N MET B 1034 3.10 59.84 35.83
CA MET B 1034 2.30 59.43 36.98
C MET B 1034 2.02 57.95 36.92
N THR B 1035 2.09 57.26 38.06
CA THR B 1035 2.14 55.81 38.09
C THR B 1035 0.89 55.23 38.74
N ILE B 1036 0.42 54.11 38.18
CA ILE B 1036 -0.69 53.34 38.71
C ILE B 1036 -0.25 51.88 38.78
N VAL B 1037 -0.80 51.13 39.73
CA VAL B 1037 -0.47 49.73 39.96
C VAL B 1037 -1.62 48.88 39.42
N ALA B 1038 -1.28 47.89 38.59
CA ALA B 1038 -2.30 47.08 37.93
C ALA B 1038 -2.42 45.67 38.49
N GLY B 1039 -1.30 44.99 38.76
CA GLY B 1039 -1.37 43.60 39.15
C GLY B 1039 -1.98 42.76 38.04
N ASP B 1040 -2.93 41.90 38.42
CA ASP B 1040 -3.65 41.07 37.45
C ASP B 1040 -5.05 41.60 37.16
N GLN B 1041 -5.34 42.85 37.53
CA GLN B 1041 -6.61 43.48 37.22
C GLN B 1041 -6.36 44.74 36.39
N ILE B 1042 -5.50 44.63 35.37
CA ILE B 1042 -5.06 45.79 34.60
C ILE B 1042 -6.23 46.53 33.98
N GLU B 1043 -7.35 45.84 33.73
CA GLU B 1043 -8.53 46.53 33.22
C GLU B 1043 -8.99 47.62 34.19
N ALA B 1044 -9.05 47.29 35.48
CA ALA B 1044 -9.43 48.29 36.47
C ALA B 1044 -8.39 49.41 36.57
N ALA B 1045 -7.10 49.08 36.48
CA ALA B 1045 -6.08 50.13 36.53
C ALA B 1045 -6.26 51.11 35.38
N ILE B 1046 -6.50 50.59 34.17
CA ILE B 1046 -6.76 51.46 33.03
C ILE B 1046 -8.05 52.24 33.24
N ASP B 1047 -9.04 51.61 33.90
CA ASP B 1047 -10.30 52.29 34.14
C ASP B 1047 -10.12 53.51 35.04
N GLN B 1048 -9.37 53.33 36.12
CA GLN B 1048 -9.06 54.50 37.00
C GLN B 1048 -8.29 55.52 36.17
N ALA B 1049 -7.27 55.07 35.43
CA ALA B 1049 -6.45 56.00 34.67
C ALA B 1049 -7.31 56.87 33.76
N ILE B 1050 -8.24 56.25 33.03
CA ILE B 1050 -9.13 56.99 32.14
C ILE B 1050 -10.04 57.91 32.97
N THR B 1051 -10.57 57.39 34.07
CA THR B 1051 -11.53 58.15 34.87
C THR B 1051 -10.91 59.42 35.44
N ARG B 1052 -9.68 59.32 35.95
CA ARG B 1052 -9.12 60.45 36.69
C ARG B 1052 -8.02 61.15 35.90
N TYR B 1053 -7.84 60.80 34.62
CA TYR B 1053 -7.00 61.59 33.73
C TYR B 1053 -7.63 61.91 32.38
N GLY B 1054 -8.62 61.15 31.93
CA GLY B 1054 -9.17 61.31 30.60
C GLY B 1054 -8.82 60.15 29.69
N ARG B 1055 -9.48 60.12 28.54
CA ARG B 1055 -9.33 58.98 27.64
C ARG B 1055 -8.02 59.07 26.85
N PRO B 1056 -7.43 57.93 26.51
CA PRO B 1056 -6.08 57.92 25.95
C PRO B 1056 -6.04 58.34 24.48
N GLY B 1057 -4.82 58.52 23.99
CA GLY B 1057 -4.56 58.62 22.58
C GLY B 1057 -3.82 57.40 22.10
N PRO B 1058 -2.53 57.56 21.77
CA PRO B 1058 -1.69 56.39 21.49
C PRO B 1058 -1.17 55.76 22.78
N VAL B 1059 -1.11 54.43 22.77
CA VAL B 1059 -0.66 53.67 23.94
C VAL B 1059 0.25 52.55 23.46
N VAL B 1060 1.31 52.30 24.23
CA VAL B 1060 2.26 51.23 23.97
C VAL B 1060 2.26 50.30 25.16
N CYS B 1061 2.20 48.99 24.90
CA CYS B 1061 2.16 47.97 25.94
C CYS B 1061 3.34 47.03 25.74
N THR B 1062 4.03 46.70 26.84
CA THR B 1062 5.17 45.81 26.89
C THR B 1062 4.95 44.72 27.92
N PRO B 1063 5.60 43.56 27.77
CA PRO B 1063 5.39 42.47 28.72
C PRO B 1063 5.89 42.80 30.11
N PHE B 1064 5.20 42.24 31.12
CA PHE B 1064 5.62 42.44 32.51
C PHE B 1064 6.80 41.53 32.87
N ARG B 1065 6.58 40.21 32.87
CA ARG B 1065 7.51 39.24 33.39
C ARG B 1065 8.62 38.94 32.38
N PRO B 1066 9.81 38.61 32.86
CA PRO B 1066 10.89 38.20 31.95
C PRO B 1066 10.71 36.76 31.50
N LEU B 1067 11.67 36.30 30.70
CA LEU B 1067 11.61 34.94 30.19
C LEU B 1067 12.34 33.98 31.13
N PRO B 1068 11.68 32.91 31.55
CA PRO B 1068 12.35 31.92 32.40
C PRO B 1068 13.37 31.12 31.61
N THR B 1069 14.26 30.44 32.35
CA THR B 1069 15.35 29.68 31.75
C THR B 1069 15.32 28.22 32.15
N VAL B 1070 14.14 27.69 32.47
CA VAL B 1070 13.99 26.26 32.78
C VAL B 1070 14.27 25.49 31.51
N PRO B 1071 14.80 24.27 31.59
CA PRO B 1071 15.10 23.52 30.37
C PRO B 1071 13.84 23.16 29.59
N LEU B 1072 14.00 23.06 28.28
CA LEU B 1072 12.94 22.59 27.40
C LEU B 1072 13.02 21.09 27.14
N VAL B 1073 14.22 20.54 27.07
CA VAL B 1073 14.41 19.09 26.93
C VAL B 1073 15.60 18.68 27.79
N GLY B 1074 15.46 17.54 28.46
CA GLY B 1074 16.54 17.00 29.26
C GLY B 1074 17.29 15.88 28.58
N ARG B 1075 18.28 15.32 29.26
CA ARG B 1075 19.12 14.28 28.69
C ARG B 1075 18.32 13.01 28.42
N LYS B 1076 18.90 12.11 27.63
CA LYS B 1076 18.20 10.88 27.23
C LYS B 1076 17.90 10.01 28.45
N ASP B 1077 18.80 9.98 29.42
CA ASP B 1077 18.62 9.21 30.65
C ASP B 1077 18.32 10.12 31.83
N SER B 1078 17.60 11.21 31.61
CA SER B 1078 17.23 12.14 32.65
C SER B 1078 15.74 12.06 32.90
N ASP B 1079 15.31 12.52 34.08
CA ASP B 1079 13.92 12.38 34.47
C ASP B 1079 13.05 13.56 34.06
N TRP B 1080 13.64 14.65 33.55
CA TRP B 1080 12.85 15.79 33.07
C TRP B 1080 12.01 16.42 34.20
N SER B 1081 12.52 16.34 35.43
CA SER B 1081 11.82 16.96 36.55
C SER B 1081 11.93 18.48 36.50
N THR B 1082 13.05 19.02 36.04
CA THR B 1082 13.29 20.46 35.97
C THR B 1082 12.83 21.08 34.66
N VAL B 1083 12.35 20.28 33.72
CA VAL B 1083 11.91 20.79 32.42
C VAL B 1083 10.64 21.60 32.59
N LEU B 1084 10.45 22.59 31.71
CA LEU B 1084 9.25 23.41 31.68
C LEU B 1084 7.99 22.55 31.71
N SER B 1085 7.16 22.71 32.74
CA SER B 1085 6.00 21.88 32.91
C SER B 1085 4.73 22.59 32.44
N GLU B 1086 3.59 21.95 32.69
CA GLU B 1086 2.31 22.48 32.22
C GLU B 1086 1.97 23.79 32.93
N ALA B 1087 2.19 23.86 34.24
CA ALA B 1087 1.82 25.06 34.98
C ALA B 1087 2.62 26.27 34.51
N GLU B 1088 3.95 26.15 34.47
CA GLU B 1088 4.78 27.29 34.08
C GLU B 1088 4.47 27.74 32.66
N PHE B 1089 4.14 26.80 31.77
CA PHE B 1089 3.65 27.17 30.46
C PHE B 1089 2.34 27.94 30.56
N ALA B 1090 1.49 27.58 31.52
CA ALA B 1090 0.24 28.32 31.70
C ALA B 1090 0.51 29.77 32.10
N GLU B 1091 1.41 30.00 33.06
CA GLU B 1091 1.72 31.40 33.39
C GLU B 1091 2.43 32.10 32.23
N LEU B 1092 3.23 31.37 31.45
CA LEU B 1092 3.86 31.97 30.28
C LEU B 1092 2.81 32.48 29.30
N CYS B 1093 1.83 31.64 28.99
CA CYS B 1093 0.75 32.04 28.09
C CYS B 1093 -0.06 33.18 28.68
N GLU B 1094 -0.31 33.14 29.99
CA GLU B 1094 -1.09 34.20 30.63
C GLU B 1094 -0.37 35.54 30.53
N HIS B 1095 0.92 35.57 30.86
CA HIS B 1095 1.64 36.83 30.91
C HIS B 1095 1.98 37.37 29.53
N GLN B 1096 2.39 36.49 28.60
CA GLN B 1096 2.86 36.95 27.30
C GLN B 1096 1.79 37.02 26.23
N LEU B 1097 0.64 36.35 26.41
CA LEU B 1097 -0.42 36.35 25.41
C LEU B 1097 -1.70 36.98 25.96
N THR B 1098 -2.18 36.54 27.11
CA THR B 1098 -3.45 37.04 27.64
C THR B 1098 -3.34 38.52 28.02
N HIS B 1099 -2.18 38.94 28.51
CA HIS B 1099 -2.00 40.34 28.89
C HIS B 1099 -2.19 41.27 27.70
N HIS B 1100 -1.58 40.93 26.56
CA HIS B 1100 -1.74 41.75 25.37
C HIS B 1100 -3.19 41.77 24.91
N PHE B 1101 -3.87 40.63 24.96
CA PHE B 1101 -5.28 40.59 24.59
C PHE B 1101 -6.11 41.49 25.50
N ARG B 1102 -5.87 41.43 26.81
CA ARG B 1102 -6.63 42.24 27.75
C ARG B 1102 -6.40 43.73 27.51
N VAL B 1103 -5.14 44.13 27.35
CA VAL B 1103 -4.83 45.53 27.11
C VAL B 1103 -5.45 45.99 25.80
N ALA B 1104 -5.36 45.16 24.76
CA ALA B 1104 -5.92 45.51 23.46
C ALA B 1104 -7.43 45.69 23.53
N ARG B 1105 -8.12 44.76 24.20
CA ARG B 1105 -9.57 44.87 24.32
C ARG B 1105 -9.95 46.12 25.12
N LYS B 1106 -9.24 46.37 26.22
CA LYS B 1106 -9.57 47.52 27.06
C LYS B 1106 -9.39 48.82 26.30
N ILE B 1107 -8.29 48.97 25.55
CA ILE B 1107 -8.08 50.20 24.80
C ILE B 1107 -9.05 50.30 23.63
N ALA B 1108 -9.32 49.18 22.94
CA ALA B 1108 -10.22 49.21 21.80
C ALA B 1108 -11.61 49.66 22.22
N LEU B 1109 -12.04 49.24 23.40
CA LEU B 1109 -13.34 49.68 23.90
C LEU B 1109 -13.25 51.02 24.61
N SER B 1110 -12.04 51.56 24.78
CA SER B 1110 -11.84 52.83 25.44
C SER B 1110 -11.50 53.97 24.47
N ASP B 1111 -11.67 53.77 23.17
CA ASP B 1111 -11.46 54.80 22.16
C ASP B 1111 -10.01 55.28 22.09
N GLY B 1112 -9.07 54.34 22.01
CA GLY B 1112 -7.68 54.72 21.82
C GLY B 1112 -7.43 55.25 20.42
N ALA B 1113 -6.27 55.88 20.24
CA ALA B 1113 -5.89 56.31 18.90
C ALA B 1113 -5.03 55.28 18.20
N SER B 1114 -4.07 54.69 18.92
CA SER B 1114 -3.22 53.65 18.34
C SER B 1114 -2.70 52.78 19.48
N LEU B 1115 -2.27 51.58 19.11
CA LEU B 1115 -1.89 50.55 20.09
C LEU B 1115 -0.66 49.82 19.59
N ALA B 1116 0.45 49.96 20.30
CA ALA B 1116 1.70 49.32 19.92
C ALA B 1116 2.00 48.17 20.88
N LEU B 1117 1.97 46.94 20.36
CA LEU B 1117 2.25 45.76 21.17
C LEU B 1117 3.74 45.40 21.05
N VAL B 1118 4.41 45.22 22.17
CA VAL B 1118 5.84 44.97 22.21
C VAL B 1118 6.08 43.50 22.53
N THR B 1119 6.82 42.83 21.66
CA THR B 1119 7.26 41.47 21.90
C THR B 1119 8.41 41.47 22.91
N PRO B 1120 8.64 40.35 23.60
CA PRO B 1120 9.75 40.29 24.55
C PRO B 1120 11.09 40.48 23.85
N GLU B 1121 12.03 41.05 24.61
CA GLU B 1121 13.34 41.44 24.07
C GLU B 1121 14.37 40.36 24.31
N THR B 1122 15.29 40.20 23.36
CA THR B 1122 16.43 39.32 23.50
C THR B 1122 17.69 40.03 23.02
N THR B 1123 18.81 39.70 23.66
CA THR B 1123 20.11 40.23 23.29
C THR B 1123 21.08 39.09 23.05
N ALA B 1124 22.35 39.42 22.84
CA ALA B 1124 23.38 38.41 22.70
C ALA B 1124 23.62 37.66 24.01
N THR B 1125 23.13 38.20 25.13
CA THR B 1125 23.25 37.55 26.43
C THR B 1125 22.11 36.57 26.71
N SER B 1126 21.10 36.53 25.85
CA SER B 1126 19.96 35.64 26.07
C SER B 1126 20.34 34.19 25.83
N THR B 1127 19.73 33.30 26.61
CA THR B 1127 19.99 31.88 26.46
C THR B 1127 19.15 31.30 25.32
N THR B 1128 19.49 30.05 24.95
CA THR B 1128 18.79 29.39 23.85
C THR B 1128 17.31 29.18 24.15
N GLU B 1129 16.98 28.79 25.38
CA GLU B 1129 15.58 28.62 25.75
C GLU B 1129 14.84 29.95 25.67
N GLN B 1130 15.48 31.04 26.07
CA GLN B 1130 14.87 32.35 25.92
C GLN B 1130 14.61 32.68 24.46
N PHE B 1131 15.55 32.33 23.57
CA PHE B 1131 15.33 32.51 22.14
C PHE B 1131 14.13 31.69 21.66
N ALA B 1132 14.02 30.45 22.12
CA ALA B 1132 12.92 29.59 21.68
C ALA B 1132 11.58 30.16 22.12
N LEU B 1133 11.46 30.55 23.39
CA LEU B 1133 10.20 31.12 23.86
C LEU B 1133 9.92 32.46 23.19
N ALA B 1134 10.95 33.24 22.87
CA ALA B 1134 10.76 34.50 22.18
C ALA B 1134 10.19 34.27 20.78
N ASN B 1135 10.74 33.29 20.05
CA ASN B 1135 10.22 32.96 18.74
C ASN B 1135 8.78 32.44 18.84
N PHE B 1136 8.50 31.61 19.85
CA PHE B 1136 7.13 31.17 20.10
C PHE B 1136 6.19 32.35 20.25
N ILE B 1137 6.55 33.31 21.10
CA ILE B 1137 5.68 34.45 21.37
C ILE B 1137 5.52 35.31 20.12
N LYS B 1138 6.60 35.51 19.37
CA LYS B 1138 6.51 36.30 18.14
C LYS B 1138 5.53 35.68 17.17
N THR B 1139 5.70 34.38 16.88
CA THR B 1139 4.86 33.74 15.87
C THR B 1139 3.42 33.66 16.35
N THR B 1140 3.21 33.43 17.65
CA THR B 1140 1.85 33.40 18.17
C THR B 1140 1.18 34.76 18.06
N LEU B 1141 1.89 35.83 18.45
CA LEU B 1141 1.28 37.15 18.51
C LEU B 1141 1.08 37.75 17.13
N HIS B 1142 1.87 37.30 16.14
CA HIS B 1142 1.69 37.81 14.79
C HIS B 1142 0.27 37.63 14.30
N ALA B 1143 -0.27 36.41 14.45
CA ALA B 1143 -1.62 36.13 13.99
C ALA B 1143 -2.65 36.97 14.73
N PHE B 1144 -2.51 37.09 16.06
CA PHE B 1144 -3.47 37.86 16.83
C PHE B 1144 -3.47 39.33 16.39
N THR B 1145 -2.28 39.92 16.24
CA THR B 1145 -2.20 41.32 15.82
C THR B 1145 -2.79 41.50 14.44
N ALA B 1146 -2.46 40.61 13.50
CA ALA B 1146 -2.99 40.76 12.14
C ALA B 1146 -4.51 40.66 12.13
N THR B 1147 -5.06 39.65 12.82
CA THR B 1147 -6.51 39.47 12.84
C THR B 1147 -7.21 40.65 13.49
N ILE B 1148 -6.68 41.13 14.62
CA ILE B 1148 -7.36 42.24 15.29
C ILE B 1148 -7.25 43.51 14.47
N GLY B 1149 -6.13 43.75 13.80
CA GLY B 1149 -6.02 44.91 12.94
C GLY B 1149 -7.00 44.87 11.78
N VAL B 1150 -7.11 43.71 11.12
CA VAL B 1150 -8.03 43.60 10.00
C VAL B 1150 -9.47 43.72 10.48
N GLU B 1151 -9.79 43.13 11.63
CA GLU B 1151 -11.13 43.23 12.19
C GLU B 1151 -11.48 44.68 12.53
N SER B 1152 -10.53 45.42 13.10
CA SER B 1152 -10.76 46.82 13.41
C SER B 1152 -10.95 47.64 12.14
N GLU B 1153 -10.19 47.30 11.08
CA GLU B 1153 -10.35 48.01 9.82
C GLU B 1153 -11.74 47.79 9.22
N ARG B 1154 -12.20 46.53 9.21
CA ARG B 1154 -13.56 46.27 8.72
C ARG B 1154 -14.65 46.84 9.62
N THR B 1155 -14.45 46.88 10.94
CA THR B 1155 -15.49 47.40 11.84
C THR B 1155 -15.46 48.92 11.92
N ALA B 1156 -14.66 49.58 11.08
CA ALA B 1156 -14.58 51.03 10.95
C ALA B 1156 -14.17 51.71 12.26
N GLN B 1157 -13.26 51.09 13.01
CA GLN B 1157 -12.73 51.73 14.21
C GLN B 1157 -11.57 52.65 13.83
N ARG B 1158 -11.43 53.73 14.59
CA ARG B 1158 -10.34 54.68 14.34
C ARG B 1158 -8.99 54.09 14.72
N ILE B 1159 -8.99 53.15 15.68
CA ILE B 1159 -7.77 52.70 16.32
C ILE B 1159 -6.89 51.96 15.33
N LEU B 1160 -5.58 52.20 15.41
CA LEU B 1160 -4.58 51.49 14.61
C LEU B 1160 -3.78 50.59 15.54
N ILE B 1161 -3.96 49.27 15.39
CA ILE B 1161 -3.30 48.30 16.25
C ILE B 1161 -2.14 47.70 15.48
N ASN B 1162 -0.91 47.90 15.97
CA ASN B 1162 0.29 47.40 15.31
C ASN B 1162 1.22 46.78 16.34
N GLN B 1163 2.24 46.10 15.83
CA GLN B 1163 3.21 45.35 16.63
C GLN B 1163 4.60 45.86 16.34
N VAL B 1164 5.39 46.05 17.41
CA VAL B 1164 6.79 46.44 17.31
C VAL B 1164 7.62 45.36 17.99
N ASP B 1165 8.63 44.88 17.29
CA ASP B 1165 9.30 43.63 17.64
C ASP B 1165 10.74 43.90 18.08
N LEU B 1166 11.11 43.42 19.26
CA LEU B 1166 12.44 43.60 19.82
C LEU B 1166 13.32 42.36 19.70
N THR B 1167 12.84 41.30 19.08
CA THR B 1167 13.54 40.02 19.04
C THR B 1167 14.02 39.73 17.62
N ARG B 1168 15.12 39.00 17.52
CA ARG B 1168 15.60 38.48 16.24
C ARG B 1168 15.79 36.97 16.33
N ARG B 1169 15.66 36.31 15.17
CA ARG B 1169 15.45 34.87 15.14
C ARG B 1169 16.71 34.11 15.57
N ALA B 1170 17.89 34.68 15.34
CA ALA B 1170 19.13 33.99 15.67
C ALA B 1170 20.05 34.94 16.44
N ARG B 1171 21.07 34.37 17.07
CA ARG B 1171 22.03 35.18 17.82
C ARG B 1171 22.81 36.12 16.91
N ALA B 1172 23.15 35.67 15.70
CA ALA B 1172 23.96 36.49 14.80
C ALA B 1172 23.26 37.76 14.37
N GLU B 1173 21.92 37.79 14.40
CA GLU B 1173 21.19 38.98 14.01
C GLU B 1173 21.21 40.08 15.07
N GLU B 1174 21.50 39.75 16.32
CA GLU B 1174 21.47 40.73 17.40
C GLU B 1174 22.79 41.51 17.48
N PRO B 1175 22.74 42.72 18.04
CA PRO B 1175 23.95 43.53 18.14
C PRO B 1175 24.98 42.92 19.10
N ARG B 1176 26.21 43.41 18.99
CA ARG B 1176 27.31 42.95 19.83
C ARG B 1176 28.00 44.05 20.62
N ASP B 1177 27.70 45.31 20.36
CA ASP B 1177 28.42 46.42 20.99
C ASP B 1177 27.43 47.46 21.46
N PRO B 1178 27.81 48.29 22.44
CA PRO B 1178 26.86 49.32 22.93
C PRO B 1178 26.39 50.30 21.87
N HIS B 1179 27.25 50.61 20.89
CA HIS B 1179 26.84 51.52 19.81
C HIS B 1179 25.62 50.97 19.07
N GLU B 1180 25.69 49.70 18.64
CA GLU B 1180 24.55 49.09 17.98
C GLU B 1180 23.39 48.92 18.96
N ARG B 1181 23.67 48.81 20.26
CA ARG B 1181 22.60 48.70 21.23
C ARG B 1181 21.78 49.98 21.31
N GLN B 1182 22.44 51.14 21.39
CA GLN B 1182 21.70 52.40 21.39
C GLN B 1182 21.09 52.67 20.03
N GLN B 1183 21.72 52.16 18.96
CA GLN B 1183 21.08 52.23 17.65
C GLN B 1183 19.77 51.45 17.64
N GLU B 1184 19.75 50.27 18.25
CA GLU B 1184 18.51 49.50 18.34
C GLU B 1184 17.50 50.21 19.23
N LEU B 1185 17.97 50.88 20.28
CA LEU B 1185 17.05 51.65 21.12
C LEU B 1185 16.37 52.76 20.33
N GLU B 1186 17.13 53.56 19.59
CA GLU B 1186 16.53 54.62 18.79
C GLU B 1186 15.70 54.06 17.65
N ARG B 1187 16.07 52.87 17.15
CA ARG B 1187 15.27 52.24 16.10
C ARG B 1187 13.92 51.78 16.64
N PHE B 1188 13.92 51.24 17.87
CA PHE B 1188 12.66 50.94 18.54
C PHE B 1188 11.84 52.20 18.72
N ILE B 1189 12.49 53.31 19.08
CA ILE B 1189 11.78 54.57 19.27
C ILE B 1189 11.13 55.01 17.95
N GLU B 1190 11.87 54.94 16.85
CA GLU B 1190 11.30 55.39 15.57
C GLU B 1190 10.22 54.44 15.09
N ALA B 1191 10.38 53.14 15.35
CA ALA B 1191 9.36 52.17 14.96
C ALA B 1191 8.06 52.41 15.71
N VAL B 1192 8.15 52.64 17.02
CA VAL B 1192 6.93 52.88 17.80
C VAL B 1192 6.35 54.24 17.45
N LEU B 1193 7.19 55.19 17.05
CA LEU B 1193 6.68 56.45 16.53
C LEU B 1193 5.90 56.22 15.24
N LEU B 1194 6.39 55.35 14.37
CA LEU B 1194 5.65 54.98 13.18
C LEU B 1194 4.30 54.36 13.52
N VAL B 1195 4.28 53.41 14.46
CA VAL B 1195 3.05 52.68 14.74
C VAL B 1195 2.15 53.38 15.75
N THR B 1196 2.56 54.53 16.29
CA THR B 1196 1.73 55.25 17.26
C THR B 1196 1.39 56.67 16.85
N ALA B 1197 2.00 57.20 15.80
CA ALA B 1197 1.67 58.54 15.36
C ALA B 1197 0.26 58.57 14.78
N PRO B 1198 -0.64 59.40 15.32
CA PRO B 1198 -2.02 59.41 14.82
C PRO B 1198 -2.12 59.99 13.42
N LEU B 1199 -2.91 59.33 12.60
CA LEU B 1199 -3.18 59.83 11.25
C LEU B 1199 -4.35 60.80 11.30
N PRO B 1200 -4.24 61.96 10.66
CA PRO B 1200 -5.35 62.92 10.66
C PRO B 1200 -6.59 62.31 10.04
N PRO B 1201 -7.78 62.66 10.55
CA PRO B 1201 -9.02 62.07 10.02
C PRO B 1201 -9.26 62.36 8.55
N GLU B 1202 -8.72 63.46 8.02
CA GLU B 1202 -8.91 63.76 6.61
C GLU B 1202 -8.11 62.80 5.72
N ALA B 1203 -6.96 62.35 6.21
CA ALA B 1203 -6.11 61.47 5.42
C ALA B 1203 -6.44 60.00 5.63
N ASP B 1204 -7.40 59.68 6.50
CA ASP B 1204 -7.76 58.29 6.78
C ASP B 1204 -8.64 57.72 5.66
N THR B 1205 -8.00 57.30 4.59
CA THR B 1205 -8.70 56.72 3.46
C THR B 1205 -8.82 55.20 3.63
N ARG B 1206 -9.43 54.57 2.61
CA ARG B 1206 -9.55 53.12 2.60
C ARG B 1206 -8.19 52.45 2.47
N TYR B 1207 -7.39 52.89 1.50
CA TYR B 1207 -6.12 52.24 1.20
C TYR B 1207 -5.10 52.48 2.31
N ALA B 1208 -4.98 53.73 2.76
CA ALA B 1208 -4.07 54.04 3.85
C ALA B 1208 -4.46 53.36 5.14
N GLY B 1209 -5.76 53.29 5.44
CA GLY B 1209 -6.20 52.55 6.61
C GLY B 1209 -5.94 51.07 6.50
N ARG B 1210 -6.05 50.53 5.28
CA ARG B 1210 -5.73 49.12 5.06
C ARG B 1210 -4.26 48.84 5.30
N ILE B 1211 -3.39 49.75 4.87
CA ILE B 1211 -1.95 49.54 5.06
C ILE B 1211 -1.59 49.61 6.55
N HIS B 1212 -2.15 50.58 7.26
CA HIS B 1212 -1.66 50.97 8.58
C HIS B 1212 -2.28 50.16 9.72
N ARG B 1213 -3.00 49.09 9.40
CA ARG B 1213 -3.55 48.21 10.43
C ARG B 1213 -3.08 46.79 10.21
N GLY B 1214 -2.77 46.10 11.30
CA GLY B 1214 -2.37 44.70 11.24
C GLY B 1214 -0.95 44.46 10.81
N ARG B 1215 -0.09 45.48 10.83
CA ARG B 1215 1.29 45.33 10.37
C ARG B 1215 2.23 45.19 11.56
N ALA B 1216 3.17 44.27 11.41
CA ALA B 1216 4.19 44.01 12.43
C ALA B 1216 5.57 44.15 11.78
N ILE B 1217 6.43 44.92 12.44
CA ILE B 1217 7.76 45.20 11.91
C ILE B 1217 8.80 44.82 12.96
N THR B 1218 10.00 44.51 12.48
CA THR B 1218 11.08 44.01 13.33
C THR B 1218 12.15 45.09 13.48
N VAL B 1219 12.55 45.36 14.71
CA VAL B 1219 13.63 46.30 14.98
C VAL B 1219 14.96 45.56 15.02
#